data_5GTK
#
_entry.id   5GTK
#
_cell.length_a   83.222
_cell.length_b   93.253
_cell.length_c   145.149
_cell.angle_alpha   90.00
_cell.angle_beta   97.86
_cell.angle_gamma   90.00
#
_symmetry.space_group_name_H-M   'P 1 21 1'
#
loop_
_entity.id
_entity.type
_entity.pdbx_description
1 polymer 'Betaine-aldehyde dehydrogenase'
2 non-polymer NICOTINAMIDE-ADENINE-DINUCLEOTIDE
3 non-polymer 'SODIUM ION'
4 water water
#
_entity_poly.entity_id   1
_entity_poly.type   'polypeptide(L)'
_entity_poly.pdbx_seq_one_letter_code
;MLKTNIELKPKVEAFLNEEIKMFINGEFVSAIGGKTFETYNPATEDVLAVVCEAQEEDIDAAVKAARSAFESGPWAEMTT
AERAHLIYKLADLIEEHREELAQLEALDNGKPYQVALDDDISATVENYRYYAGWTTKIIGQTIPISKDYLNYTRHEPVGV
VGQIIPWNFPLVMSSWKMGAALATGCTIVLKPAEQTPLSLLYAAKLFKEAGFPNGVVNFVPGFGPEAGAAIVNHHDIDKV
AFTGSTVTGKYIMRQSAEMIKHVTLELGGKSPNIILEDADLEEAINGAFQGIMYNHGQNCSAGSRVFVHRKHYETVVDAL
VKMANNVKLGAGMEKETEMGPLVSKKQQERVLNYIEQGKKEGATVAAGGERALEKGYFVKPTVFTDVTDDMTIVKEEIFG
PVVVVLPFDSTEEVIERANNSSYGLAAGVWTQNIKTGHQVANKLKAGTVWINDYNLENAAAPFGGYKQSGIGRELGSYAL
DNYTEVKSVWVNIK
;
_entity_poly.pdbx_strand_id   A,B,C,D
#
loop_
_chem_comp.id
_chem_comp.type
_chem_comp.name
_chem_comp.formula
NA non-polymer 'SODIUM ION' 'Na 1'
NAD non-polymer NICOTINAMIDE-ADENINE-DINUCLEOTIDE 'C21 H27 N7 O14 P2'
#
# COMPACT_ATOMS: atom_id res chain seq x y z
N THR A 4 25.61 46.88 1.18
CA THR A 4 26.50 45.72 1.25
C THR A 4 26.04 44.60 0.28
N ASN A 5 26.53 44.57 -0.95
CA ASN A 5 26.07 43.60 -1.93
C ASN A 5 26.63 42.20 -1.89
N ILE A 6 25.80 41.20 -2.14
CA ILE A 6 26.24 39.81 -2.22
C ILE A 6 26.91 39.80 -3.54
N GLU A 7 28.16 39.40 -3.58
CA GLU A 7 28.99 39.38 -4.76
C GLU A 7 28.66 38.29 -5.79
N LEU A 8 28.56 38.64 -7.04
CA LEU A 8 28.17 37.67 -8.07
C LEU A 8 29.17 36.54 -8.28
N LYS A 9 28.68 35.31 -8.37
CA LYS A 9 29.51 34.15 -8.63
C LYS A 9 30.01 34.21 -10.08
N PRO A 10 31.25 33.86 -10.31
CA PRO A 10 31.83 33.84 -11.63
C PRO A 10 31.00 33.11 -12.66
N LYS A 11 30.35 32.04 -12.25
CA LYS A 11 29.49 31.27 -13.11
C LYS A 11 28.17 31.87 -13.48
N VAL A 12 27.66 32.79 -12.68
CA VAL A 12 26.40 33.41 -13.02
C VAL A 12 26.73 34.54 -13.97
N GLU A 13 27.78 35.26 -13.67
CA GLU A 13 28.34 36.31 -14.54
C GLU A 13 28.51 35.81 -15.98
N ALA A 14 29.15 34.65 -16.16
CA ALA A 14 29.37 34.06 -17.49
C ALA A 14 28.10 33.71 -18.22
N PHE A 15 27.21 33.07 -17.48
CA PHE A 15 25.88 32.73 -17.92
C PHE A 15 25.15 33.95 -18.42
N LEU A 16 25.16 35.02 -17.62
CA LEU A 16 24.40 36.21 -17.96
C LEU A 16 25.00 37.05 -19.08
N ASN A 17 26.21 36.77 -19.46
CA ASN A 17 26.82 37.46 -20.55
C ASN A 17 26.44 37.05 -21.97
N GLU A 18 25.80 35.92 -22.13
CA GLU A 18 25.41 35.46 -23.40
C GLU A 18 23.93 35.40 -23.41
N GLU A 19 23.36 35.28 -24.57
CA GLU A 19 21.97 35.09 -24.77
C GLU A 19 21.67 33.82 -23.99
N ILE A 20 20.49 33.67 -23.42
CA ILE A 20 20.24 32.46 -22.69
C ILE A 20 19.50 31.57 -23.59
N LYS A 21 20.05 30.42 -23.91
CA LYS A 21 19.44 29.44 -24.76
C LYS A 21 18.48 28.45 -24.12
N MET A 22 17.66 27.86 -24.95
CA MET A 22 16.70 26.84 -24.64
C MET A 22 17.38 25.47 -24.58
N PHE A 23 16.68 24.48 -24.06
CA PHE A 23 17.18 23.11 -23.96
C PHE A 23 16.25 22.09 -24.61
N ILE A 24 16.57 21.71 -25.82
CA ILE A 24 15.80 20.74 -26.58
C ILE A 24 16.67 19.61 -27.12
N ASN A 25 16.28 18.38 -26.85
CA ASN A 25 16.98 17.19 -27.32
C ASN A 25 18.44 17.13 -26.97
N GLY A 26 18.74 17.48 -25.72
CA GLY A 26 20.03 17.54 -25.11
C GLY A 26 20.98 18.58 -25.60
N GLU A 27 20.51 19.52 -26.37
CA GLU A 27 21.35 20.51 -26.94
C GLU A 27 20.88 21.89 -26.60
N PHE A 28 21.80 22.81 -26.46
CA PHE A 28 21.50 24.20 -26.20
C PHE A 28 21.26 24.94 -27.51
N VAL A 29 20.06 25.43 -27.66
CA VAL A 29 19.62 26.05 -28.88
C VAL A 29 18.84 27.35 -28.81
N SER A 30 19.02 28.17 -29.81
CA SER A 30 18.27 29.38 -29.96
C SER A 30 16.91 28.98 -30.51
N ALA A 31 15.94 29.88 -30.51
CA ALA A 31 14.63 29.61 -31.10
C ALA A 31 14.82 29.55 -32.61
N ILE A 32 14.11 28.68 -33.30
CA ILE A 32 14.24 28.39 -34.75
C ILE A 32 14.07 29.68 -35.59
N GLY A 33 13.16 30.54 -35.16
CA GLY A 33 12.94 31.79 -35.83
C GLY A 33 13.81 32.92 -35.33
N GLY A 34 14.60 32.70 -34.28
CA GLY A 34 15.54 33.70 -33.71
C GLY A 34 14.98 34.77 -32.76
N LYS A 35 13.72 34.64 -32.33
CA LYS A 35 13.17 35.57 -31.36
C LYS A 35 13.77 35.44 -29.99
N THR A 36 13.79 36.56 -29.28
CA THR A 36 14.32 36.64 -27.92
C THR A 36 13.38 37.53 -27.12
N PHE A 37 13.42 37.39 -25.80
CA PHE A 37 12.69 38.25 -24.89
C PHE A 37 13.60 38.62 -23.73
N GLU A 38 13.26 39.66 -23.01
CA GLU A 38 13.99 40.11 -21.87
C GLU A 38 13.38 39.72 -20.53
N THR A 39 14.24 39.55 -19.56
CA THR A 39 13.84 39.23 -18.21
C THR A 39 14.53 40.23 -17.35
N TYR A 40 13.88 40.69 -16.31
CA TYR A 40 14.44 41.71 -15.44
C TYR A 40 14.73 41.35 -14.05
N ASN A 41 15.42 42.25 -13.41
CA ASN A 41 15.74 42.21 -12.03
C ASN A 41 14.67 43.10 -11.47
N PRO A 42 13.72 42.56 -10.72
CA PRO A 42 12.64 43.38 -10.19
C PRO A 42 13.04 44.32 -9.08
N ALA A 43 14.23 44.20 -8.50
CA ALA A 43 14.71 45.20 -7.55
C ALA A 43 15.17 46.51 -8.24
N THR A 44 15.74 46.41 -9.43
CA THR A 44 16.32 47.54 -10.10
C THR A 44 15.51 47.96 -11.31
N GLU A 45 14.85 47.01 -11.94
CA GLU A 45 14.03 47.21 -13.11
C GLU A 45 14.80 47.13 -14.38
N ASP A 46 16.08 46.88 -14.30
CA ASP A 46 16.97 46.77 -15.41
C ASP A 46 16.82 45.44 -16.10
N VAL A 47 17.32 45.31 -17.31
CA VAL A 47 17.26 44.05 -18.03
C VAL A 47 18.33 43.20 -17.43
N LEU A 48 17.98 41.99 -17.04
CA LEU A 48 18.93 41.04 -16.46
C LEU A 48 19.47 40.03 -17.47
N ALA A 49 18.68 39.67 -18.45
CA ALA A 49 19.11 38.76 -19.46
C ALA A 49 18.28 38.83 -20.69
N VAL A 50 18.79 38.33 -21.79
CA VAL A 50 18.02 38.24 -23.00
C VAL A 50 17.97 36.77 -23.27
N VAL A 51 16.77 36.31 -23.48
CA VAL A 51 16.46 34.91 -23.58
C VAL A 51 15.78 34.46 -24.85
N CYS A 52 16.22 33.34 -25.38
CA CYS A 52 15.67 32.72 -26.56
C CYS A 52 14.21 32.38 -26.29
N GLU A 53 13.41 32.84 -27.19
CA GLU A 53 12.00 32.72 -27.06
C GLU A 53 11.34 31.67 -27.91
N ALA A 54 10.76 30.71 -27.25
CA ALA A 54 10.04 29.61 -27.86
C ALA A 54 8.66 29.91 -28.46
N GLN A 55 8.50 29.57 -29.71
CA GLN A 55 7.24 29.68 -30.44
C GLN A 55 6.67 28.27 -30.58
N GLU A 56 5.45 28.17 -31.12
CA GLU A 56 4.81 26.89 -31.39
C GLU A 56 5.74 25.90 -32.07
N GLU A 57 6.40 26.31 -33.16
CA GLU A 57 7.36 25.45 -33.89
C GLU A 57 8.46 24.89 -32.98
N ASP A 58 8.88 25.66 -31.97
CA ASP A 58 9.88 25.19 -31.01
C ASP A 58 9.31 24.19 -30.03
N ILE A 59 8.08 24.45 -29.56
CA ILE A 59 7.37 23.49 -28.71
C ILE A 59 7.22 22.16 -29.44
N ASP A 60 6.87 22.23 -30.70
CA ASP A 60 6.80 21.09 -31.57
C ASP A 60 8.05 20.19 -31.66
N ALA A 61 9.19 20.84 -31.86
CA ALA A 61 10.47 20.17 -31.85
C ALA A 61 10.75 19.52 -30.47
N ALA A 62 10.35 20.19 -29.39
CA ALA A 62 10.51 19.65 -28.05
C ALA A 62 9.68 18.40 -27.85
N VAL A 63 8.47 18.39 -28.38
CA VAL A 63 7.59 17.22 -28.28
C VAL A 63 8.11 16.01 -29.06
N LYS A 64 8.55 16.20 -30.28
CA LYS A 64 9.13 15.14 -31.02
C LYS A 64 10.35 14.59 -30.36
N ALA A 65 11.10 15.42 -29.67
CA ALA A 65 12.29 15.05 -28.96
C ALA A 65 11.95 14.20 -27.72
N ALA A 66 10.96 14.66 -26.98
CA ALA A 66 10.37 13.95 -25.87
C ALA A 66 9.79 12.60 -26.29
N ARG A 67 9.11 12.58 -27.44
CA ARG A 67 8.44 11.35 -27.96
C ARG A 67 9.45 10.31 -28.30
N SER A 68 10.50 10.73 -29.00
CA SER A 68 11.52 9.79 -29.43
C SER A 68 12.31 9.24 -28.21
N ALA A 69 12.54 10.08 -27.19
CA ALA A 69 13.22 9.65 -25.98
C ALA A 69 12.37 8.72 -25.11
N PHE A 70 11.05 8.86 -25.20
CA PHE A 70 10.15 7.93 -24.51
C PHE A 70 9.92 6.59 -25.24
N GLU A 71 9.86 6.60 -26.56
CA GLU A 71 9.52 5.39 -27.33
C GLU A 71 10.75 4.51 -27.50
N SER A 72 11.93 5.07 -27.55
CA SER A 72 13.11 4.29 -27.74
C SER A 72 14.34 5.01 -27.33
N GLY A 73 15.38 4.26 -27.10
CA GLY A 73 16.62 4.80 -26.67
C GLY A 73 16.95 4.48 -25.25
N PRO A 74 18.08 5.12 -24.79
CA PRO A 74 18.47 4.80 -23.41
C PRO A 74 17.51 4.95 -22.26
N TRP A 75 16.68 5.97 -22.26
CA TRP A 75 15.72 6.21 -21.19
C TRP A 75 14.62 5.13 -21.20
N ALA A 76 14.28 4.68 -22.38
CA ALA A 76 13.32 3.65 -22.55
C ALA A 76 13.85 2.24 -22.20
N GLU A 77 15.15 2.05 -22.18
CA GLU A 77 15.75 0.78 -21.91
C GLU A 77 16.46 0.58 -20.59
N MET A 78 16.68 1.67 -19.91
CA MET A 78 17.33 1.75 -18.66
C MET A 78 16.58 1.04 -17.56
N THR A 79 17.30 0.48 -16.62
CA THR A 79 16.69 -0.14 -15.48
C THR A 79 16.25 0.99 -14.56
N THR A 80 15.38 0.70 -13.64
CA THR A 80 14.92 1.66 -12.66
C THR A 80 16.02 2.19 -11.75
N ALA A 81 16.96 1.37 -11.39
CA ALA A 81 18.10 1.76 -10.63
C ALA A 81 18.99 2.72 -11.42
N GLU A 82 19.04 2.58 -12.72
CA GLU A 82 19.82 3.44 -13.56
C GLU A 82 19.17 4.80 -13.66
N ARG A 83 17.87 4.82 -13.78
CA ARG A 83 17.11 6.05 -13.77
C ARG A 83 17.28 6.76 -12.44
N ALA A 84 17.15 6.02 -11.35
CA ALA A 84 17.25 6.59 -10.02
C ALA A 84 18.58 7.28 -9.81
N HIS A 85 19.64 6.64 -10.29
CA HIS A 85 20.99 7.12 -10.09
C HIS A 85 21.14 8.45 -10.79
N LEU A 86 20.51 8.56 -11.95
CA LEU A 86 20.51 9.78 -12.71
C LEU A 86 19.90 10.91 -11.94
N ILE A 87 18.78 10.64 -11.29
CA ILE A 87 18.01 11.66 -10.65
C ILE A 87 18.78 12.11 -9.40
N TYR A 88 19.38 11.16 -8.71
CA TYR A 88 20.21 11.43 -7.55
C TYR A 88 21.47 12.25 -7.93
N LYS A 89 22.14 11.91 -9.03
CA LYS A 89 23.32 12.69 -9.48
C LYS A 89 22.96 14.13 -9.80
N LEU A 90 21.77 14.31 -10.39
CA LEU A 90 21.18 15.60 -10.61
C LEU A 90 21.02 16.41 -9.33
N ALA A 91 20.50 15.77 -8.28
CA ALA A 91 20.37 16.44 -7.00
C ALA A 91 21.75 16.88 -6.45
N ASP A 92 22.76 16.04 -6.63
CA ASP A 92 24.08 16.40 -6.18
C ASP A 92 24.65 17.60 -6.93
N LEU A 93 24.41 17.66 -8.23
CA LEU A 93 24.89 18.74 -9.08
C LEU A 93 24.22 20.08 -8.69
N ILE A 94 22.90 20.03 -8.43
CA ILE A 94 22.16 21.18 -7.97
C ILE A 94 22.69 21.69 -6.62
N GLU A 95 22.95 20.79 -5.66
CA GLU A 95 23.58 21.14 -4.39
C GLU A 95 24.98 21.76 -4.61
N GLU A 96 25.76 21.19 -5.51
CA GLU A 96 27.06 21.78 -5.86
C GLU A 96 27.02 23.19 -6.44
N HIS A 97 25.98 23.51 -7.22
CA HIS A 97 25.78 24.85 -7.77
C HIS A 97 24.72 25.63 -6.96
N ARG A 98 24.52 25.24 -5.68
CA ARG A 98 23.54 25.90 -4.81
C ARG A 98 23.64 27.43 -4.76
N GLU A 99 24.84 27.98 -4.76
CA GLU A 99 25.04 29.46 -4.66
C GLU A 99 24.74 30.15 -5.99
N GLU A 100 25.16 29.48 -7.06
CA GLU A 100 24.86 29.94 -8.39
C GLU A 100 23.33 30.05 -8.52
N LEU A 101 22.63 28.96 -8.29
CA LEU A 101 21.19 28.90 -8.43
C LEU A 101 20.38 29.86 -7.60
N ALA A 102 20.82 30.07 -6.38
CA ALA A 102 20.24 30.97 -5.43
C ALA A 102 20.50 32.45 -5.79
N GLN A 103 21.62 32.78 -6.38
CA GLN A 103 21.89 34.11 -6.81
C GLN A 103 20.92 34.38 -7.93
N LEU A 104 20.73 33.43 -8.83
CA LEU A 104 19.80 33.56 -9.96
C LEU A 104 18.32 33.74 -9.54
N GLU A 105 17.84 33.13 -8.46
CA GLU A 105 16.48 33.30 -7.99
C GLU A 105 16.33 34.67 -7.39
N ALA A 106 17.33 35.08 -6.65
CA ALA A 106 17.37 36.37 -6.04
C ALA A 106 17.42 37.46 -7.07
N LEU A 107 18.07 37.26 -8.18
CA LEU A 107 18.16 38.20 -9.25
C LEU A 107 16.97 38.25 -10.17
N ASP A 108 16.51 37.09 -10.58
CA ASP A 108 15.42 36.98 -11.51
C ASP A 108 14.04 37.04 -10.86
N ASN A 109 13.87 36.39 -9.73
CA ASN A 109 12.62 36.39 -9.04
C ASN A 109 12.51 37.55 -8.05
N GLY A 110 13.58 37.86 -7.34
CA GLY A 110 13.58 38.98 -6.40
C GLY A 110 13.73 38.65 -4.92
N LYS A 111 13.53 37.39 -4.57
CA LYS A 111 13.52 37.01 -3.17
C LYS A 111 14.93 37.14 -2.60
N PRO A 112 15.05 37.26 -1.26
CA PRO A 112 16.37 37.35 -0.65
C PRO A 112 17.24 36.11 -0.88
N TYR A 113 18.49 36.37 -1.28
CA TYR A 113 19.49 35.36 -1.57
C TYR A 113 19.56 34.27 -0.50
N GLN A 114 19.61 34.62 0.75
CA GLN A 114 19.70 33.69 1.83
C GLN A 114 18.58 32.68 1.98
N VAL A 115 17.36 33.09 1.68
CA VAL A 115 16.24 32.21 1.76
C VAL A 115 16.11 31.40 0.50
N ALA A 116 16.64 31.88 -0.59
CA ALA A 116 16.62 31.15 -1.81
C ALA A 116 17.57 30.00 -1.60
N LEU A 117 18.68 30.26 -0.93
CA LEU A 117 19.66 29.22 -0.60
C LEU A 117 19.17 28.19 0.41
N ASP A 118 18.75 28.65 1.54
CA ASP A 118 18.31 27.79 2.59
C ASP A 118 17.05 27.07 2.36
N ASP A 119 16.15 27.68 1.64
CA ASP A 119 14.86 27.09 1.41
C ASP A 119 14.64 26.57 0.03
N ASP A 120 14.65 27.42 -0.96
CA ASP A 120 14.30 26.99 -2.30
C ASP A 120 15.25 25.95 -2.80
N ILE A 121 16.55 26.24 -2.75
CA ILE A 121 17.56 25.36 -3.29
C ILE A 121 17.61 24.04 -2.55
N SER A 122 17.69 24.08 -1.24
CA SER A 122 17.75 22.81 -0.52
C SER A 122 16.45 22.01 -0.68
N ALA A 123 15.30 22.66 -0.86
CA ALA A 123 14.03 21.90 -1.05
C ALA A 123 14.03 21.17 -2.40
N THR A 124 14.54 21.87 -3.43
CA THR A 124 14.75 21.31 -4.75
C THR A 124 15.61 20.05 -4.73
N VAL A 125 16.78 20.16 -4.10
CA VAL A 125 17.72 19.06 -3.92
C VAL A 125 17.03 17.88 -3.18
N GLU A 126 16.29 18.23 -2.13
CA GLU A 126 15.65 17.23 -1.29
C GLU A 126 14.56 16.55 -2.10
N ASN A 127 13.86 17.32 -2.92
CA ASN A 127 12.78 16.79 -3.75
C ASN A 127 13.26 15.77 -4.79
N TYR A 128 14.35 16.11 -5.46
CA TYR A 128 14.89 15.17 -6.42
C TYR A 128 15.43 13.94 -5.72
N ARG A 129 16.06 14.07 -4.55
CA ARG A 129 16.50 12.86 -3.83
C ARG A 129 15.38 11.99 -3.34
N TYR A 130 14.25 12.52 -2.98
CA TYR A 130 13.09 11.76 -2.60
C TYR A 130 12.49 10.94 -3.78
N TYR A 131 12.40 11.54 -4.93
CA TYR A 131 11.86 10.88 -6.08
C TYR A 131 12.80 9.93 -6.74
N ALA A 132 14.09 10.08 -6.57
CA ALA A 132 15.05 9.16 -7.10
C ALA A 132 14.76 7.87 -6.38
N GLY A 133 14.40 7.95 -5.12
CA GLY A 133 13.99 6.78 -4.34
C GLY A 133 12.68 6.10 -4.75
N TRP A 134 11.77 6.81 -5.42
CA TRP A 134 10.48 6.19 -5.83
C TRP A 134 10.60 5.32 -7.06
N THR A 135 11.55 5.59 -7.93
CA THR A 135 11.82 4.92 -9.19
C THR A 135 11.79 3.38 -9.16
N THR A 136 12.39 2.83 -8.14
CA THR A 136 12.48 1.43 -7.89
C THR A 136 11.32 0.92 -7.10
N LYS A 137 10.38 1.78 -6.82
CA LYS A 137 9.27 1.44 -6.00
C LYS A 137 7.89 1.75 -6.45
N ILE A 138 7.67 2.07 -7.69
CA ILE A 138 6.35 2.35 -8.21
C ILE A 138 5.67 1.03 -8.50
N ILE A 139 4.92 0.52 -7.55
CA ILE A 139 4.45 -0.86 -7.63
C ILE A 139 2.99 -0.94 -7.99
N GLY A 140 2.67 -1.96 -8.76
CA GLY A 140 1.35 -2.31 -9.16
C GLY A 140 0.87 -3.44 -8.27
N GLN A 141 -0.29 -3.97 -8.57
CA GLN A 141 -0.90 -5.02 -7.79
C GLN A 141 -0.98 -6.38 -8.38
N THR A 142 -1.11 -7.38 -7.56
CA THR A 142 -1.40 -8.72 -7.97
C THR A 142 -2.70 -8.98 -7.25
N ILE A 143 -3.76 -9.11 -8.01
CA ILE A 143 -5.06 -9.26 -7.45
C ILE A 143 -5.60 -10.67 -7.39
N PRO A 144 -5.92 -11.17 -6.20
CA PRO A 144 -6.42 -12.54 -6.16
C PRO A 144 -7.90 -12.61 -6.46
N ILE A 145 -8.28 -13.08 -7.61
CA ILE A 145 -9.68 -13.10 -7.96
C ILE A 145 -10.19 -14.51 -8.10
N SER A 146 -9.44 -15.31 -8.85
CA SER A 146 -9.86 -16.64 -9.24
C SER A 146 -8.66 -17.46 -9.57
N LYS A 147 -8.72 -18.75 -9.30
CA LYS A 147 -7.60 -19.65 -9.58
C LYS A 147 -7.33 -19.85 -11.08
N ASP A 148 -8.22 -19.39 -11.94
CA ASP A 148 -8.07 -19.47 -13.39
C ASP A 148 -7.29 -18.34 -14.06
N TYR A 149 -7.07 -17.25 -13.34
CA TYR A 149 -6.35 -16.14 -13.86
C TYR A 149 -5.28 -15.70 -12.98
N LEU A 150 -4.41 -14.96 -13.60
CA LEU A 150 -3.35 -14.25 -12.98
C LEU A 150 -3.75 -12.85 -13.34
N ASN A 151 -4.09 -12.07 -12.35
CA ASN A 151 -4.52 -10.69 -12.53
C ASN A 151 -3.46 -9.81 -11.95
N TYR A 152 -2.93 -8.85 -12.72
CA TYR A 152 -1.95 -7.92 -12.23
C TYR A 152 -2.06 -6.55 -12.90
N THR A 153 -1.64 -5.49 -12.21
CA THR A 153 -1.61 -4.15 -12.76
C THR A 153 -0.18 -3.65 -12.92
N ARG A 154 0.00 -2.83 -13.94
CA ARG A 154 1.23 -2.13 -14.21
C ARG A 154 0.92 -0.66 -14.11
N HIS A 155 1.79 0.09 -13.47
CA HIS A 155 1.67 1.54 -13.40
C HIS A 155 2.69 2.05 -14.42
N GLU A 156 2.23 2.20 -15.67
CA GLU A 156 3.09 2.66 -16.78
C GLU A 156 3.19 4.17 -16.80
N PRO A 157 4.35 4.70 -17.17
CA PRO A 157 4.36 6.15 -17.37
C PRO A 157 3.37 6.54 -18.47
N VAL A 158 2.71 7.68 -18.30
CA VAL A 158 1.71 8.11 -19.28
C VAL A 158 2.31 8.57 -20.60
N GLY A 159 3.55 9.05 -20.60
CA GLY A 159 4.25 9.38 -21.85
C GLY A 159 4.91 10.73 -21.80
N VAL A 160 4.61 11.58 -22.80
CA VAL A 160 5.22 12.92 -22.87
C VAL A 160 4.33 13.86 -22.11
N VAL A 161 4.90 14.56 -21.12
CA VAL A 161 4.05 15.41 -20.31
C VAL A 161 4.34 16.89 -20.51
N GLY A 162 3.26 17.65 -20.63
CA GLY A 162 3.32 19.11 -20.71
C GLY A 162 3.20 19.77 -19.33
N GLN A 163 4.22 20.55 -18.97
CA GLN A 163 4.35 21.14 -17.63
C GLN A 163 4.54 22.65 -17.69
N ILE A 164 3.62 23.38 -17.08
CA ILE A 164 3.74 24.84 -17.09
C ILE A 164 3.77 25.33 -15.66
N ILE A 165 4.78 26.12 -15.34
CA ILE A 165 4.96 26.63 -13.98
C ILE A 165 5.02 28.17 -13.92
N PRO A 166 4.69 28.73 -12.74
CA PRO A 166 4.70 30.14 -12.54
C PRO A 166 6.06 30.60 -12.00
N TRP A 167 6.08 31.82 -11.48
CA TRP A 167 7.30 32.59 -11.21
C TRP A 167 7.70 32.76 -9.76
N ASN A 168 6.83 32.40 -8.83
CA ASN A 168 7.07 32.72 -7.44
C ASN A 168 8.07 31.83 -6.66
N PHE A 169 8.21 30.56 -7.06
CA PHE A 169 9.27 29.68 -6.49
C PHE A 169 9.87 28.94 -7.68
N PRO A 170 10.70 29.63 -8.48
CA PRO A 170 10.83 29.05 -9.86
C PRO A 170 11.49 27.68 -9.96
N LEU A 171 12.50 27.42 -9.17
CA LEU A 171 13.22 26.13 -9.27
C LEU A 171 12.54 24.99 -8.49
N VAL A 172 12.05 25.32 -7.31
CA VAL A 172 11.36 24.37 -6.48
C VAL A 172 10.16 23.82 -7.28
N MET A 173 9.38 24.70 -7.88
CA MET A 173 8.23 24.28 -8.67
C MET A 173 8.57 23.44 -9.88
N SER A 174 9.69 23.72 -10.52
CA SER A 174 10.21 22.83 -11.54
C SER A 174 10.48 21.42 -10.95
N SER A 175 10.93 21.31 -9.69
CA SER A 175 11.18 19.98 -9.10
C SER A 175 9.91 19.23 -8.74
N TRP A 176 8.92 19.96 -8.24
CA TRP A 176 7.59 19.40 -7.97
C TRP A 176 6.97 18.70 -9.24
N LYS A 177 7.12 19.37 -10.39
CA LYS A 177 6.66 18.83 -11.65
C LYS A 177 7.50 17.63 -12.14
N MET A 178 8.81 17.83 -12.20
CA MET A 178 9.72 16.86 -12.85
C MET A 178 10.14 15.67 -11.99
N GLY A 179 10.32 15.87 -10.69
CA GLY A 179 10.65 14.79 -9.80
C GLY A 179 9.74 13.58 -9.99
N ALA A 180 8.46 13.82 -9.84
CA ALA A 180 7.51 12.74 -9.82
C ALA A 180 7.35 12.17 -11.23
N ALA A 181 7.35 13.03 -12.22
CA ALA A 181 7.15 12.58 -13.59
C ALA A 181 8.34 11.75 -14.07
N LEU A 182 9.57 12.26 -13.86
CA LEU A 182 10.77 11.51 -14.22
C LEU A 182 10.88 10.20 -13.47
N ALA A 183 10.53 10.25 -12.19
CA ALA A 183 10.48 9.04 -11.41
C ALA A 183 9.64 7.95 -12.08
N THR A 184 8.51 8.31 -12.67
CA THR A 184 7.64 7.34 -13.32
C THR A 184 8.13 6.83 -14.66
N GLY A 185 9.09 7.52 -15.26
CA GLY A 185 9.62 7.13 -16.57
C GLY A 185 9.08 7.97 -17.69
N CYS A 186 8.42 9.07 -17.36
CA CYS A 186 7.88 9.97 -18.38
C CYS A 186 9.03 10.79 -18.97
N THR A 187 8.73 11.52 -20.03
CA THR A 187 9.63 12.52 -20.61
C THR A 187 8.87 13.86 -20.66
N ILE A 188 9.57 14.98 -20.74
CA ILE A 188 9.04 16.29 -20.31
C ILE A 188 9.35 17.44 -21.24
N VAL A 189 8.31 18.23 -21.48
CA VAL A 189 8.39 19.55 -22.10
C VAL A 189 7.81 20.52 -21.07
N LEU A 190 8.65 21.45 -20.62
CA LEU A 190 8.39 22.28 -19.45
C LEU A 190 8.64 23.72 -19.78
N LYS A 191 7.65 24.57 -19.52
CA LYS A 191 7.74 25.99 -19.77
C LYS A 191 7.86 26.69 -18.45
N PRO A 192 9.03 27.28 -18.18
CA PRO A 192 9.10 28.16 -17.04
C PRO A 192 8.40 29.53 -17.32
N ALA A 193 8.17 30.29 -16.24
CA ALA A 193 7.46 31.56 -16.30
C ALA A 193 8.33 32.58 -17.01
N GLU A 194 7.74 33.36 -17.90
CA GLU A 194 8.47 34.43 -18.61
C GLU A 194 9.18 35.43 -17.67
N GLN A 195 8.73 35.59 -16.42
CA GLN A 195 9.40 36.45 -15.47
C GLN A 195 10.72 35.85 -14.87
N THR A 196 10.88 34.53 -14.88
CA THR A 196 11.88 33.83 -14.10
C THR A 196 12.38 32.53 -14.77
N PRO A 197 12.84 32.63 -16.03
CA PRO A 197 13.36 31.48 -16.75
C PRO A 197 14.79 31.06 -16.40
N LEU A 198 15.53 31.88 -15.67
CA LEU A 198 17.00 31.74 -15.66
C LEU A 198 17.47 30.56 -14.87
N SER A 199 16.97 30.50 -13.66
CA SER A 199 17.17 29.42 -12.71
C SER A 199 17.04 28.03 -13.36
N LEU A 200 15.97 27.82 -14.10
CA LEU A 200 15.76 26.57 -14.78
C LEU A 200 16.73 26.38 -15.90
N LEU A 201 16.91 27.37 -16.75
CA LEU A 201 17.85 27.24 -17.92
C LEU A 201 19.32 27.12 -17.53
N TYR A 202 19.69 27.59 -16.34
CA TYR A 202 20.98 27.25 -15.77
C TYR A 202 21.01 25.77 -15.35
N ALA A 203 19.96 25.32 -14.71
CA ALA A 203 19.91 23.95 -14.27
C ALA A 203 20.00 22.96 -15.41
N ALA A 204 19.64 23.38 -16.62
CA ALA A 204 19.85 22.55 -17.78
C ALA A 204 21.26 21.98 -17.93
N LYS A 205 22.30 22.78 -17.60
CA LYS A 205 23.71 22.31 -17.53
C LYS A 205 23.80 20.96 -16.80
N LEU A 206 23.09 20.92 -15.68
CA LEU A 206 23.24 19.92 -14.68
C LEU A 206 22.50 18.66 -15.05
N PHE A 207 21.36 18.79 -15.72
CA PHE A 207 20.75 17.64 -16.36
C PHE A 207 21.65 17.04 -17.43
N LYS A 208 22.36 17.88 -18.15
CA LYS A 208 23.32 17.35 -19.12
C LYS A 208 24.49 16.68 -18.39
N GLU A 209 25.14 17.40 -17.48
CA GLU A 209 26.26 16.83 -16.74
C GLU A 209 25.87 15.55 -15.99
N ALA A 210 24.65 15.42 -15.47
CA ALA A 210 24.25 14.16 -14.84
C ALA A 210 24.08 12.98 -15.83
N GLY A 211 23.94 13.28 -17.12
CA GLY A 211 23.92 12.26 -18.15
C GLY A 211 22.53 11.83 -18.56
N PHE A 212 21.59 12.77 -18.50
CA PHE A 212 20.23 12.49 -18.96
C PHE A 212 20.30 12.22 -20.46
N PRO A 213 19.58 11.22 -20.95
CA PRO A 213 19.56 11.11 -22.38
C PRO A 213 18.85 12.28 -23.05
N ASN A 214 19.25 12.48 -24.31
CA ASN A 214 18.71 13.56 -25.11
C ASN A 214 17.22 13.37 -25.21
N GLY A 215 16.49 14.46 -25.00
CA GLY A 215 15.06 14.47 -25.15
C GLY A 215 14.20 14.17 -23.91
N VAL A 216 14.80 13.65 -22.85
CA VAL A 216 14.03 13.26 -21.67
C VAL A 216 13.38 14.49 -21.06
N VAL A 217 14.11 15.58 -21.09
CA VAL A 217 13.80 16.84 -20.45
C VAL A 217 14.07 17.98 -21.46
N ASN A 218 13.08 18.85 -21.67
CA ASN A 218 13.20 19.94 -22.62
C ASN A 218 12.60 21.19 -22.03
N PHE A 219 13.36 22.29 -22.06
CA PHE A 219 12.94 23.55 -21.44
C PHE A 219 12.77 24.56 -22.55
N VAL A 220 11.56 25.15 -22.62
CA VAL A 220 11.13 26.01 -23.71
C VAL A 220 10.58 27.28 -23.05
N PRO A 221 11.44 28.26 -22.76
CA PRO A 221 10.93 29.47 -22.14
C PRO A 221 10.19 30.33 -23.13
N GLY A 222 9.28 31.12 -22.60
CA GLY A 222 8.57 32.11 -23.37
C GLY A 222 7.23 32.48 -22.79
N PHE A 223 6.32 32.89 -23.66
CA PHE A 223 5.08 33.56 -23.25
C PHE A 223 3.89 32.61 -23.19
N GLY A 224 2.97 32.86 -22.27
CA GLY A 224 1.79 32.04 -22.04
C GLY A 224 0.97 31.83 -23.31
N PRO A 225 0.56 32.94 -23.98
CA PRO A 225 -0.33 32.78 -25.16
C PRO A 225 0.27 32.12 -26.39
N GLU A 226 1.60 31.98 -26.42
CA GLU A 226 2.33 31.30 -27.49
C GLU A 226 2.92 29.91 -27.07
N ALA A 227 3.94 29.89 -26.22
CA ALA A 227 4.66 28.66 -25.79
C ALA A 227 3.78 27.77 -24.92
N GLY A 228 3.15 28.38 -23.92
CA GLY A 228 2.23 27.68 -23.05
C GLY A 228 1.04 27.13 -23.79
N ALA A 229 0.38 27.96 -24.59
CA ALA A 229 -0.80 27.52 -25.36
C ALA A 229 -0.46 26.39 -26.33
N ALA A 230 0.72 26.47 -26.94
CA ALA A 230 1.22 25.40 -27.81
C ALA A 230 1.47 24.10 -27.03
N ILE A 231 1.84 24.19 -25.76
CA ILE A 231 1.87 22.98 -24.94
C ILE A 231 0.45 22.42 -24.69
N VAL A 232 -0.46 23.31 -24.27
CA VAL A 232 -1.83 22.96 -23.89
C VAL A 232 -2.58 22.24 -25.02
N ASN A 233 -2.28 22.62 -26.27
CA ASN A 233 -3.01 22.21 -27.46
C ASN A 233 -2.32 21.17 -28.34
N HIS A 234 -1.17 20.66 -27.92
CA HIS A 234 -0.43 19.77 -28.79
C HIS A 234 -1.05 18.36 -28.71
N HIS A 235 -1.44 17.81 -29.87
CA HIS A 235 -2.08 16.47 -30.02
C HIS A 235 -1.25 15.32 -29.41
N ASP A 236 0.06 15.42 -29.53
CA ASP A 236 1.02 14.42 -29.03
C ASP A 236 1.59 14.58 -27.59
N ILE A 237 1.00 15.45 -26.77
CA ILE A 237 1.32 15.50 -25.36
C ILE A 237 0.22 14.69 -24.65
N ASP A 238 0.64 13.70 -23.86
CA ASP A 238 -0.27 12.73 -23.28
C ASP A 238 -0.99 13.23 -22.01
N LYS A 239 -0.42 14.22 -21.32
CA LYS A 239 -0.89 14.65 -20.02
C LYS A 239 -0.33 16.03 -19.72
N VAL A 240 -1.09 16.83 -19.00
CA VAL A 240 -0.71 18.21 -18.75
C VAL A 240 -0.81 18.53 -17.27
N ALA A 241 0.22 19.22 -16.77
CA ALA A 241 0.25 19.64 -15.39
C ALA A 241 0.54 21.15 -15.32
N PHE A 242 -0.26 21.85 -14.52
CA PHE A 242 -0.23 23.30 -14.43
C PHE A 242 -0.32 23.80 -13.00
N THR A 243 0.46 24.84 -12.75
CA THR A 243 0.31 25.59 -11.55
C THR A 243 0.38 27.09 -11.87
N GLY A 244 -0.68 27.81 -11.55
CA GLY A 244 -0.77 29.26 -11.83
C GLY A 244 -2.11 29.85 -11.43
N SER A 245 -2.58 30.83 -12.18
CA SER A 245 -3.83 31.55 -11.87
C SER A 245 -5.07 30.70 -12.21
N THR A 246 -6.15 30.95 -11.48
CA THR A 246 -7.42 30.23 -11.68
C THR A 246 -8.01 30.42 -13.10
N VAL A 247 -7.79 31.59 -13.70
CA VAL A 247 -8.27 31.91 -15.05
C VAL A 247 -7.58 31.03 -16.11
N THR A 248 -6.26 30.98 -16.04
CA THR A 248 -5.46 30.20 -16.97
C THR A 248 -5.70 28.69 -16.76
N GLY A 249 -5.88 28.29 -15.51
CA GLY A 249 -6.21 26.91 -15.19
C GLY A 249 -7.50 26.43 -15.86
N LYS A 250 -8.48 27.30 -15.96
CA LYS A 250 -9.75 26.93 -16.59
C LYS A 250 -9.57 26.79 -18.13
N TYR A 251 -8.86 27.74 -18.70
CA TYR A 251 -8.51 27.64 -20.13
C TYR A 251 -7.87 26.28 -20.45
N ILE A 252 -6.91 25.86 -19.62
CA ILE A 252 -6.16 24.60 -19.77
C ILE A 252 -7.06 23.36 -19.69
N MET A 253 -7.89 23.34 -18.64
CA MET A 253 -8.81 22.24 -18.40
C MET A 253 -9.82 22.16 -19.55
N ARG A 254 -10.27 23.31 -20.01
CA ARG A 254 -11.23 23.41 -21.11
C ARG A 254 -10.65 22.94 -22.47
N GLN A 255 -9.40 23.30 -22.75
CA GLN A 255 -8.67 22.87 -23.94
C GLN A 255 -8.29 21.40 -23.92
N SER A 256 -7.98 20.89 -22.73
CA SER A 256 -7.64 19.49 -22.53
C SER A 256 -8.86 18.61 -22.74
N ALA A 257 -10.05 19.14 -22.51
CA ALA A 257 -11.28 18.40 -22.79
C ALA A 257 -11.27 17.85 -24.23
N GLU A 258 -10.81 18.66 -25.18
CA GLU A 258 -10.85 18.27 -26.59
C GLU A 258 -10.01 17.04 -26.92
N MET A 259 -8.99 16.71 -26.10
CA MET A 259 -8.15 15.52 -26.29
C MET A 259 -8.28 14.45 -25.17
N ILE A 260 -9.29 14.59 -24.31
CA ILE A 260 -9.54 13.71 -23.15
C ILE A 260 -8.25 13.42 -22.36
N LYS A 261 -7.62 14.52 -21.99
CA LYS A 261 -6.32 14.53 -21.36
C LYS A 261 -6.47 14.75 -19.86
N HIS A 262 -5.89 13.83 -19.08
CA HIS A 262 -5.74 14.01 -17.64
C HIS A 262 -5.07 15.38 -17.35
N VAL A 263 -5.65 16.10 -16.38
CA VAL A 263 -5.14 17.40 -15.92
C VAL A 263 -4.93 17.48 -14.38
N THR A 264 -3.78 18.02 -14.00
CA THR A 264 -3.44 18.33 -12.59
C THR A 264 -3.25 19.84 -12.46
N LEU A 265 -3.98 20.44 -11.53
CA LEU A 265 -3.98 21.89 -11.36
C LEU A 265 -3.68 22.27 -9.95
N GLU A 266 -2.77 23.23 -9.80
CA GLU A 266 -2.51 23.86 -8.52
C GLU A 266 -2.73 25.33 -8.71
N LEU A 267 -3.76 25.86 -8.05
CA LEU A 267 -4.21 27.23 -8.29
C LEU A 267 -4.07 28.03 -7.01
N GLY A 268 -4.73 29.19 -6.91
CA GLY A 268 -4.59 30.05 -5.74
C GLY A 268 -5.36 29.61 -4.52
N GLY A 269 -5.40 30.50 -3.52
CA GLY A 269 -5.92 30.20 -2.21
C GLY A 269 -6.30 31.47 -1.47
N LYS A 270 -7.06 31.30 -0.38
CA LYS A 270 -7.36 32.37 0.59
C LYS A 270 -7.34 31.70 1.98
N SER A 271 -6.17 31.21 2.31
CA SER A 271 -6.05 30.19 3.32
C SER A 271 -6.23 30.90 4.66
N PRO A 272 -7.11 30.37 5.52
CA PRO A 272 -7.28 30.96 6.84
C PRO A 272 -6.20 30.48 7.82
N ASN A 273 -5.74 31.39 8.68
CA ASN A 273 -4.81 31.07 9.77
C ASN A 273 -5.55 31.43 11.07
N ILE A 274 -5.87 30.43 11.87
CA ILE A 274 -6.86 30.54 12.95
C ILE A 274 -6.22 30.45 14.33
N ILE A 275 -6.30 31.54 15.09
CA ILE A 275 -5.79 31.61 16.42
C ILE A 275 -6.98 31.54 17.40
N LEU A 276 -7.19 30.33 17.95
CA LEU A 276 -8.22 30.11 18.96
C LEU A 276 -7.76 30.59 20.32
N GLU A 277 -8.65 30.51 21.30
CA GLU A 277 -8.42 31.16 22.56
C GLU A 277 -7.27 30.57 23.35
N ASP A 278 -7.05 29.28 23.19
CA ASP A 278 -6.01 28.57 23.94
C ASP A 278 -4.74 28.33 23.11
N ALA A 279 -4.56 29.13 22.07
CA ALA A 279 -3.29 29.17 21.36
C ALA A 279 -2.22 29.61 22.32
N ASP A 280 -1.03 29.10 22.10
CA ASP A 280 0.20 29.69 22.60
C ASP A 280 0.44 30.91 21.72
N LEU A 281 0.19 32.08 22.28
CA LEU A 281 0.07 33.30 21.50
C LEU A 281 1.40 33.76 20.87
N GLU A 282 2.50 33.64 21.59
CA GLU A 282 3.76 34.14 21.08
C GLU A 282 4.08 33.40 19.79
N GLU A 283 3.92 32.08 19.84
CA GLU A 283 4.10 31.26 18.64
C GLU A 283 3.13 31.61 17.49
N ALA A 284 1.84 31.70 17.80
CA ALA A 284 0.81 31.94 16.80
C ALA A 284 0.96 33.29 16.12
N ILE A 285 1.32 34.32 16.87
CA ILE A 285 1.65 35.63 16.27
C ILE A 285 2.75 35.53 15.23
N ASN A 286 3.78 34.72 15.47
CA ASN A 286 4.87 34.55 14.49
C ASN A 286 4.45 33.71 13.32
N GLY A 287 3.66 32.68 13.59
CA GLY A 287 3.03 31.90 12.53
C GLY A 287 2.18 32.76 11.61
N ALA A 288 1.38 33.63 12.23
CA ALA A 288 0.49 34.55 11.51
C ALA A 288 1.28 35.52 10.64
N PHE A 289 2.24 36.23 11.23
CA PHE A 289 3.11 37.14 10.49
C PHE A 289 3.88 36.40 9.38
N GLN A 290 4.56 35.33 9.73
CA GLN A 290 5.35 34.53 8.78
C GLN A 290 4.48 33.84 7.71
N GLY A 291 3.25 33.51 8.07
CA GLY A 291 2.32 32.83 7.12
C GLY A 291 1.87 33.68 5.93
N ILE A 292 1.80 34.99 6.14
CA ILE A 292 1.44 35.90 5.08
C ILE A 292 2.67 36.56 4.46
N MET A 293 3.62 37.01 5.28
CA MET A 293 4.82 37.72 4.79
C MET A 293 5.90 36.88 4.13
N TYR A 294 5.98 35.58 4.39
CA TYR A 294 6.95 34.70 3.65
C TYR A 294 6.81 34.83 2.13
N ASN A 295 7.96 35.00 1.48
CA ASN A 295 8.08 35.21 0.05
C ASN A 295 7.23 36.33 -0.47
N HIS A 296 7.07 37.38 0.33
CA HIS A 296 6.44 38.66 -0.06
C HIS A 296 4.94 38.48 -0.29
N GLY A 297 4.37 37.46 0.36
CA GLY A 297 3.01 37.03 0.12
C GLY A 297 2.72 36.43 -1.23
N GLN A 298 3.77 36.28 -2.06
CA GLN A 298 3.68 35.64 -3.40
C GLN A 298 3.80 34.14 -3.19
N ASN A 299 2.76 33.60 -2.59
CA ASN A 299 2.76 32.27 -2.02
C ASN A 299 1.32 31.87 -1.92
N CYS A 300 0.97 30.78 -2.57
CA CYS A 300 -0.43 30.41 -2.70
C CYS A 300 -1.07 29.89 -1.45
N SER A 301 -0.28 29.38 -0.53
CA SER A 301 -0.80 28.79 0.70
C SER A 301 -0.89 29.84 1.82
N ALA A 302 -0.58 31.09 1.47
CA ALA A 302 -0.34 32.12 2.43
C ALA A 302 -1.56 32.33 3.26
N GLY A 303 -1.32 32.54 4.54
CA GLY A 303 -2.39 32.86 5.47
C GLY A 303 -2.78 34.29 5.31
N SER A 304 -3.46 34.59 4.21
CA SER A 304 -3.96 35.89 3.89
C SER A 304 -5.14 36.30 4.80
N ARG A 305 -5.90 35.35 5.34
CA ARG A 305 -6.88 35.67 6.38
C ARG A 305 -6.43 35.20 7.76
N VAL A 306 -6.17 36.14 8.68
CA VAL A 306 -5.80 35.81 10.05
C VAL A 306 -7.03 35.97 10.93
N PHE A 307 -7.59 34.84 11.33
CA PHE A 307 -8.75 34.80 12.21
C PHE A 307 -8.24 34.75 13.62
N VAL A 308 -8.71 35.66 14.46
CA VAL A 308 -8.28 35.74 15.85
C VAL A 308 -9.47 35.76 16.77
N HIS A 309 -9.47 34.86 17.73
CA HIS A 309 -10.45 34.89 18.80
C HIS A 309 -10.36 36.26 19.47
N ARG A 310 -11.53 36.76 19.86
CA ARG A 310 -11.71 38.15 20.25
C ARG A 310 -10.89 38.60 21.46
N LYS A 311 -10.77 37.73 22.46
CA LYS A 311 -9.85 37.99 23.54
C LYS A 311 -8.48 38.48 23.05
N HIS A 312 -7.96 37.88 21.97
CA HIS A 312 -6.59 38.17 21.49
C HIS A 312 -6.48 39.15 20.27
N TYR A 313 -7.60 39.59 19.69
CA TYR A 313 -7.61 40.43 18.48
C TYR A 313 -6.75 41.69 18.56
N GLU A 314 -6.93 42.49 19.60
CA GLU A 314 -6.16 43.73 19.75
C GLU A 314 -4.67 43.46 19.87
N THR A 315 -4.33 42.44 20.66
CA THR A 315 -2.95 42.02 20.83
C THR A 315 -2.33 41.60 19.51
N VAL A 316 -2.98 40.73 18.72
CA VAL A 316 -2.28 40.24 17.50
C VAL A 316 -2.21 41.34 16.46
N VAL A 317 -3.23 42.18 16.39
CA VAL A 317 -3.15 43.35 15.48
C VAL A 317 -1.94 44.24 15.82
N ASP A 318 -1.76 44.57 17.10
CA ASP A 318 -0.64 45.44 17.47
C ASP A 318 0.68 44.80 17.08
N ALA A 319 0.80 43.49 17.25
CA ALA A 319 2.07 42.78 17.01
C ALA A 319 2.32 42.71 15.51
N LEU A 320 1.24 42.50 14.77
CA LEU A 320 1.30 42.42 13.32
C LEU A 320 1.65 43.74 12.66
N VAL A 321 1.16 44.84 13.21
CA VAL A 321 1.53 46.18 12.77
C VAL A 321 3.01 46.56 13.04
N LYS A 322 3.45 46.37 14.28
CA LYS A 322 4.84 46.60 14.71
C LYS A 322 5.85 45.80 13.85
N MET A 323 5.49 44.57 13.50
CA MET A 323 6.32 43.63 12.77
C MET A 323 6.41 44.02 11.30
N ALA A 324 5.25 44.32 10.70
CA ALA A 324 5.15 44.80 9.33
C ALA A 324 5.99 46.04 9.12
N ASN A 325 5.84 46.98 10.05
CA ASN A 325 6.57 48.24 9.95
C ASN A 325 8.05 48.07 10.13
N ASN A 326 8.46 46.94 10.70
CA ASN A 326 9.85 46.68 10.95
C ASN A 326 10.59 45.90 9.91
N VAL A 327 9.89 45.32 8.93
CA VAL A 327 10.60 44.47 7.94
C VAL A 327 11.47 45.36 7.04
N LYS A 328 12.67 44.88 6.78
CA LYS A 328 13.64 45.61 6.01
C LYS A 328 13.54 45.20 4.53
N LEU A 329 12.94 46.09 3.74
CA LEU A 329 12.74 45.95 2.32
C LEU A 329 13.98 46.30 1.56
N GLY A 330 14.34 45.51 0.56
CA GLY A 330 15.40 45.90 -0.36
C GLY A 330 15.66 44.84 -1.39
N ALA A 331 16.82 44.94 -2.04
CA ALA A 331 17.24 44.05 -3.12
C ALA A 331 17.63 42.68 -2.54
N GLY A 332 17.23 41.59 -3.18
CA GLY A 332 17.55 40.22 -2.71
C GLY A 332 19.03 39.86 -2.69
N MET A 333 19.82 40.56 -3.49
CA MET A 333 21.25 40.40 -3.53
C MET A 333 21.95 41.28 -2.51
N GLU A 334 21.20 42.01 -1.74
CA GLU A 334 21.73 42.83 -0.70
C GLU A 334 21.57 42.05 0.59
N LYS A 335 22.57 42.08 1.43
CA LYS A 335 22.59 41.31 2.67
C LYS A 335 21.57 41.56 3.78
N GLU A 336 21.27 42.81 4.08
CA GLU A 336 20.31 43.16 5.08
C GLU A 336 18.84 42.95 4.78
N THR A 337 18.52 42.66 3.53
CA THR A 337 17.15 42.46 3.01
C THR A 337 16.38 41.28 3.67
N GLU A 338 15.17 41.54 4.16
CA GLU A 338 14.24 40.53 4.70
C GLU A 338 13.12 40.27 3.69
N MET A 339 12.65 41.31 3.06
CA MET A 339 11.62 41.23 2.09
C MET A 339 12.02 41.96 0.89
N GLY A 340 11.83 41.32 -0.23
CA GLY A 340 12.15 41.87 -1.50
C GLY A 340 10.95 42.36 -2.24
N PRO A 341 11.20 42.62 -3.57
CA PRO A 341 10.04 43.11 -4.31
C PRO A 341 9.14 42.08 -4.95
N LEU A 342 8.07 42.57 -5.49
CA LEU A 342 7.11 41.82 -6.22
C LEU A 342 7.80 41.50 -7.50
N VAL A 343 7.37 40.47 -8.17
CA VAL A 343 8.02 39.99 -9.36
C VAL A 343 7.95 40.94 -10.56
N SER A 344 6.91 41.77 -10.69
CA SER A 344 6.76 42.65 -11.87
C SER A 344 6.02 43.92 -11.59
N LYS A 345 6.11 44.86 -12.52
CA LYS A 345 5.27 46.05 -12.46
C LYS A 345 3.79 45.71 -12.45
N LYS A 346 3.42 44.75 -13.29
CA LYS A 346 2.04 44.27 -13.42
C LYS A 346 1.48 43.74 -12.08
N GLN A 347 2.24 42.88 -11.42
CA GLN A 347 1.86 42.38 -10.10
C GLN A 347 1.82 43.48 -9.04
N GLN A 348 2.77 44.42 -9.08
CA GLN A 348 2.79 45.54 -8.15
C GLN A 348 1.51 46.33 -8.33
N GLU A 349 1.08 46.54 -9.57
CA GLU A 349 -0.16 47.26 -9.81
C GLU A 349 -1.34 46.47 -9.34
N ARG A 350 -1.34 45.17 -9.57
CA ARG A 350 -2.39 44.30 -9.07
C ARG A 350 -2.55 44.48 -7.59
N VAL A 351 -1.48 44.38 -6.81
CA VAL A 351 -1.67 44.42 -5.34
C VAL A 351 -1.98 45.79 -4.75
N LEU A 352 -1.46 46.86 -5.33
CA LEU A 352 -1.72 48.20 -4.91
C LEU A 352 -3.14 48.61 -5.15
N ASN A 353 -3.69 47.94 -6.12
CA ASN A 353 -5.01 48.04 -6.59
C ASN A 353 -6.01 47.33 -5.75
N TYR A 354 -5.60 46.28 -5.09
CA TYR A 354 -6.43 45.56 -4.20
C TYR A 354 -6.39 46.38 -2.95
N ILE A 355 -5.27 47.00 -2.66
CA ILE A 355 -5.20 47.88 -1.49
C ILE A 355 -6.20 49.07 -1.59
N GLU A 356 -6.26 49.69 -2.77
CA GLU A 356 -7.28 50.71 -3.06
C GLU A 356 -8.70 50.23 -2.90
N GLN A 357 -9.00 49.02 -3.34
CA GLN A 357 -10.35 48.47 -3.20
C GLN A 357 -10.67 48.22 -1.72
N GLY A 358 -9.64 47.86 -0.93
CA GLY A 358 -9.77 47.68 0.53
C GLY A 358 -10.19 48.96 1.18
N LYS A 359 -9.49 50.05 0.89
CA LYS A 359 -9.88 51.40 1.42
C LYS A 359 -11.27 51.88 0.92
N LYS A 360 -11.57 51.66 -0.32
CA LYS A 360 -12.84 51.99 -0.89
C LYS A 360 -14.01 51.25 -0.26
N GLU A 361 -13.76 50.05 0.19
CA GLU A 361 -14.78 49.24 0.77
C GLU A 361 -15.01 49.47 2.24
N GLY A 362 -14.17 50.27 2.84
CA GLY A 362 -14.33 50.63 4.20
C GLY A 362 -13.36 50.22 5.23
N ALA A 363 -12.47 49.33 4.85
CA ALA A 363 -11.41 48.83 5.71
C ALA A 363 -10.30 49.79 6.08
N THR A 364 -9.69 49.53 7.21
CA THR A 364 -8.59 50.30 7.68
C THR A 364 -7.24 49.74 7.37
N VAL A 365 -6.40 50.57 6.79
CA VAL A 365 -5.02 50.24 6.56
C VAL A 365 -4.36 50.53 7.89
N ALA A 366 -3.89 49.49 8.55
CA ALA A 366 -3.27 49.56 9.86
C ALA A 366 -1.79 49.72 9.76
N ALA A 367 -1.21 49.30 8.66
CA ALA A 367 0.18 49.40 8.37
C ALA A 367 0.37 49.29 6.89
N GLY A 368 1.36 49.95 6.31
CA GLY A 368 1.70 49.76 4.91
C GLY A 368 0.77 50.48 3.95
N GLY A 369 0.19 49.75 3.01
CA GLY A 369 -0.75 50.28 2.09
C GLY A 369 -0.24 51.00 0.85
N GLU A 370 1.04 50.83 0.50
CA GLU A 370 1.58 51.54 -0.68
C GLU A 370 2.92 50.97 -1.10
N ARG A 371 3.44 51.47 -2.23
CA ARG A 371 4.76 51.10 -2.73
C ARG A 371 5.86 51.57 -1.79
N ALA A 372 7.05 50.99 -1.94
CA ALA A 372 8.22 51.43 -1.16
C ALA A 372 9.42 51.65 -2.06
N LEU A 373 10.37 52.43 -1.54
CA LEU A 373 11.68 52.70 -2.17
C LEU A 373 11.55 53.50 -3.44
N GLU A 374 12.67 53.84 -4.05
CA GLU A 374 12.64 54.76 -5.20
C GLU A 374 12.42 54.02 -6.51
N LYS A 375 12.99 52.83 -6.64
CA LYS A 375 12.76 51.99 -7.80
C LYS A 375 12.53 50.52 -7.38
N GLY A 376 12.14 49.67 -8.30
CA GLY A 376 11.84 48.30 -7.95
C GLY A 376 10.36 48.05 -7.75
N TYR A 377 9.90 46.82 -7.83
CA TYR A 377 8.48 46.53 -7.71
C TYR A 377 7.96 46.25 -6.32
N PHE A 378 8.49 47.00 -5.38
CA PHE A 378 8.21 46.92 -3.97
C PHE A 378 6.88 47.41 -3.38
N VAL A 379 6.30 46.66 -2.52
CA VAL A 379 5.14 47.11 -1.82
C VAL A 379 5.33 46.83 -0.35
N LYS A 380 4.89 47.75 0.45
CA LYS A 380 4.98 47.67 1.89
C LYS A 380 4.14 46.60 2.52
N PRO A 381 4.76 45.89 3.53
CA PRO A 381 3.92 44.94 4.24
C PRO A 381 2.65 45.62 4.83
N THR A 382 1.51 45.09 4.43
CA THR A 382 0.23 45.65 4.76
C THR A 382 -0.73 44.92 5.66
N VAL A 383 -1.27 45.65 6.60
CA VAL A 383 -2.23 45.14 7.54
C VAL A 383 -3.63 45.75 7.41
N PHE A 384 -4.63 44.96 7.07
CA PHE A 384 -6.01 45.43 6.94
C PHE A 384 -6.83 45.07 8.15
N THR A 385 -7.49 46.09 8.67
CA THR A 385 -8.25 46.02 9.89
C THR A 385 -9.61 46.49 9.51
N ASP A 386 -10.62 46.22 10.30
CA ASP A 386 -12.00 46.63 10.07
C ASP A 386 -12.53 46.09 8.79
N VAL A 387 -12.51 44.79 8.74
CA VAL A 387 -12.81 43.97 7.61
C VAL A 387 -14.06 43.15 7.79
N THR A 388 -14.74 42.81 6.72
CA THR A 388 -15.98 42.00 6.73
C THR A 388 -15.86 40.99 5.62
N ASP A 389 -16.42 39.81 5.87
CA ASP A 389 -16.28 38.63 4.99
C ASP A 389 -16.74 38.86 3.55
N ASP A 390 -17.62 39.82 3.33
CA ASP A 390 -18.10 40.13 1.98
C ASP A 390 -17.13 40.99 1.16
N MET A 391 -16.09 41.58 1.78
CA MET A 391 -15.20 42.50 1.04
C MET A 391 -14.33 41.83 -0.01
N THR A 392 -14.15 42.49 -1.15
CA THR A 392 -13.21 42.02 -2.18
C THR A 392 -11.87 41.48 -1.60
N ILE A 393 -11.27 42.23 -0.65
CA ILE A 393 -9.92 41.91 -0.13
C ILE A 393 -9.89 40.69 0.74
N VAL A 394 -11.01 40.30 1.29
CA VAL A 394 -11.05 39.13 2.09
C VAL A 394 -11.48 37.90 1.26
N LYS A 395 -12.08 38.13 0.13
CA LYS A 395 -12.45 37.04 -0.69
C LYS A 395 -11.41 36.62 -1.71
N GLU A 396 -10.80 37.57 -2.34
CA GLU A 396 -9.87 37.31 -3.41
C GLU A 396 -8.43 37.29 -3.10
N GLU A 397 -7.68 36.42 -3.74
CA GLU A 397 -6.25 36.30 -3.63
C GLU A 397 -5.60 37.53 -4.18
N ILE A 398 -4.81 38.17 -3.33
CA ILE A 398 -4.12 39.41 -3.63
C ILE A 398 -2.72 39.18 -4.19
N PHE A 399 -2.03 38.25 -3.56
CA PHE A 399 -0.68 37.86 -3.91
C PHE A 399 0.41 38.81 -3.53
N GLY A 400 0.23 39.50 -2.44
CA GLY A 400 1.17 40.44 -1.98
C GLY A 400 1.34 40.32 -0.52
N PRO A 401 2.20 41.26 0.01
CA PRO A 401 2.37 41.17 1.46
C PRO A 401 1.23 41.86 2.26
N VAL A 402 0.02 41.43 2.00
CA VAL A 402 -1.18 41.99 2.53
C VAL A 402 -1.97 41.01 3.30
N VAL A 403 -2.35 41.37 4.51
CA VAL A 403 -3.05 40.48 5.43
C VAL A 403 -4.29 41.17 5.95
N VAL A 404 -5.31 40.36 6.17
CA VAL A 404 -6.59 40.82 6.68
C VAL A 404 -6.79 40.13 8.05
N VAL A 405 -7.09 40.91 9.09
CA VAL A 405 -7.32 40.37 10.43
C VAL A 405 -8.79 40.48 10.83
N LEU A 406 -9.36 39.35 11.27
CA LEU A 406 -10.79 39.21 11.54
C LEU A 406 -11.03 38.58 12.91
N PRO A 407 -11.76 39.27 13.78
CA PRO A 407 -12.12 38.63 15.03
C PRO A 407 -13.28 37.65 14.86
N PHE A 408 -13.34 36.67 15.76
CA PHE A 408 -14.48 35.75 15.87
C PHE A 408 -14.73 35.46 17.32
N ASP A 409 -15.96 35.05 17.63
CA ASP A 409 -16.39 34.78 19.00
C ASP A 409 -16.58 33.29 19.33
N SER A 410 -16.59 32.39 18.34
CA SER A 410 -16.75 30.98 18.64
C SER A 410 -16.12 30.12 17.58
N THR A 411 -15.86 28.87 17.95
CA THR A 411 -15.22 27.89 17.09
C THR A 411 -16.08 27.45 15.89
N GLU A 412 -17.37 27.19 16.12
CA GLU A 412 -18.28 26.83 15.02
C GLU A 412 -18.42 27.97 14.02
N GLU A 413 -18.44 29.19 14.50
CA GLU A 413 -18.44 30.38 13.66
C GLU A 413 -17.17 30.42 12.79
N VAL A 414 -15.99 30.31 13.38
CA VAL A 414 -14.77 30.45 12.58
C VAL A 414 -14.58 29.32 11.54
N ILE A 415 -15.11 28.15 11.85
CA ILE A 415 -15.07 27.03 10.92
C ILE A 415 -15.91 27.36 9.71
N GLU A 416 -17.13 27.84 9.93
CA GLU A 416 -17.98 28.25 8.80
C GLU A 416 -17.34 29.40 8.01
N ARG A 417 -16.80 30.41 8.70
CA ARG A 417 -16.29 31.58 7.98
C ARG A 417 -15.05 31.27 7.16
N ALA A 418 -14.17 30.43 7.71
CA ALA A 418 -12.99 29.92 7.00
C ALA A 418 -13.39 29.14 5.75
N ASN A 419 -14.38 28.32 5.91
CA ASN A 419 -14.83 27.49 4.86
C ASN A 419 -15.69 28.10 3.79
N ASN A 420 -16.16 29.32 3.97
CA ASN A 420 -16.98 30.00 3.01
C ASN A 420 -16.05 30.68 2.04
N SER A 421 -15.62 29.90 1.10
CA SER A 421 -14.66 30.29 0.16
C SER A 421 -14.71 29.28 -0.92
N SER A 422 -14.34 29.74 -2.08
CA SER A 422 -14.25 28.94 -3.24
C SER A 422 -12.88 28.27 -3.22
N TYR A 423 -11.96 28.80 -2.44
CA TYR A 423 -10.65 28.29 -2.31
C TYR A 423 -10.57 27.25 -1.20
N GLY A 424 -9.46 26.55 -1.11
CA GLY A 424 -9.22 25.54 -0.12
C GLY A 424 -7.91 24.82 -0.24
N LEU A 425 -6.88 25.61 -0.36
CA LEU A 425 -5.54 25.13 -0.53
C LEU A 425 -4.90 24.71 0.81
N ALA A 426 -5.02 25.54 1.86
CA ALA A 426 -4.35 25.29 3.13
C ALA A 426 -5.06 25.93 4.33
N ALA A 427 -4.64 25.60 5.53
CA ALA A 427 -5.22 26.26 6.71
C ALA A 427 -4.34 26.03 7.87
N GLY A 428 -4.34 26.96 8.81
CA GLY A 428 -3.63 26.79 10.05
C GLY A 428 -4.56 26.95 11.24
N VAL A 429 -4.35 26.11 12.25
CA VAL A 429 -5.12 26.15 13.47
C VAL A 429 -4.15 26.29 14.63
N TRP A 430 -4.34 27.23 15.53
CA TRP A 430 -3.45 27.37 16.70
C TRP A 430 -4.26 27.15 17.98
N THR A 431 -3.95 26.05 18.67
CA THR A 431 -4.65 25.62 19.87
C THR A 431 -3.78 24.59 20.59
N GLN A 432 -3.71 24.66 21.92
CA GLN A 432 -2.93 23.76 22.75
C GLN A 432 -3.74 22.50 23.12
N ASN A 433 -5.04 22.47 22.85
CA ASN A 433 -5.91 21.34 23.23
C ASN A 433 -5.88 20.19 22.18
N ILE A 434 -5.76 18.96 22.70
CA ILE A 434 -5.58 17.79 21.85
C ILE A 434 -6.82 17.52 21.00
N LYS A 435 -7.99 17.57 21.62
CA LYS A 435 -9.24 17.39 20.88
C LYS A 435 -9.55 18.48 19.86
N THR A 436 -9.42 19.72 20.25
CA THR A 436 -9.82 20.87 19.46
C THR A 436 -8.97 20.94 18.23
N GLY A 437 -7.66 20.71 18.36
CA GLY A 437 -6.73 20.70 17.21
C GLY A 437 -7.20 19.81 16.09
N HIS A 438 -7.44 18.53 16.40
CA HIS A 438 -7.86 17.56 15.41
C HIS A 438 -9.31 17.75 14.92
N GLN A 439 -10.20 18.19 15.83
CA GLN A 439 -11.60 18.43 15.49
C GLN A 439 -11.70 19.50 14.38
N VAL A 440 -10.98 20.59 14.61
CA VAL A 440 -10.92 21.74 13.71
C VAL A 440 -10.23 21.34 12.41
N ALA A 441 -9.11 20.64 12.53
CA ALA A 441 -8.43 20.15 11.35
C ALA A 441 -9.33 19.26 10.49
N ASN A 442 -10.12 18.39 11.12
CA ASN A 442 -11.01 17.50 10.36
C ASN A 442 -12.13 18.22 9.62
N LYS A 443 -12.56 19.37 10.15
CA LYS A 443 -13.72 20.10 9.64
C LYS A 443 -13.39 21.19 8.59
N LEU A 444 -12.14 21.63 8.49
CA LEU A 444 -11.74 22.64 7.50
C LEU A 444 -11.57 22.02 6.14
N LYS A 445 -12.08 22.63 5.09
CA LYS A 445 -11.96 22.09 3.76
C LYS A 445 -10.70 22.54 3.02
N ALA A 446 -9.58 21.91 3.31
CA ALA A 446 -8.30 22.28 2.78
C ALA A 446 -7.40 21.11 2.64
N GLY A 447 -6.58 21.15 1.62
CA GLY A 447 -5.66 20.11 1.31
C GLY A 447 -4.57 19.92 2.30
N THR A 448 -4.22 20.98 2.97
CA THR A 448 -3.23 20.95 4.00
C THR A 448 -3.66 21.71 5.25
N VAL A 449 -3.53 21.11 6.42
CA VAL A 449 -3.77 21.77 7.70
C VAL A 449 -2.56 21.58 8.60
N TRP A 450 -2.03 22.72 9.06
CA TRP A 450 -0.91 22.77 10.00
C TRP A 450 -1.53 23.10 11.36
N ILE A 451 -1.22 22.32 12.36
CA ILE A 451 -1.71 22.56 13.70
C ILE A 451 -0.55 23.08 14.50
N ASN A 452 -0.64 24.35 14.81
CA ASN A 452 0.33 25.06 15.54
C ASN A 452 1.59 25.27 14.76
N ASP A 453 1.39 25.54 13.50
CA ASP A 453 2.44 25.84 12.61
C ASP A 453 1.88 26.40 11.35
N TYR A 454 2.74 26.79 10.40
CA TYR A 454 2.28 27.36 9.13
C TYR A 454 3.36 27.27 8.03
N ASN A 455 2.90 27.15 6.77
CA ASN A 455 3.75 27.13 5.58
C ASN A 455 4.81 26.01 5.54
N LEU A 456 4.57 24.85 6.16
CA LEU A 456 5.48 23.72 6.06
C LEU A 456 5.25 22.89 4.80
N GLU A 457 6.31 22.67 4.01
CA GLU A 457 6.26 21.77 2.86
C GLU A 457 7.40 20.79 2.98
N ASN A 458 7.18 19.56 2.52
CA ASN A 458 8.23 18.52 2.39
C ASN A 458 7.91 17.59 1.24
N ALA A 459 8.93 17.15 0.53
CA ALA A 459 8.75 16.17 -0.55
C ALA A 459 7.78 14.99 -0.28
N ALA A 460 7.74 14.51 0.97
CA ALA A 460 6.96 13.31 1.30
C ALA A 460 5.49 13.54 1.60
N ALA A 461 5.08 14.78 1.79
CA ALA A 461 3.71 15.11 2.19
C ALA A 461 2.98 15.82 1.04
N PRO A 462 1.84 15.25 0.57
CA PRO A 462 1.09 15.81 -0.58
C PRO A 462 0.48 17.19 -0.33
N PHE A 463 0.26 17.92 -1.41
CA PHE A 463 -0.09 19.31 -1.37
C PHE A 463 -1.00 19.55 -2.54
N GLY A 464 -2.07 20.28 -2.34
CA GLY A 464 -3.05 20.54 -3.35
C GLY A 464 -4.34 21.08 -2.83
N GLY A 465 -5.26 21.44 -3.68
CA GLY A 465 -6.49 21.95 -3.17
C GLY A 465 -7.80 21.25 -3.37
N TYR A 466 -8.70 21.56 -2.46
CA TYR A 466 -10.07 21.16 -2.45
C TYR A 466 -10.71 22.28 -3.18
N LYS A 467 -11.85 22.02 -3.77
CA LYS A 467 -12.70 22.98 -4.46
C LYS A 467 -11.94 23.68 -5.61
N GLN A 468 -11.99 25.02 -5.69
CA GLN A 468 -11.35 25.75 -6.78
C GLN A 468 -9.87 26.08 -6.58
N SER A 469 -9.26 25.61 -5.51
CA SER A 469 -7.79 25.72 -5.36
C SER A 469 -7.03 24.63 -6.20
N GLY A 470 -7.74 23.66 -6.77
CA GLY A 470 -7.09 22.72 -7.69
C GLY A 470 -7.79 21.38 -7.92
N ILE A 471 -7.09 20.54 -8.71
CA ILE A 471 -7.44 19.13 -8.92
C ILE A 471 -6.15 18.36 -8.85
N GLY A 472 -6.14 17.37 -7.99
CA GLY A 472 -4.99 16.53 -7.76
C GLY A 472 -4.02 16.95 -6.70
N ARG A 473 -2.99 16.16 -6.51
CA ARG A 473 -1.98 16.46 -5.52
C ARG A 473 -0.55 16.45 -6.09
N GLU A 474 0.33 17.17 -5.44
CA GLU A 474 1.73 17.20 -5.79
C GLU A 474 2.49 16.89 -4.54
N LEU A 475 3.62 16.26 -4.67
CA LEU A 475 4.46 15.83 -3.60
C LEU A 475 4.00 14.53 -3.04
N GLY A 476 4.78 13.92 -2.20
CA GLY A 476 4.46 12.63 -1.67
C GLY A 476 4.38 11.56 -2.73
N SER A 477 3.68 10.50 -2.39
CA SER A 477 3.48 9.40 -3.28
C SER A 477 2.35 9.64 -4.26
N TYR A 478 1.43 10.47 -3.86
CA TYR A 478 0.23 10.80 -4.54
C TYR A 478 0.51 11.42 -5.85
N ALA A 479 1.56 12.22 -5.89
CA ALA A 479 1.96 12.85 -7.13
C ALA A 479 2.27 11.86 -8.28
N LEU A 480 2.82 10.70 -7.94
CA LEU A 480 3.16 9.70 -8.93
C LEU A 480 1.95 9.29 -9.73
N ASP A 481 0.80 9.18 -9.09
CA ASP A 481 -0.45 8.77 -9.77
C ASP A 481 -0.82 9.67 -10.94
N ASN A 482 -0.59 10.97 -10.86
CA ASN A 482 -0.84 11.89 -11.98
C ASN A 482 -0.07 11.53 -13.28
N TYR A 483 1.09 10.90 -13.14
CA TYR A 483 1.99 10.57 -14.26
C TYR A 483 1.97 9.11 -14.64
N THR A 484 1.00 8.41 -14.16
CA THR A 484 0.87 7.03 -14.40
C THR A 484 -0.38 6.76 -15.21
N GLU A 485 -0.45 5.56 -15.73
CA GLU A 485 -1.53 5.05 -16.51
C GLU A 485 -1.61 3.62 -16.07
N VAL A 486 -2.73 3.23 -15.54
CA VAL A 486 -2.93 1.92 -15.01
C VAL A 486 -3.36 0.88 -16.03
N LYS A 487 -2.67 -0.23 -16.10
CA LYS A 487 -3.04 -1.28 -17.04
C LYS A 487 -3.36 -2.54 -16.27
N SER A 488 -4.55 -3.13 -16.53
CA SER A 488 -5.00 -4.32 -15.86
C SER A 488 -4.88 -5.50 -16.83
N VAL A 489 -3.97 -6.41 -16.53
CA VAL A 489 -3.65 -7.51 -17.40
C VAL A 489 -4.23 -8.76 -16.81
N TRP A 490 -4.95 -9.54 -17.62
CA TRP A 490 -5.51 -10.79 -17.17
C TRP A 490 -4.84 -11.85 -17.93
N VAL A 491 -4.25 -12.85 -17.29
CA VAL A 491 -3.60 -13.99 -17.98
C VAL A 491 -4.38 -15.26 -17.67
N ASN A 492 -5.07 -15.80 -18.69
CA ASN A 492 -5.79 -17.04 -18.57
C ASN A 492 -4.80 -18.14 -18.31
N ILE A 493 -5.01 -18.90 -17.22
CA ILE A 493 -4.18 -20.04 -16.87
C ILE A 493 -5.06 -21.28 -16.63
N LYS A 494 -6.25 -21.34 -17.22
CA LYS A 494 -7.10 -22.53 -17.15
C LYS A 494 -6.35 -23.70 -17.78
N GLU B 7 47.36 -8.10 -9.14
CA GLU B 7 48.30 -7.28 -8.29
C GLU B 7 47.49 -6.42 -7.31
N LEU B 8 47.93 -6.41 -6.05
CA LEU B 8 47.18 -5.79 -4.93
C LEU B 8 47.08 -4.27 -5.00
N LYS B 9 45.92 -3.73 -4.80
CA LYS B 9 45.78 -2.29 -4.72
C LYS B 9 46.41 -1.77 -3.45
N PRO B 10 46.96 -0.54 -3.48
CA PRO B 10 47.72 -0.02 -2.34
C PRO B 10 46.92 0.11 -1.05
N LYS B 11 45.63 0.48 -1.13
CA LYS B 11 44.84 0.59 0.12
C LYS B 11 44.55 -0.78 0.74
N VAL B 12 44.47 -1.82 -0.10
CA VAL B 12 44.37 -3.23 0.34
C VAL B 12 45.68 -3.72 0.98
N GLU B 13 46.82 -3.43 0.35
CA GLU B 13 48.16 -3.76 0.91
C GLU B 13 48.38 -3.13 2.28
N ALA B 14 47.99 -1.86 2.41
CA ALA B 14 48.08 -1.12 3.65
C ALA B 14 47.20 -1.75 4.73
N PHE B 15 45.95 -2.06 4.38
CA PHE B 15 44.98 -2.74 5.26
C PHE B 15 45.50 -4.11 5.78
N LEU B 16 46.00 -4.94 4.91
CA LEU B 16 46.50 -6.26 5.21
C LEU B 16 47.86 -6.32 5.88
N ASN B 17 48.40 -5.17 6.17
CA ASN B 17 49.67 -4.99 6.74
C ASN B 17 49.70 -4.76 8.19
N GLU B 18 48.54 -4.63 8.74
CA GLU B 18 48.42 -4.41 10.12
C GLU B 18 47.40 -5.42 10.48
N GLU B 19 47.21 -5.64 11.76
CA GLU B 19 46.22 -6.55 12.23
C GLU B 19 44.86 -5.87 12.05
N ILE B 20 43.82 -6.63 11.77
CA ILE B 20 42.52 -6.09 11.54
C ILE B 20 41.76 -5.81 12.78
N LYS B 21 41.26 -4.58 12.91
CA LYS B 21 40.51 -4.18 14.10
C LYS B 21 39.01 -4.31 13.95
N MET B 22 38.34 -4.49 15.09
CA MET B 22 36.87 -4.41 15.24
C MET B 22 36.43 -2.96 15.02
N PHE B 23 35.14 -2.73 14.76
CA PHE B 23 34.59 -1.40 14.63
C PHE B 23 33.48 -1.30 15.65
N ILE B 24 33.72 -0.57 16.74
CA ILE B 24 32.77 -0.39 17.82
C ILE B 24 32.69 1.09 18.18
N ASN B 25 31.51 1.63 18.33
CA ASN B 25 31.30 3.02 18.70
C ASN B 25 32.14 4.05 17.98
N GLY B 26 32.13 3.93 16.67
CA GLY B 26 32.84 4.75 15.73
C GLY B 26 34.34 4.64 15.72
N GLU B 27 34.84 3.62 16.36
CA GLU B 27 36.23 3.47 16.55
C GLU B 27 36.79 2.11 16.22
N PHE B 28 37.98 2.07 15.68
CA PHE B 28 38.68 0.84 15.38
C PHE B 28 39.41 0.40 16.62
N VAL B 29 39.07 -0.78 17.13
CA VAL B 29 39.64 -1.28 18.40
C VAL B 29 40.03 -2.74 18.31
N SER B 30 40.89 -3.12 19.23
CA SER B 30 41.32 -4.47 19.45
C SER B 30 40.30 -5.12 20.32
N ALA B 31 40.42 -6.43 20.47
CA ALA B 31 39.58 -7.14 21.44
C ALA B 31 39.96 -6.70 22.87
N ILE B 32 38.99 -6.58 23.78
CA ILE B 32 39.32 -6.07 25.12
C ILE B 32 40.42 -6.90 25.77
N GLY B 33 40.32 -8.23 25.67
CA GLY B 33 41.33 -9.17 26.15
C GLY B 33 42.44 -9.54 25.19
N GLY B 34 42.54 -8.85 24.05
CA GLY B 34 43.66 -8.98 23.12
C GLY B 34 43.70 -10.19 22.20
N LYS B 35 42.73 -11.10 22.27
CA LYS B 35 42.77 -12.29 21.38
C LYS B 35 42.70 -11.96 19.91
N THR B 36 43.19 -12.88 19.08
CA THR B 36 43.10 -12.76 17.64
C THR B 36 42.98 -14.13 17.04
N PHE B 37 42.52 -14.13 15.80
CA PHE B 37 42.31 -15.28 14.96
C PHE B 37 42.83 -14.98 13.55
N GLU B 38 43.11 -16.03 12.82
CA GLU B 38 43.61 -15.97 11.50
C GLU B 38 42.58 -16.17 10.41
N THR B 39 42.73 -15.46 9.31
CA THR B 39 41.86 -15.60 8.17
C THR B 39 42.75 -16.09 7.04
N TYR B 40 42.30 -17.02 6.26
CA TYR B 40 43.12 -17.52 5.18
C TYR B 40 42.71 -17.24 3.80
N ASN B 41 43.62 -17.45 2.87
CA ASN B 41 43.37 -17.34 1.44
C ASN B 41 43.16 -18.80 0.96
N PRO B 42 41.89 -19.13 0.50
CA PRO B 42 41.67 -20.54 0.14
C PRO B 42 42.27 -21.09 -1.13
N ALA B 43 42.95 -20.28 -1.88
CA ALA B 43 43.61 -20.72 -3.06
C ALA B 43 45.00 -21.17 -2.71
N THR B 44 45.55 -20.61 -1.68
CA THR B 44 46.88 -20.92 -1.29
C THR B 44 47.07 -21.65 0.00
N GLU B 45 46.09 -21.53 0.90
CA GLU B 45 46.07 -22.09 2.29
C GLU B 45 46.95 -21.35 3.27
N ASP B 46 47.52 -20.23 2.84
CA ASP B 46 48.26 -19.33 3.71
C ASP B 46 47.31 -18.41 4.47
N VAL B 47 47.84 -17.84 5.54
CA VAL B 47 47.23 -16.83 6.34
C VAL B 47 47.29 -15.53 5.55
N LEU B 48 46.16 -14.89 5.52
CA LEU B 48 45.95 -13.66 4.87
C LEU B 48 45.94 -12.51 5.82
N ALA B 49 45.42 -12.69 7.01
CA ALA B 49 45.37 -11.66 8.01
C ALA B 49 45.16 -12.17 9.39
N VAL B 50 45.48 -11.36 10.36
CA VAL B 50 45.23 -11.67 11.72
C VAL B 50 44.28 -10.57 12.16
N VAL B 51 43.20 -11.03 12.72
CA VAL B 51 42.06 -10.27 13.10
C VAL B 51 41.76 -10.25 14.56
N CYS B 52 41.35 -9.12 15.08
CA CYS B 52 40.99 -9.05 16.49
C CYS B 52 39.71 -9.87 16.66
N GLU B 53 39.68 -10.73 17.68
CA GLU B 53 38.63 -11.74 17.87
C GLU B 53 37.69 -11.30 18.94
N ALA B 54 36.44 -10.99 18.56
CA ALA B 54 35.42 -10.57 19.52
C ALA B 54 34.99 -11.64 20.52
N GLN B 55 35.12 -11.30 21.80
CA GLN B 55 34.62 -12.14 22.90
C GLN B 55 33.30 -11.56 23.38
N GLU B 56 32.65 -12.28 24.28
CA GLU B 56 31.38 -11.86 24.88
C GLU B 56 31.38 -10.41 25.39
N GLU B 57 32.45 -9.98 26.06
CA GLU B 57 32.56 -8.63 26.63
C GLU B 57 32.66 -7.52 25.54
N ASP B 58 33.13 -7.92 24.35
CA ASP B 58 33.17 -7.04 23.21
C ASP B 58 31.73 -6.86 22.64
N ILE B 59 31.00 -7.97 22.48
CA ILE B 59 29.59 -7.86 22.09
C ILE B 59 28.83 -6.97 23.09
N ASP B 60 29.12 -7.09 24.39
CA ASP B 60 28.47 -6.21 25.39
C ASP B 60 28.89 -4.73 25.15
N ALA B 61 30.14 -4.43 24.78
CA ALA B 61 30.53 -3.02 24.43
C ALA B 61 29.78 -2.51 23.20
N ALA B 62 29.74 -3.35 22.16
CA ALA B 62 29.05 -3.07 20.89
C ALA B 62 27.58 -2.74 21.05
N VAL B 63 26.92 -3.52 21.92
CA VAL B 63 25.50 -3.40 22.20
C VAL B 63 25.23 -2.12 22.99
N LYS B 64 26.08 -1.77 23.95
CA LYS B 64 25.93 -0.51 24.71
C LYS B 64 26.07 0.68 23.79
N ALA B 65 27.05 0.60 22.91
CA ALA B 65 27.26 1.64 21.96
C ALA B 65 26.05 1.75 21.03
N ALA B 66 25.49 0.62 20.60
CA ALA B 66 24.34 0.67 19.69
C ALA B 66 23.06 1.21 20.37
N ARG B 67 22.83 0.80 21.62
CA ARG B 67 21.67 1.22 22.42
C ARG B 67 21.73 2.73 22.60
N SER B 68 22.92 3.21 22.87
CA SER B 68 23.11 4.61 23.11
C SER B 68 22.91 5.47 21.85
N ALA B 69 23.40 5.02 20.70
CA ALA B 69 23.22 5.76 19.46
C ALA B 69 21.72 5.84 19.06
N PHE B 70 20.97 4.80 19.42
CA PHE B 70 19.54 4.73 19.16
C PHE B 70 18.70 5.59 20.11
N GLU B 71 18.94 5.58 21.38
CA GLU B 71 18.09 6.34 22.25
C GLU B 71 18.33 7.81 22.27
N SER B 72 19.55 8.23 22.02
CA SER B 72 19.86 9.62 22.05
C SER B 72 20.94 9.99 21.05
N GLY B 73 20.92 11.24 20.65
CA GLY B 73 21.89 11.73 19.72
C GLY B 73 21.47 11.86 18.31
N PRO B 74 22.53 12.09 17.44
CA PRO B 74 22.19 12.30 16.03
C PRO B 74 21.40 11.26 15.24
N TRP B 75 21.57 9.98 15.47
CA TRP B 75 20.82 9.01 14.76
C TRP B 75 19.41 9.05 15.22
N ALA B 76 19.20 9.36 16.47
CA ALA B 76 17.86 9.44 17.01
C ALA B 76 17.16 10.78 16.74
N GLU B 77 17.88 11.78 16.30
CA GLU B 77 17.37 13.09 16.05
C GLU B 77 17.22 13.53 14.59
N MET B 78 17.94 12.86 13.74
CA MET B 78 17.99 13.07 12.34
C MET B 78 16.64 12.93 11.65
N THR B 79 16.48 13.60 10.55
CA THR B 79 15.29 13.52 9.78
C THR B 79 15.42 12.32 8.90
N THR B 80 14.34 11.84 8.34
CA THR B 80 14.43 10.76 7.40
C THR B 80 15.23 11.17 6.15
N ALA B 81 15.11 12.41 5.64
CA ALA B 81 15.99 12.91 4.52
C ALA B 81 17.50 12.81 4.86
N GLU B 82 17.87 13.20 6.09
CA GLU B 82 19.25 13.19 6.54
C GLU B 82 19.78 11.77 6.66
N ARG B 83 18.94 10.88 7.18
CA ARG B 83 19.30 9.48 7.32
C ARG B 83 19.50 8.86 5.94
N ALA B 84 18.57 9.12 5.03
CA ALA B 84 18.70 8.69 3.66
C ALA B 84 20.01 9.15 3.03
N HIS B 85 20.39 10.42 3.23
CA HIS B 85 21.65 10.91 2.64
C HIS B 85 22.86 10.09 3.11
N LEU B 86 22.92 9.77 4.39
CA LEU B 86 24.02 8.95 4.94
C LEU B 86 24.21 7.63 4.21
N ILE B 87 23.08 6.98 3.97
CA ILE B 87 23.07 5.70 3.33
C ILE B 87 23.50 5.83 1.87
N TYR B 88 23.00 6.83 1.15
CA TYR B 88 23.40 7.11 -0.25
C TYR B 88 24.93 7.37 -0.35
N LYS B 89 25.44 8.16 0.57
CA LYS B 89 26.88 8.45 0.63
C LYS B 89 27.71 7.19 0.86
N LEU B 90 27.26 6.30 1.73
CA LEU B 90 27.88 5.00 1.90
C LEU B 90 27.92 4.21 0.59
N ALA B 91 26.82 4.25 -0.13
CA ALA B 91 26.75 3.57 -1.42
C ALA B 91 27.83 4.12 -2.36
N ASP B 92 27.87 5.42 -2.52
CA ASP B 92 28.92 6.06 -3.30
C ASP B 92 30.34 5.64 -2.90
N LEU B 93 30.59 5.62 -1.60
CA LEU B 93 31.90 5.28 -1.12
C LEU B 93 32.27 3.84 -1.48
N ILE B 94 31.35 2.91 -1.27
CA ILE B 94 31.57 1.50 -1.64
C ILE B 94 31.86 1.38 -3.14
N GLU B 95 31.14 2.16 -3.93
CA GLU B 95 31.40 2.23 -5.36
C GLU B 95 32.80 2.83 -5.66
N GLU B 96 33.22 3.86 -4.94
CA GLU B 96 34.56 4.44 -5.16
C GLU B 96 35.64 3.39 -4.87
N HIS B 97 35.44 2.61 -3.81
CA HIS B 97 36.35 1.52 -3.44
C HIS B 97 36.00 0.12 -3.97
N ARG B 98 35.27 0.04 -5.08
CA ARG B 98 34.82 -1.24 -5.67
C ARG B 98 35.95 -2.24 -5.94
N GLU B 99 37.10 -1.75 -6.42
CA GLU B 99 38.25 -2.60 -6.75
C GLU B 99 38.92 -3.19 -5.49
N GLU B 100 39.13 -2.33 -4.50
CA GLU B 100 39.64 -2.74 -3.21
C GLU B 100 38.78 -3.81 -2.49
N LEU B 101 37.45 -3.61 -2.46
CA LEU B 101 36.52 -4.59 -1.87
C LEU B 101 36.47 -5.91 -2.66
N ALA B 102 36.44 -5.79 -3.99
CA ALA B 102 36.43 -6.95 -4.85
C ALA B 102 37.68 -7.83 -4.64
N GLN B 103 38.83 -7.19 -4.43
CA GLN B 103 40.08 -7.90 -4.19
C GLN B 103 40.00 -8.64 -2.85
N LEU B 104 39.50 -7.94 -1.83
CA LEU B 104 39.29 -8.58 -0.54
C LEU B 104 38.32 -9.77 -0.60
N GLU B 105 37.26 -9.74 -1.36
CA GLU B 105 36.40 -10.89 -1.49
C GLU B 105 37.07 -11.99 -2.28
N ALA B 106 37.95 -11.65 -3.17
CA ALA B 106 38.61 -12.61 -3.95
C ALA B 106 39.66 -13.32 -3.12
N LEU B 107 40.31 -12.59 -2.24
CA LEU B 107 41.30 -13.17 -1.39
C LEU B 107 40.77 -13.95 -0.24
N ASP B 108 39.75 -13.44 0.41
CA ASP B 108 39.17 -14.02 1.56
C ASP B 108 38.14 -15.12 1.35
N ASN B 109 37.28 -14.95 0.38
CA ASN B 109 36.25 -15.91 0.06
C ASN B 109 36.74 -16.88 -0.95
N GLY B 110 37.45 -16.39 -1.94
CA GLY B 110 37.99 -17.18 -2.98
C GLY B 110 37.39 -17.12 -4.35
N LYS B 111 36.31 -16.39 -4.54
CA LYS B 111 35.62 -16.25 -5.83
C LYS B 111 36.42 -15.44 -6.82
N PRO B 112 36.11 -15.53 -8.10
CA PRO B 112 36.90 -14.73 -9.03
C PRO B 112 36.75 -13.24 -8.79
N TYR B 113 37.87 -12.53 -8.86
CA TYR B 113 37.87 -11.09 -8.78
C TYR B 113 36.76 -10.40 -9.62
N GLN B 114 36.68 -10.71 -10.91
CA GLN B 114 35.80 -10.01 -11.83
C GLN B 114 34.32 -10.18 -11.53
N VAL B 115 33.93 -11.39 -11.04
CA VAL B 115 32.54 -11.59 -10.59
C VAL B 115 32.30 -10.95 -9.26
N ALA B 116 33.30 -10.84 -8.39
CA ALA B 116 33.12 -10.03 -7.14
C ALA B 116 32.88 -8.57 -7.45
N LEU B 117 33.56 -8.06 -8.47
CA LEU B 117 33.36 -6.69 -8.91
C LEU B 117 32.00 -6.45 -9.63
N ASP B 118 31.70 -7.28 -10.63
CA ASP B 118 30.46 -7.15 -11.41
C ASP B 118 29.17 -7.58 -10.70
N ASP B 119 29.23 -8.43 -9.68
CA ASP B 119 28.03 -8.92 -9.03
C ASP B 119 28.00 -8.43 -7.61
N ASP B 120 28.97 -8.88 -6.80
CA ASP B 120 28.93 -8.61 -5.37
C ASP B 120 28.98 -7.12 -5.06
N ILE B 121 29.98 -6.42 -5.58
CA ILE B 121 30.12 -5.01 -5.27
C ILE B 121 28.99 -4.23 -5.90
N SER B 122 28.59 -4.51 -7.14
CA SER B 122 27.49 -3.72 -7.73
C SER B 122 26.17 -3.99 -7.04
N ALA B 123 25.94 -5.25 -6.64
CA ALA B 123 24.72 -5.58 -5.84
C ALA B 123 24.68 -4.82 -4.51
N THR B 124 25.78 -4.83 -3.76
CA THR B 124 25.90 -4.09 -2.51
C THR B 124 25.58 -2.59 -2.65
N VAL B 125 26.18 -1.96 -3.65
CA VAL B 125 25.94 -0.56 -3.98
C VAL B 125 24.45 -0.33 -4.28
N GLU B 126 23.84 -1.07 -5.23
CA GLU B 126 22.39 -0.95 -5.60
C GLU B 126 21.51 -1.13 -4.36
N ASN B 127 21.90 -1.99 -3.49
CA ASN B 127 21.19 -2.27 -2.28
C ASN B 127 21.02 -1.13 -1.31
N TYR B 128 22.09 -0.44 -1.03
CA TYR B 128 22.09 0.66 -0.16
C TYR B 128 21.36 1.82 -0.79
N ARG B 129 21.49 1.95 -2.06
CA ARG B 129 20.84 2.97 -2.81
C ARG B 129 19.35 2.82 -2.76
N TYR B 130 18.90 1.58 -2.80
CA TYR B 130 17.52 1.20 -2.83
C TYR B 130 16.93 1.47 -1.46
N TYR B 131 17.58 0.94 -0.43
CA TYR B 131 17.11 1.14 0.93
C TYR B 131 17.24 2.57 1.39
N ALA B 132 18.17 3.34 0.82
CA ALA B 132 18.23 4.77 1.20
C ALA B 132 16.95 5.47 0.75
N GLY B 133 16.43 5.05 -0.39
CA GLY B 133 15.16 5.56 -0.85
C GLY B 133 13.96 5.26 0.02
N TRP B 134 13.97 4.14 0.78
CA TRP B 134 12.86 3.79 1.69
C TRP B 134 12.81 4.58 2.94
N THR B 135 13.90 5.23 3.37
CA THR B 135 13.85 5.84 4.72
C THR B 135 12.76 6.92 4.87
N THR B 136 12.46 7.61 3.78
CA THR B 136 11.38 8.60 3.69
C THR B 136 9.98 8.08 3.33
N LYS B 137 9.85 6.76 3.15
CA LYS B 137 8.64 6.14 2.58
C LYS B 137 8.10 4.98 3.40
N ILE B 138 8.55 4.85 4.65
CA ILE B 138 8.14 3.77 5.54
C ILE B 138 6.87 4.26 6.18
N ILE B 139 5.75 4.04 5.54
CA ILE B 139 4.52 4.71 5.98
C ILE B 139 3.67 3.84 6.87
N GLY B 140 2.97 4.44 7.79
CA GLY B 140 2.02 3.78 8.61
C GLY B 140 0.66 4.20 8.08
N GLN B 141 -0.40 3.83 8.76
CA GLN B 141 -1.76 4.13 8.40
C GLN B 141 -2.59 5.06 9.22
N THR B 142 -3.64 5.54 8.59
CA THR B 142 -4.66 6.33 9.21
C THR B 142 -5.86 5.45 8.97
N ILE B 143 -6.48 5.02 10.04
CA ILE B 143 -7.60 4.12 9.96
C ILE B 143 -8.94 4.69 10.30
N PRO B 144 -9.82 4.65 9.23
CA PRO B 144 -11.14 5.18 9.50
C PRO B 144 -12.04 4.17 10.18
N ILE B 145 -12.37 4.46 11.40
CA ILE B 145 -13.19 3.61 12.20
C ILE B 145 -14.41 4.34 12.73
N SER B 146 -14.19 5.37 13.51
CA SER B 146 -15.20 6.15 14.17
C SER B 146 -14.85 7.58 13.97
N LYS B 147 -15.78 8.45 14.24
CA LYS B 147 -15.64 9.88 14.16
C LYS B 147 -15.18 10.36 15.50
N ASP B 148 -15.27 9.50 16.47
CA ASP B 148 -14.88 9.82 17.83
C ASP B 148 -13.37 9.70 18.09
N TYR B 149 -12.66 9.09 17.13
CA TYR B 149 -11.28 8.69 17.28
C TYR B 149 -10.45 8.99 16.01
N LEU B 150 -9.25 9.48 16.22
CA LEU B 150 -8.21 9.44 15.23
C LEU B 150 -7.45 8.17 15.55
N ASN B 151 -7.29 7.30 14.55
CA ASN B 151 -6.56 6.05 14.66
C ASN B 151 -5.45 6.06 13.65
N TYR B 152 -4.25 5.82 14.12
CA TYR B 152 -3.15 5.62 13.20
C TYR B 152 -2.10 4.70 13.74
N THR B 153 -1.27 4.18 12.82
CA THR B 153 -0.13 3.35 13.16
C THR B 153 1.17 4.03 12.84
N ARG B 154 2.14 3.86 13.73
CA ARG B 154 3.51 4.25 13.47
C ARG B 154 4.31 2.98 13.25
N HIS B 155 5.22 3.01 12.28
CA HIS B 155 6.17 1.91 12.08
C HIS B 155 7.48 2.38 12.72
N GLU B 156 7.66 2.08 14.00
CA GLU B 156 8.83 2.50 14.75
C GLU B 156 9.91 1.46 14.56
N PRO B 157 11.20 1.88 14.58
CA PRO B 157 12.30 0.94 14.51
C PRO B 157 12.40 0.15 15.79
N VAL B 158 12.55 -1.18 15.67
CA VAL B 158 12.51 -2.10 16.83
C VAL B 158 13.58 -1.78 17.87
N GLY B 159 14.74 -1.29 17.44
CA GLY B 159 15.77 -0.78 18.34
C GLY B 159 17.12 -1.31 17.92
N VAL B 160 17.79 -2.00 18.84
CA VAL B 160 19.13 -2.56 18.55
C VAL B 160 18.95 -3.94 17.93
N VAL B 161 19.56 -4.17 16.77
CA VAL B 161 19.45 -5.49 16.14
C VAL B 161 20.76 -6.24 16.04
N GLY B 162 20.65 -7.56 16.26
CA GLY B 162 21.73 -8.52 16.18
C GLY B 162 21.67 -9.26 14.87
N GLN B 163 22.79 -9.25 14.15
CA GLN B 163 22.86 -9.76 12.79
C GLN B 163 24.04 -10.67 12.62
N ILE B 164 23.78 -11.86 12.10
CA ILE B 164 24.84 -12.85 11.90
C ILE B 164 24.72 -13.33 10.48
N ILE B 165 25.86 -13.36 9.78
CA ILE B 165 25.88 -13.63 8.35
C ILE B 165 26.97 -14.61 8.06
N PRO B 166 26.87 -15.27 6.91
CA PRO B 166 27.82 -16.28 6.49
C PRO B 166 28.90 -15.74 5.52
N TRP B 167 29.63 -16.68 4.94
CA TRP B 167 30.89 -16.42 4.28
C TRP B 167 30.82 -16.45 2.78
N ASN B 168 29.73 -16.93 2.19
CA ASN B 168 29.69 -17.21 0.74
C ASN B 168 29.45 -15.98 -0.18
N PHE B 169 28.75 -14.94 0.28
CA PHE B 169 28.74 -13.58 -0.35
C PHE B 169 28.90 -12.53 0.77
N PRO B 170 30.10 -12.42 1.37
CA PRO B 170 30.31 -11.64 2.59
C PRO B 170 29.74 -10.20 2.58
N LEU B 171 30.10 -9.40 1.59
CA LEU B 171 29.70 -8.01 1.57
C LEU B 171 28.24 -7.83 1.13
N VAL B 172 27.78 -8.59 0.15
CA VAL B 172 26.36 -8.54 -0.31
C VAL B 172 25.45 -8.78 0.89
N MET B 173 25.79 -9.80 1.67
CA MET B 173 24.94 -10.18 2.78
C MET B 173 24.98 -9.24 3.94
N SER B 174 26.12 -8.56 4.13
CA SER B 174 26.16 -7.44 5.07
C SER B 174 25.15 -6.39 4.65
N SER B 175 25.07 -6.06 3.37
CA SER B 175 24.03 -5.10 2.90
C SER B 175 22.60 -5.61 3.00
N TRP B 176 22.34 -6.86 2.66
CA TRP B 176 20.96 -7.36 2.76
C TRP B 176 20.41 -7.08 4.15
N LYS B 177 21.23 -7.39 5.14
CA LYS B 177 20.98 -7.10 6.55
C LYS B 177 20.88 -5.63 6.95
N MET B 178 21.89 -4.81 6.63
CA MET B 178 21.98 -3.47 7.20
C MET B 178 21.15 -2.43 6.47
N GLY B 179 21.01 -2.60 5.15
CA GLY B 179 20.23 -1.69 4.34
C GLY B 179 18.83 -1.53 4.90
N ALA B 180 18.13 -2.66 5.06
CA ALA B 180 16.74 -2.59 5.52
C ALA B 180 16.67 -2.10 6.98
N ALA B 181 17.54 -2.61 7.84
CA ALA B 181 17.51 -2.23 9.23
C ALA B 181 17.86 -0.73 9.41
N LEU B 182 18.93 -0.29 8.77
CA LEU B 182 19.31 1.11 8.87
C LEU B 182 18.25 2.03 8.29
N ALA B 183 17.54 1.60 7.27
CA ALA B 183 16.51 2.45 6.66
C ALA B 183 15.31 2.76 7.58
N THR B 184 15.00 1.84 8.50
CA THR B 184 13.93 2.01 9.48
C THR B 184 14.41 2.80 10.68
N GLY B 185 15.72 2.95 10.83
CA GLY B 185 16.31 3.75 11.89
C GLY B 185 16.84 2.93 13.03
N CYS B 186 17.01 1.62 12.88
CA CYS B 186 17.67 0.78 13.90
C CYS B 186 19.18 1.04 14.04
N THR B 187 19.81 0.40 15.03
CA THR B 187 21.27 0.41 15.14
C THR B 187 21.63 -1.05 15.15
N ILE B 188 22.92 -1.34 14.96
CA ILE B 188 23.33 -2.66 14.51
C ILE B 188 24.61 -3.18 15.19
N VAL B 189 24.52 -4.42 15.69
CA VAL B 189 25.68 -5.22 16.01
C VAL B 189 25.68 -6.40 15.02
N LEU B 190 26.68 -6.44 14.14
CA LEU B 190 26.85 -7.46 13.11
C LEU B 190 28.15 -8.31 13.28
N LYS B 191 28.00 -9.62 13.11
CA LYS B 191 29.11 -10.55 13.17
C LYS B 191 29.30 -11.15 11.78
N PRO B 192 30.44 -10.80 11.13
CA PRO B 192 30.74 -11.47 9.86
C PRO B 192 31.28 -12.89 10.14
N ALA B 193 31.32 -13.73 9.10
CA ALA B 193 31.77 -15.13 9.26
C ALA B 193 33.28 -15.17 9.52
N GLU B 194 33.72 -16.07 10.40
CA GLU B 194 35.16 -16.19 10.74
C GLU B 194 36.04 -16.43 9.50
N GLN B 195 35.47 -17.09 8.48
CA GLN B 195 36.16 -17.35 7.19
C GLN B 195 36.37 -16.07 6.35
N THR B 196 35.46 -15.09 6.46
CA THR B 196 35.45 -13.95 5.54
C THR B 196 35.13 -12.58 6.21
N PRO B 197 35.91 -12.18 7.22
CA PRO B 197 35.61 -10.92 7.90
C PRO B 197 36.20 -9.66 7.24
N LEU B 198 37.07 -9.82 6.26
CA LEU B 198 37.94 -8.72 5.87
C LEU B 198 37.17 -7.63 5.19
N SER B 199 36.32 -8.05 4.30
CA SER B 199 35.63 -7.19 3.41
C SER B 199 34.68 -6.24 4.16
N LEU B 200 34.00 -6.78 5.15
CA LEU B 200 33.15 -5.96 6.00
C LEU B 200 34.00 -4.99 6.83
N LEU B 201 35.15 -5.45 7.31
CA LEU B 201 35.99 -4.63 8.17
C LEU B 201 36.76 -3.53 7.46
N TYR B 202 37.01 -3.70 6.16
CA TYR B 202 37.47 -2.61 5.30
C TYR B 202 36.36 -1.59 5.12
N ALA B 203 35.14 -2.06 4.87
CA ALA B 203 34.00 -1.18 4.62
C ALA B 203 33.63 -0.29 5.82
N ALA B 204 34.02 -0.71 7.02
CA ALA B 204 33.81 0.11 8.20
C ALA B 204 34.33 1.52 8.01
N LYS B 205 35.55 1.66 7.50
CA LYS B 205 36.10 2.99 7.14
C LYS B 205 35.09 3.84 6.39
N LEU B 206 34.36 3.21 5.46
CA LEU B 206 33.39 3.92 4.61
C LEU B 206 32.14 4.36 5.35
N PHE B 207 31.72 3.56 6.35
CA PHE B 207 30.69 4.02 7.28
C PHE B 207 31.17 5.23 8.08
N LYS B 208 32.42 5.20 8.52
CA LYS B 208 32.95 6.33 9.28
C LYS B 208 33.00 7.57 8.38
N GLU B 209 33.48 7.39 7.16
CA GLU B 209 33.73 8.51 6.28
C GLU B 209 32.39 9.10 5.74
N ALA B 210 31.38 8.26 5.52
CA ALA B 210 30.06 8.75 5.12
C ALA B 210 29.39 9.62 6.18
N GLY B 211 29.84 9.52 7.44
CA GLY B 211 29.33 10.37 8.54
C GLY B 211 28.36 9.71 9.50
N PHE B 212 28.34 8.38 9.51
CA PHE B 212 27.50 7.64 10.45
C PHE B 212 27.90 7.99 11.88
N PRO B 213 26.95 8.49 12.70
CA PRO B 213 27.26 8.70 14.12
C PRO B 213 27.82 7.47 14.82
N ASN B 214 28.50 7.71 15.94
CA ASN B 214 29.11 6.65 16.72
C ASN B 214 28.10 5.63 17.20
N GLY B 215 28.42 4.38 16.88
CA GLY B 215 27.66 3.27 17.39
C GLY B 215 26.43 2.89 16.61
N VAL B 216 26.15 3.61 15.53
CA VAL B 216 25.03 3.23 14.67
C VAL B 216 25.28 1.84 14.10
N VAL B 217 26.49 1.58 13.67
CA VAL B 217 26.89 0.27 13.29
C VAL B 217 28.12 -0.17 14.07
N ASN B 218 28.20 -1.47 14.33
CA ASN B 218 29.30 -2.05 15.07
C ASN B 218 29.57 -3.45 14.54
N PHE B 219 30.82 -3.72 14.19
CA PHE B 219 31.22 -4.98 13.56
C PHE B 219 32.15 -5.74 14.47
N VAL B 220 31.75 -6.96 14.84
CA VAL B 220 32.47 -7.76 15.83
C VAL B 220 32.82 -9.14 15.25
N PRO B 221 33.95 -9.23 14.53
CA PRO B 221 34.36 -10.54 13.97
C PRO B 221 34.78 -11.52 15.08
N GLY B 222 34.70 -12.81 14.80
CA GLY B 222 34.95 -13.84 15.78
C GLY B 222 34.31 -15.14 15.40
N PHE B 223 34.13 -16.01 16.40
CA PHE B 223 33.60 -17.37 16.22
C PHE B 223 32.14 -17.46 16.59
N GLY B 224 31.44 -18.42 16.00
CA GLY B 224 30.01 -18.55 16.18
C GLY B 224 29.59 -18.81 17.63
N PRO B 225 30.19 -19.82 18.28
CA PRO B 225 29.96 -20.10 19.70
C PRO B 225 30.36 -19.05 20.75
N GLU B 226 31.05 -17.96 20.36
CA GLU B 226 31.46 -16.94 21.30
C GLU B 226 30.83 -15.61 20.87
N ALA B 227 31.37 -14.95 19.85
CA ALA B 227 30.82 -13.68 19.37
C ALA B 227 29.39 -13.87 18.93
N GLY B 228 29.17 -14.92 18.15
CA GLY B 228 27.84 -15.20 17.60
C GLY B 228 26.84 -15.42 18.69
N ALA B 229 27.12 -16.36 19.59
CA ALA B 229 26.18 -16.68 20.68
C ALA B 229 25.99 -15.53 21.69
N ALA B 230 27.02 -14.71 21.89
CA ALA B 230 26.91 -13.50 22.71
C ALA B 230 25.79 -12.61 22.22
N ILE B 231 25.73 -12.41 20.90
CA ILE B 231 24.68 -11.64 20.22
C ILE B 231 23.30 -12.28 20.44
N VAL B 232 23.18 -13.56 20.09
CA VAL B 232 21.88 -14.23 20.20
C VAL B 232 21.27 -14.26 21.63
N ASN B 233 22.11 -14.29 22.66
CA ASN B 233 21.69 -14.41 24.09
C ASN B 233 21.71 -13.09 24.88
N HIS B 234 22.00 -11.97 24.21
CA HIS B 234 22.16 -10.71 24.91
C HIS B 234 20.80 -10.18 25.33
N HIS B 235 20.63 -9.77 26.61
CA HIS B 235 19.33 -9.26 27.16
C HIS B 235 18.80 -7.94 26.51
N ASP B 236 19.68 -7.18 25.83
CA ASP B 236 19.41 -5.82 25.34
C ASP B 236 19.45 -5.70 23.81
N ILE B 237 19.47 -6.85 23.13
CA ILE B 237 19.29 -6.87 21.68
C ILE B 237 17.82 -7.14 21.45
N ASP B 238 17.18 -6.28 20.66
CA ASP B 238 15.73 -6.29 20.48
C ASP B 238 15.20 -7.32 19.45
N LYS B 239 16.07 -7.72 18.53
CA LYS B 239 15.68 -8.51 17.40
C LYS B 239 16.92 -9.09 16.74
N VAL B 240 16.75 -10.30 16.17
CA VAL B 240 17.88 -10.99 15.58
C VAL B 240 17.55 -11.50 14.17
N ALA B 241 18.56 -11.40 13.30
CA ALA B 241 18.49 -11.81 11.91
C ALA B 241 19.71 -12.63 11.60
N PHE B 242 19.48 -13.78 10.99
CA PHE B 242 20.48 -14.77 10.78
C PHE B 242 20.35 -15.33 9.40
N THR B 243 21.51 -15.58 8.79
CA THR B 243 21.61 -16.31 7.55
C THR B 243 22.70 -17.34 7.76
N GLY B 244 22.44 -18.58 7.39
CA GLY B 244 23.41 -19.66 7.63
C GLY B 244 22.79 -21.02 7.50
N SER B 245 23.39 -22.00 8.18
CA SER B 245 22.89 -23.39 8.17
C SER B 245 21.62 -23.52 8.98
N THR B 246 20.85 -24.53 8.60
CA THR B 246 19.69 -24.95 9.33
C THR B 246 19.98 -25.28 10.80
N VAL B 247 21.05 -26.01 11.12
CA VAL B 247 21.35 -26.39 12.52
C VAL B 247 21.63 -25.19 13.45
N THR B 248 22.48 -24.26 12.98
CA THR B 248 22.65 -22.97 13.68
C THR B 248 21.33 -22.16 13.72
N GLY B 249 20.56 -22.23 12.64
CA GLY B 249 19.23 -21.61 12.55
C GLY B 249 18.33 -22.01 13.70
N LYS B 250 18.24 -23.32 13.91
CA LYS B 250 17.37 -23.92 14.94
C LYS B 250 17.74 -23.45 16.34
N TYR B 251 19.06 -23.44 16.62
CA TYR B 251 19.64 -22.88 17.86
C TYR B 251 19.27 -21.40 18.10
N ILE B 252 19.44 -20.57 17.09
CA ILE B 252 19.15 -19.14 17.25
C ILE B 252 17.69 -18.89 17.64
N MET B 253 16.78 -19.60 16.96
CA MET B 253 15.35 -19.55 17.29
C MET B 253 15.08 -20.10 18.69
N ARG B 254 15.69 -21.23 19.04
CA ARG B 254 15.57 -21.78 20.41
C ARG B 254 15.92 -20.73 21.44
N GLN B 255 17.07 -20.09 21.25
CA GLN B 255 17.58 -19.12 22.20
C GLN B 255 16.76 -17.84 22.21
N SER B 256 16.35 -17.41 21.01
CA SER B 256 15.52 -16.22 20.85
C SER B 256 14.19 -16.35 21.58
N ALA B 257 13.71 -17.58 21.74
CA ALA B 257 12.48 -17.86 22.52
C ALA B 257 12.57 -17.46 24.00
N GLU B 258 13.73 -17.59 24.61
CA GLU B 258 13.88 -17.18 26.02
C GLU B 258 13.46 -15.71 26.24
N MET B 259 13.68 -14.86 25.25
CA MET B 259 13.39 -13.41 25.36
C MET B 259 12.21 -12.90 24.51
N ILE B 260 11.39 -13.78 23.95
CA ILE B 260 10.36 -13.42 22.95
C ILE B 260 10.89 -12.39 21.94
N LYS B 261 11.96 -12.81 21.28
CA LYS B 261 12.68 -12.05 20.27
C LYS B 261 12.25 -12.52 18.88
N HIS B 262 11.89 -11.55 18.04
CA HIS B 262 11.53 -11.76 16.64
C HIS B 262 12.79 -12.24 15.93
N VAL B 263 12.62 -13.24 15.07
CA VAL B 263 13.70 -13.86 14.33
C VAL B 263 13.35 -13.83 12.85
N THR B 264 14.35 -13.58 12.02
CA THR B 264 14.22 -13.81 10.59
C THR B 264 15.38 -14.67 10.21
N LEU B 265 15.08 -15.80 9.56
CA LEU B 265 16.08 -16.78 9.19
C LEU B 265 16.11 -16.94 7.70
N GLU B 266 17.30 -16.90 7.13
CA GLU B 266 17.57 -17.33 5.76
C GLU B 266 18.54 -18.52 5.87
N LEU B 267 18.06 -19.69 5.45
CA LEU B 267 18.79 -20.96 5.63
C LEU B 267 18.92 -21.72 4.29
N GLY B 268 19.05 -23.05 4.36
CA GLY B 268 19.55 -23.81 3.23
C GLY B 268 18.51 -24.10 2.17
N GLY B 269 18.96 -24.75 1.12
CA GLY B 269 18.07 -25.13 0.02
C GLY B 269 18.49 -26.39 -0.69
N LYS B 270 17.59 -26.95 -1.48
CA LYS B 270 17.89 -28.05 -2.40
C LYS B 270 17.00 -27.82 -3.61
N SER B 271 17.17 -26.62 -4.14
CA SER B 271 16.20 -26.06 -5.07
C SER B 271 16.19 -26.84 -6.38
N PRO B 272 14.98 -27.09 -6.89
CA PRO B 272 14.85 -27.75 -8.19
C PRO B 272 14.94 -26.77 -9.35
N ASN B 273 15.55 -27.20 -10.43
CA ASN B 273 15.56 -26.45 -11.66
C ASN B 273 15.04 -27.41 -12.73
N ILE B 274 13.90 -27.04 -13.35
CA ILE B 274 13.04 -27.97 -14.08
C ILE B 274 12.90 -27.64 -15.58
N ILE B 275 13.24 -28.63 -16.42
CA ILE B 275 13.34 -28.45 -17.87
C ILE B 275 12.23 -29.32 -18.43
N LEU B 276 11.13 -28.66 -18.78
CA LEU B 276 9.96 -29.28 -19.31
C LEU B 276 10.18 -29.50 -20.81
N GLU B 277 9.24 -30.22 -21.42
CA GLU B 277 9.45 -30.70 -22.76
C GLU B 277 9.54 -29.55 -23.75
N ASP B 278 8.74 -28.53 -23.56
CA ASP B 278 8.77 -27.38 -24.46
C ASP B 278 9.73 -26.26 -24.02
N ALA B 279 10.69 -26.55 -23.15
CA ALA B 279 11.77 -25.57 -22.91
C ALA B 279 12.49 -25.22 -24.22
N ASP B 280 12.97 -23.99 -24.29
CA ASP B 280 14.11 -23.69 -25.15
C ASP B 280 15.36 -24.36 -24.57
N LEU B 281 15.73 -25.48 -25.18
CA LEU B 281 16.74 -26.35 -24.62
C LEU B 281 18.10 -25.68 -24.47
N GLU B 282 18.54 -24.91 -25.45
CA GLU B 282 19.84 -24.23 -25.36
C GLU B 282 19.90 -23.24 -24.21
N GLU B 283 18.84 -22.49 -23.98
CA GLU B 283 18.80 -21.57 -22.84
C GLU B 283 18.69 -22.25 -21.48
N ALA B 284 17.86 -23.30 -21.39
CA ALA B 284 17.69 -24.08 -20.14
C ALA B 284 18.95 -24.85 -19.71
N ILE B 285 19.76 -25.28 -20.68
CA ILE B 285 20.99 -25.97 -20.37
C ILE B 285 21.96 -25.03 -19.67
N ASN B 286 22.13 -23.81 -20.22
CA ASN B 286 23.01 -22.81 -19.61
C ASN B 286 22.47 -22.35 -18.27
N GLY B 287 21.15 -22.24 -18.19
CA GLY B 287 20.47 -21.91 -16.94
C GLY B 287 20.70 -22.94 -15.87
N ALA B 288 20.55 -24.21 -16.24
CA ALA B 288 20.79 -25.32 -15.31
C ALA B 288 22.22 -25.35 -14.85
N PHE B 289 23.15 -25.12 -15.77
CA PHE B 289 24.54 -25.20 -15.43
C PHE B 289 24.98 -24.04 -14.54
N GLN B 290 24.62 -22.81 -14.91
CA GLN B 290 25.01 -21.65 -14.11
C GLN B 290 24.30 -21.77 -12.77
N GLY B 291 23.10 -22.36 -12.76
CA GLY B 291 22.27 -22.39 -11.57
C GLY B 291 22.92 -23.09 -10.39
N ILE B 292 23.70 -24.13 -10.69
CA ILE B 292 24.43 -24.88 -9.67
C ILE B 292 25.87 -24.41 -9.56
N MET B 293 26.51 -24.09 -10.67
CA MET B 293 27.93 -23.79 -10.66
C MET B 293 28.28 -22.33 -10.27
N TYR B 294 27.30 -21.44 -10.22
CA TYR B 294 27.56 -20.05 -9.83
C TYR B 294 28.02 -20.03 -8.38
N ASN B 295 29.11 -19.30 -8.14
CA ASN B 295 29.75 -19.21 -6.81
C ASN B 295 30.15 -20.56 -6.23
N HIS B 296 30.60 -21.44 -7.13
CA HIS B 296 31.17 -22.72 -6.79
C HIS B 296 30.10 -23.61 -6.13
N GLY B 297 28.83 -23.34 -6.40
CA GLY B 297 27.74 -24.04 -5.70
C GLY B 297 27.49 -23.67 -4.26
N GLN B 298 28.18 -22.63 -3.77
CA GLN B 298 28.11 -22.19 -2.38
C GLN B 298 27.10 -21.10 -2.37
N ASN B 299 25.85 -21.52 -2.54
CA ASN B 299 24.78 -20.61 -2.77
C ASN B 299 23.49 -21.31 -2.43
N CYS B 300 22.80 -20.74 -1.44
CA CYS B 300 21.58 -21.26 -0.83
CA CYS B 300 21.67 -21.45 -0.90
C CYS B 300 20.52 -21.65 -1.87
N SER B 301 20.39 -20.78 -2.86
CA SER B 301 19.39 -20.92 -3.92
C SER B 301 19.85 -21.77 -5.11
N ALA B 302 20.97 -22.49 -4.99
CA ALA B 302 21.56 -23.18 -6.13
C ALA B 302 20.60 -24.23 -6.59
N GLY B 303 20.51 -24.42 -7.90
CA GLY B 303 19.62 -25.43 -8.45
C GLY B 303 20.29 -26.80 -8.50
N SER B 304 20.47 -27.40 -7.34
CA SER B 304 21.25 -28.61 -7.24
C SER B 304 20.46 -29.86 -7.68
N ARG B 305 19.17 -29.73 -7.91
CA ARG B 305 18.38 -30.80 -8.51
C ARG B 305 17.88 -30.36 -9.90
N VAL B 306 18.60 -30.72 -10.95
CA VAL B 306 18.13 -30.43 -12.30
C VAL B 306 17.19 -31.56 -12.72
N PHE B 307 15.87 -31.26 -12.80
CA PHE B 307 14.87 -32.20 -13.35
C PHE B 307 14.74 -31.95 -14.85
N VAL B 308 14.84 -33.00 -15.65
CA VAL B 308 14.75 -32.88 -17.09
C VAL B 308 13.69 -33.81 -17.57
N HIS B 309 12.75 -33.30 -18.36
CA HIS B 309 11.83 -34.15 -19.06
C HIS B 309 12.60 -35.26 -19.81
N ARG B 310 12.02 -36.47 -19.82
CA ARG B 310 12.72 -37.67 -20.28
C ARG B 310 13.28 -37.59 -21.70
N LYS B 311 12.48 -37.05 -22.60
CA LYS B 311 12.90 -36.77 -23.97
C LYS B 311 14.20 -35.96 -24.09
N HIS B 312 14.52 -35.07 -23.15
CA HIS B 312 15.76 -34.28 -23.22
C HIS B 312 16.85 -34.64 -22.25
N TYR B 313 16.62 -35.64 -21.40
CA TYR B 313 17.54 -36.05 -20.35
C TYR B 313 18.99 -36.29 -20.80
N GLU B 314 19.15 -37.22 -21.74
CA GLU B 314 20.47 -37.63 -22.22
C GLU B 314 21.21 -36.47 -22.90
N THR B 315 20.46 -35.58 -23.57
CA THR B 315 21.02 -34.35 -24.15
C THR B 315 21.51 -33.37 -23.08
N VAL B 316 20.67 -33.06 -22.07
CA VAL B 316 21.13 -32.08 -21.09
C VAL B 316 22.31 -32.68 -20.29
N VAL B 317 22.25 -33.95 -19.93
CA VAL B 317 23.35 -34.60 -19.19
C VAL B 317 24.70 -34.51 -19.95
N ASP B 318 24.69 -34.85 -21.22
CA ASP B 318 25.86 -34.68 -22.07
C ASP B 318 26.36 -33.25 -22.10
N ALA B 319 25.45 -32.30 -22.25
CA ALA B 319 25.84 -30.90 -22.18
C ALA B 319 26.36 -30.53 -20.79
N LEU B 320 25.71 -30.97 -19.72
CA LEU B 320 26.23 -30.61 -18.38
C LEU B 320 27.61 -31.21 -18.04
N VAL B 321 27.86 -32.45 -18.49
CA VAL B 321 29.19 -33.09 -18.34
C VAL B 321 30.27 -32.26 -19.08
N LYS B 322 30.01 -31.93 -20.34
CA LYS B 322 30.98 -31.15 -21.13
C LYS B 322 31.31 -29.83 -20.44
N MET B 323 30.27 -29.13 -20.02
CA MET B 323 30.45 -27.85 -19.34
C MET B 323 31.10 -28.00 -17.98
N ALA B 324 30.78 -29.05 -17.24
CA ALA B 324 31.48 -29.33 -16.00
C ALA B 324 32.99 -29.45 -16.23
N ASN B 325 33.40 -30.25 -17.23
CA ASN B 325 34.83 -30.43 -17.48
C ASN B 325 35.49 -29.19 -18.08
N ASN B 326 34.73 -28.32 -18.69
CA ASN B 326 35.26 -27.12 -19.23
C ASN B 326 35.55 -25.97 -18.32
N VAL B 327 35.07 -25.95 -17.09
CA VAL B 327 35.31 -24.83 -16.22
C VAL B 327 36.73 -24.65 -15.81
N LYS B 328 37.15 -23.41 -15.80
CA LYS B 328 38.50 -23.09 -15.48
C LYS B 328 38.70 -22.83 -14.03
N LEU B 329 39.40 -23.76 -13.42
CA LEU B 329 39.66 -23.73 -11.99
C LEU B 329 40.94 -22.96 -11.71
N GLY B 330 40.91 -22.08 -10.72
CA GLY B 330 42.09 -21.37 -10.32
C GLY B 330 41.80 -20.43 -9.18
N ALA B 331 42.82 -19.65 -8.84
CA ALA B 331 42.78 -18.66 -7.77
C ALA B 331 41.96 -17.46 -8.24
N GLY B 332 41.14 -16.95 -7.32
CA GLY B 332 40.29 -15.78 -7.57
C GLY B 332 41.01 -14.52 -8.07
N MET B 333 42.27 -14.40 -7.74
CA MET B 333 43.08 -13.31 -8.15
C MET B 333 43.83 -13.50 -9.45
N GLU B 334 43.43 -14.47 -10.24
CA GLU B 334 43.99 -14.75 -11.53
C GLU B 334 42.89 -14.38 -12.48
N LYS B 335 43.23 -13.72 -13.55
CA LYS B 335 42.32 -13.20 -14.56
C LYS B 335 41.51 -14.24 -15.29
N GLU B 336 42.12 -15.34 -15.56
CA GLU B 336 41.52 -16.42 -16.36
C GLU B 336 40.56 -17.32 -15.57
N THR B 337 40.44 -17.15 -14.25
CA THR B 337 39.67 -18.08 -13.43
C THR B 337 38.17 -17.89 -13.56
N GLU B 338 37.45 -19.00 -13.76
CA GLU B 338 36.00 -19.03 -13.79
C GLU B 338 35.43 -19.60 -12.52
N MET B 339 36.14 -20.45 -11.83
CA MET B 339 35.74 -21.04 -10.58
C MET B 339 36.88 -21.16 -9.63
N GLY B 340 36.68 -20.68 -8.42
CA GLY B 340 37.65 -20.72 -7.39
C GLY B 340 37.42 -21.90 -6.53
N PRO B 341 38.10 -21.88 -5.33
CA PRO B 341 37.86 -23.03 -4.46
C PRO B 341 36.78 -22.89 -3.42
N LEU B 342 36.67 -23.88 -2.58
CA LEU B 342 35.75 -23.88 -1.50
C LEU B 342 36.38 -22.96 -0.47
N VAL B 343 35.59 -22.50 0.45
CA VAL B 343 35.99 -21.50 1.40
C VAL B 343 36.99 -21.98 2.43
N SER B 344 36.94 -23.27 2.74
CA SER B 344 37.81 -23.85 3.79
C SER B 344 38.17 -25.30 3.50
N LYS B 345 39.12 -25.79 4.28
CA LYS B 345 39.41 -27.20 4.31
C LYS B 345 38.18 -27.97 4.76
N LYS B 346 37.52 -27.52 5.82
CA LYS B 346 36.41 -28.30 6.34
C LYS B 346 35.29 -28.39 5.30
N GLN B 347 35.06 -27.30 4.55
CA GLN B 347 34.06 -27.33 3.49
C GLN B 347 34.42 -28.32 2.35
N GLN B 348 35.66 -28.29 1.86
CA GLN B 348 36.12 -29.26 0.85
C GLN B 348 35.94 -30.70 1.34
N GLU B 349 36.34 -30.97 2.58
CA GLU B 349 36.18 -32.32 3.11
C GLU B 349 34.70 -32.75 3.10
N ARG B 350 33.85 -31.87 3.52
CA ARG B 350 32.45 -32.05 3.50
C ARG B 350 31.82 -32.36 2.14
N VAL B 351 32.20 -31.65 1.08
CA VAL B 351 31.62 -31.95 -0.22
C VAL B 351 32.17 -33.22 -0.84
N LEU B 352 33.41 -33.53 -0.52
CA LEU B 352 34.10 -34.72 -0.93
C LEU B 352 33.50 -35.92 -0.21
N ASN B 353 33.09 -35.75 1.04
CA ASN B 353 32.35 -36.81 1.71
C ASN B 353 30.96 -36.99 1.18
N TYR B 354 30.35 -35.95 0.67
CA TYR B 354 29.07 -36.09 0.02
C TYR B 354 29.21 -36.82 -1.32
N ILE B 355 30.33 -36.58 -2.00
CA ILE B 355 30.61 -37.27 -3.22
C ILE B 355 30.81 -38.76 -2.95
N GLU B 356 31.69 -39.10 -1.99
CA GLU B 356 31.86 -40.52 -1.62
C GLU B 356 30.51 -41.14 -1.23
N GLN B 357 29.67 -40.46 -0.50
CA GLN B 357 28.37 -41.00 -0.14
C GLN B 357 27.47 -41.35 -1.33
N GLY B 358 27.52 -40.53 -2.35
CA GLY B 358 26.78 -40.69 -3.56
C GLY B 358 27.26 -41.85 -4.36
N LYS B 359 28.54 -42.12 -4.32
CA LYS B 359 29.08 -43.25 -5.02
C LYS B 359 28.68 -44.55 -4.33
N LYS B 360 28.70 -44.53 -3.02
CA LYS B 360 28.39 -45.70 -2.26
C LYS B 360 26.95 -46.01 -2.07
N GLU B 361 26.13 -45.14 -2.56
CA GLU B 361 24.72 -45.30 -2.51
C GLU B 361 24.20 -45.71 -3.86
N GLY B 362 25.07 -45.76 -4.85
CA GLY B 362 24.71 -46.19 -6.16
C GLY B 362 24.72 -45.24 -7.29
N ALA B 363 24.93 -43.98 -6.99
CA ALA B 363 24.98 -42.94 -8.02
C ALA B 363 26.26 -43.03 -8.84
N THR B 364 26.19 -42.44 -10.03
CA THR B 364 27.23 -42.48 -11.02
C THR B 364 27.75 -41.08 -11.22
N VAL B 365 29.05 -40.90 -11.05
CA VAL B 365 29.63 -39.61 -11.35
C VAL B 365 29.94 -39.58 -12.85
N ALA B 366 29.19 -38.78 -13.59
CA ALA B 366 29.42 -38.60 -15.01
C ALA B 366 30.50 -37.54 -15.27
N ALA B 367 30.83 -36.73 -14.26
CA ALA B 367 31.93 -35.77 -14.38
C ALA B 367 32.37 -35.30 -13.00
N GLY B 368 33.65 -35.00 -12.85
CA GLY B 368 34.15 -34.43 -11.62
C GLY B 368 34.39 -35.45 -10.53
N GLY B 369 33.92 -35.13 -9.33
CA GLY B 369 33.92 -36.08 -8.20
C GLY B 369 35.17 -36.20 -7.36
N GLU B 370 36.07 -35.24 -7.46
CA GLU B 370 37.35 -35.31 -6.76
C GLU B 370 37.95 -33.92 -6.62
N ARG B 371 38.96 -33.83 -5.75
CA ARG B 371 39.73 -32.62 -5.54
C ARG B 371 40.36 -32.21 -6.88
N ALA B 372 40.75 -30.95 -6.96
CA ALA B 372 41.41 -30.41 -8.10
C ALA B 372 42.62 -29.61 -7.60
N LEU B 373 43.64 -29.50 -8.43
CA LEU B 373 44.89 -28.76 -8.18
C LEU B 373 45.88 -29.30 -7.16
N GLU B 374 46.96 -28.59 -6.92
CA GLU B 374 48.02 -29.02 -6.02
C GLU B 374 47.79 -28.54 -4.66
N LYS B 375 47.42 -27.29 -4.53
CA LYS B 375 46.94 -26.73 -3.25
C LYS B 375 45.65 -25.89 -3.38
N GLY B 376 45.08 -25.54 -2.23
CA GLY B 376 43.82 -24.82 -2.15
C GLY B 376 42.67 -25.78 -1.99
N TYR B 377 41.49 -25.27 -1.63
CA TYR B 377 40.36 -26.12 -1.31
C TYR B 377 39.40 -26.35 -2.50
N PHE B 378 39.98 -26.79 -3.62
CA PHE B 378 39.26 -26.95 -4.88
C PHE B 378 38.57 -28.29 -5.01
N VAL B 379 37.47 -28.31 -5.70
CA VAL B 379 36.70 -29.47 -6.00
C VAL B 379 36.26 -29.31 -7.41
N LYS B 380 36.48 -30.31 -8.21
CA LYS B 380 36.06 -30.29 -9.57
C LYS B 380 34.57 -30.25 -9.69
N PRO B 381 34.11 -29.42 -10.70
CA PRO B 381 32.66 -29.42 -10.92
C PRO B 381 32.16 -30.85 -11.20
N THR B 382 31.14 -31.29 -10.49
CA THR B 382 30.60 -32.66 -10.50
C THR B 382 29.16 -32.88 -10.93
N VAL B 383 28.94 -33.88 -11.79
CA VAL B 383 27.62 -34.22 -12.31
C VAL B 383 27.25 -35.66 -11.92
N PHE B 384 26.15 -35.80 -11.17
CA PHE B 384 25.64 -37.13 -10.72
C PHE B 384 24.43 -37.57 -11.53
N THR B 385 24.50 -38.83 -11.96
CA THR B 385 23.47 -39.55 -12.70
C THR B 385 23.10 -40.78 -11.94
N ASP B 386 22.07 -41.45 -12.40
CA ASP B 386 21.46 -42.65 -11.81
C ASP B 386 21.17 -42.47 -10.33
N VAL B 387 20.41 -41.44 -10.04
CA VAL B 387 20.06 -41.08 -8.72
C VAL B 387 18.62 -41.32 -8.43
N THR B 388 18.28 -41.54 -7.18
CA THR B 388 16.91 -41.69 -6.80
C THR B 388 16.63 -40.62 -5.78
N ASP B 389 15.37 -40.29 -5.60
CA ASP B 389 14.93 -39.22 -4.63
C ASP B 389 15.29 -39.46 -3.16
N ASP B 390 15.40 -40.73 -2.79
CA ASP B 390 15.69 -41.14 -1.42
C ASP B 390 17.18 -41.11 -1.08
N MET B 391 18.05 -40.88 -2.06
CA MET B 391 19.49 -40.83 -1.80
C MET B 391 19.84 -39.55 -1.07
N THR B 392 20.80 -39.69 -0.14
CA THR B 392 21.38 -38.57 0.62
C THR B 392 21.80 -37.36 -0.26
N ILE B 393 22.58 -37.58 -1.32
CA ILE B 393 23.00 -36.52 -2.21
C ILE B 393 21.91 -35.75 -2.90
N VAL B 394 20.73 -36.32 -3.00
CA VAL B 394 19.62 -35.62 -3.60
C VAL B 394 18.71 -34.90 -2.61
N LYS B 395 18.88 -35.14 -1.34
CA LYS B 395 18.08 -34.48 -0.32
C LYS B 395 18.77 -33.39 0.48
N GLU B 396 20.02 -33.60 0.76
CA GLU B 396 20.79 -32.70 1.57
C GLU B 396 21.57 -31.72 0.80
N GLU B 397 21.65 -30.52 1.34
CA GLU B 397 22.45 -29.45 0.79
C GLU B 397 23.92 -29.82 0.88
N ILE B 398 24.57 -29.88 -0.26
CA ILE B 398 25.95 -30.22 -0.38
C ILE B 398 26.75 -28.95 -0.27
N PHE B 399 26.45 -27.96 -1.07
CA PHE B 399 27.15 -26.69 -1.04
C PHE B 399 28.49 -26.65 -1.77
N GLY B 400 28.63 -27.42 -2.82
CA GLY B 400 29.82 -27.44 -3.61
C GLY B 400 29.31 -27.44 -5.01
N PRO B 401 30.15 -27.44 -6.00
CA PRO B 401 29.70 -27.43 -7.39
C PRO B 401 29.27 -28.82 -7.86
N VAL B 402 28.18 -29.33 -7.30
CA VAL B 402 27.78 -30.73 -7.47
C VAL B 402 26.34 -30.79 -7.88
N VAL B 403 26.02 -31.29 -9.06
CA VAL B 403 24.61 -31.31 -9.49
C VAL B 403 24.13 -32.75 -9.64
N VAL B 404 22.85 -32.94 -9.41
CA VAL B 404 22.17 -34.19 -9.53
C VAL B 404 21.19 -33.96 -10.68
N VAL B 405 21.07 -34.92 -11.59
CA VAL B 405 20.25 -34.76 -12.78
C VAL B 405 19.22 -35.87 -12.83
N LEU B 406 17.91 -35.53 -12.84
CA LEU B 406 16.82 -36.51 -12.66
C LEU B 406 15.79 -36.49 -13.79
N PRO B 407 15.61 -37.63 -14.46
CA PRO B 407 14.55 -37.71 -15.47
C PRO B 407 13.14 -37.62 -14.84
N PHE B 408 12.14 -37.14 -15.58
CA PHE B 408 10.72 -37.24 -15.18
C PHE B 408 9.89 -37.37 -16.44
N ASP B 409 8.68 -37.92 -16.30
CA ASP B 409 7.77 -38.18 -17.42
C ASP B 409 6.50 -37.33 -17.49
N SER B 410 6.10 -36.71 -16.38
CA SER B 410 4.89 -35.88 -16.37
C SER B 410 5.05 -34.63 -15.48
N THR B 411 4.34 -33.56 -15.85
CA THR B 411 4.34 -32.32 -15.10
C THR B 411 3.85 -32.56 -13.66
N GLU B 412 2.83 -33.40 -13.50
CA GLU B 412 2.29 -33.63 -12.16
C GLU B 412 3.33 -34.38 -11.30
N GLU B 413 4.06 -35.31 -11.91
CA GLU B 413 5.11 -36.04 -11.21
C GLU B 413 6.23 -35.10 -10.67
N VAL B 414 6.77 -34.27 -11.57
CA VAL B 414 7.88 -33.37 -11.21
C VAL B 414 7.52 -32.28 -10.21
N ILE B 415 6.30 -31.77 -10.24
CA ILE B 415 5.86 -30.88 -9.19
C ILE B 415 5.92 -31.57 -7.83
N GLU B 416 5.46 -32.81 -7.78
CA GLU B 416 5.38 -33.54 -6.52
C GLU B 416 6.77 -33.89 -5.99
N ARG B 417 7.65 -34.28 -6.88
CA ARG B 417 9.03 -34.59 -6.51
C ARG B 417 9.84 -33.31 -6.17
N ALA B 418 9.62 -32.23 -6.89
CA ALA B 418 10.22 -30.94 -6.52
C ALA B 418 9.78 -30.50 -5.12
N ASN B 419 8.51 -30.65 -4.83
CA ASN B 419 7.93 -30.28 -3.60
C ASN B 419 8.22 -31.19 -2.44
N ASN B 420 8.59 -32.43 -2.67
CA ASN B 420 8.89 -33.35 -1.62
C ASN B 420 10.28 -33.09 -1.10
N SER B 421 10.31 -32.15 -0.21
CA SER B 421 11.52 -31.66 0.36
C SER B 421 11.18 -30.86 1.58
N SER B 422 12.16 -30.75 2.46
CA SER B 422 12.07 -29.97 3.66
C SER B 422 12.42 -28.54 3.33
N TYR B 423 13.07 -28.32 2.22
CA TYR B 423 13.46 -27.04 1.74
C TYR B 423 12.46 -26.41 0.82
N GLY B 424 12.53 -25.12 0.70
CA GLY B 424 11.66 -24.44 -0.27
C GLY B 424 12.10 -23.01 -0.44
N LEU B 425 13.34 -22.86 -0.90
CA LEU B 425 13.97 -21.54 -0.97
C LEU B 425 13.78 -20.89 -2.32
N ALA B 426 14.07 -21.66 -3.39
CA ALA B 426 13.94 -21.20 -4.75
C ALA B 426 13.58 -22.31 -5.71
N ALA B 427 13.26 -21.95 -6.94
CA ALA B 427 13.03 -22.96 -7.97
C ALA B 427 13.09 -22.35 -9.35
N GLY B 428 13.46 -23.16 -10.32
CA GLY B 428 13.46 -22.72 -11.71
C GLY B 428 12.53 -23.55 -12.53
N VAL B 429 11.82 -22.92 -13.48
CA VAL B 429 11.02 -23.66 -14.44
C VAL B 429 11.22 -23.15 -15.87
N TRP B 430 11.55 -24.08 -16.78
CA TRP B 430 11.84 -23.79 -18.19
C TRP B 430 10.75 -24.38 -19.10
N THR B 431 10.00 -23.49 -19.73
CA THR B 431 8.88 -23.85 -20.55
C THR B 431 8.56 -22.65 -21.37
N GLN B 432 8.28 -22.84 -22.65
CA GLN B 432 7.86 -21.76 -23.57
C GLN B 432 6.37 -21.46 -23.50
N ASN B 433 5.59 -22.29 -22.83
CA ASN B 433 4.15 -22.13 -22.83
C ASN B 433 3.65 -21.22 -21.69
N ILE B 434 2.77 -20.28 -22.01
CA ILE B 434 2.32 -19.27 -21.03
C ILE B 434 1.55 -19.82 -19.82
N LYS B 435 0.56 -20.67 -20.07
CA LYS B 435 -0.20 -21.31 -19.00
C LYS B 435 0.66 -22.18 -18.08
N THR B 436 1.38 -23.13 -18.67
CA THR B 436 2.27 -24.03 -17.95
C THR B 436 3.26 -23.28 -17.07
N GLY B 437 3.86 -22.22 -17.59
CA GLY B 437 4.83 -21.43 -16.77
C GLY B 437 4.26 -21.00 -15.42
N HIS B 438 3.13 -20.32 -15.48
CA HIS B 438 2.43 -19.80 -14.30
C HIS B 438 1.68 -20.84 -13.48
N GLN B 439 1.27 -21.94 -14.11
CA GLN B 439 0.65 -23.04 -13.36
C GLN B 439 1.69 -23.68 -12.47
N VAL B 440 2.87 -23.93 -13.04
CA VAL B 440 3.95 -24.59 -12.32
C VAL B 440 4.50 -23.65 -11.24
N ALA B 441 4.78 -22.40 -11.62
CA ALA B 441 5.19 -21.39 -10.62
C ALA B 441 4.27 -21.35 -9.40
N ASN B 442 2.98 -21.38 -9.66
CA ASN B 442 1.95 -21.34 -8.58
C ASN B 442 2.00 -22.52 -7.65
N LYS B 443 2.23 -23.70 -8.22
CA LYS B 443 2.24 -24.94 -7.46
C LYS B 443 3.55 -25.28 -6.70
N LEU B 444 4.68 -24.69 -7.02
CA LEU B 444 5.88 -24.97 -6.32
C LEU B 444 6.03 -24.27 -4.99
N LYS B 445 6.34 -25.03 -3.96
CA LYS B 445 6.51 -24.49 -2.64
C LYS B 445 7.91 -23.91 -2.49
N ALA B 446 8.08 -22.68 -2.91
CA ALA B 446 9.36 -21.98 -2.96
C ALA B 446 9.19 -20.49 -2.93
N GLY B 447 10.06 -19.82 -2.21
CA GLY B 447 10.04 -18.39 -2.04
C GLY B 447 10.25 -17.59 -3.27
N THR B 448 11.06 -18.10 -4.17
CA THR B 448 11.34 -17.44 -5.40
C THR B 448 11.20 -18.40 -6.53
N VAL B 449 10.50 -18.01 -7.58
CA VAL B 449 10.39 -18.79 -8.77
C VAL B 449 10.88 -17.99 -9.98
N TRP B 450 11.76 -18.58 -10.72
CA TRP B 450 12.26 -18.06 -11.94
C TRP B 450 11.64 -18.86 -13.09
N ILE B 451 11.02 -18.19 -14.03
CA ILE B 451 10.43 -18.81 -15.19
C ILE B 451 11.34 -18.43 -16.35
N ASN B 452 12.11 -19.39 -16.81
CA ASN B 452 13.07 -19.26 -17.88
C ASN B 452 14.27 -18.45 -17.54
N ASP B 453 14.76 -18.63 -16.35
CA ASP B 453 15.95 -17.99 -15.88
C ASP B 453 16.28 -18.66 -14.61
N TYR B 454 17.28 -18.22 -13.91
CA TYR B 454 17.67 -18.79 -12.66
C TYR B 454 18.65 -17.89 -11.99
N ASN B 455 18.62 -17.88 -10.68
CA ASN B 455 19.58 -17.13 -9.86
C ASN B 455 19.54 -15.60 -9.94
N LEU B 456 18.42 -15.01 -10.30
CA LEU B 456 18.32 -13.57 -10.34
C LEU B 456 17.92 -12.98 -8.97
N GLU B 457 18.67 -11.97 -8.53
CA GLU B 457 18.39 -11.22 -7.29
C GLU B 457 18.42 -9.74 -7.58
N ASN B 458 17.61 -9.02 -6.85
CA ASN B 458 17.51 -7.60 -6.92
C ASN B 458 16.98 -7.02 -5.62
N ALA B 459 17.58 -5.94 -5.16
CA ALA B 459 17.16 -5.21 -3.97
C ALA B 459 15.65 -5.02 -3.82
N ALA B 460 14.96 -4.86 -4.92
CA ALA B 460 13.52 -4.67 -5.02
C ALA B 460 12.64 -5.88 -4.90
N ALA B 461 13.16 -7.06 -5.15
CA ALA B 461 12.41 -8.31 -5.08
C ALA B 461 12.69 -9.10 -3.82
N PRO B 462 11.66 -9.54 -3.12
CA PRO B 462 11.84 -10.33 -1.90
C PRO B 462 12.48 -11.71 -2.04
N PHE B 463 13.29 -12.07 -1.08
CA PHE B 463 13.98 -13.34 -1.07
C PHE B 463 13.87 -14.04 0.25
N GLY B 464 13.54 -15.32 0.22
CA GLY B 464 13.40 -16.11 1.42
C GLY B 464 12.72 -17.45 1.29
N GLY B 465 12.78 -18.25 2.31
CA GLY B 465 12.17 -19.55 2.21
C GLY B 465 10.88 -19.95 2.81
N TYR B 466 10.29 -20.98 2.24
CA TYR B 466 9.08 -21.65 2.67
C TYR B 466 9.68 -22.78 3.44
N LYS B 467 8.95 -23.39 4.35
CA LYS B 467 9.45 -24.52 5.13
C LYS B 467 10.76 -24.36 5.90
N GLN B 468 11.69 -25.28 5.79
CA GLN B 468 12.92 -25.20 6.55
C GLN B 468 13.99 -24.37 5.91
N SER B 469 13.62 -23.61 4.92
CA SER B 469 14.54 -22.72 4.26
C SER B 469 14.55 -21.37 4.95
N GLY B 470 13.65 -21.19 5.90
CA GLY B 470 13.57 -19.98 6.66
C GLY B 470 12.23 -19.54 7.19
N ILE B 471 12.26 -18.35 7.75
CA ILE B 471 11.19 -17.57 8.28
C ILE B 471 11.46 -16.12 7.88
N GLY B 472 10.53 -15.49 7.21
CA GLY B 472 10.67 -14.15 6.74
C GLY B 472 11.29 -13.89 5.39
N ARG B 473 11.28 -12.65 4.98
CA ARG B 473 11.86 -12.27 3.72
C ARG B 473 12.84 -11.13 3.89
N GLU B 474 13.84 -11.08 3.04
CA GLU B 474 14.78 -10.03 3.04
C GLU B 474 14.67 -9.55 1.68
N LEU B 475 15.00 -8.30 1.48
CA LEU B 475 14.94 -7.62 0.22
C LEU B 475 13.52 -7.11 -0.01
N GLY B 476 13.42 -6.14 -0.89
CA GLY B 476 12.15 -5.50 -1.22
C GLY B 476 11.60 -4.65 -0.09
N SER B 477 10.33 -4.26 -0.25
CA SER B 477 9.62 -3.56 0.78
C SER B 477 9.43 -4.44 2.01
N TYR B 478 9.29 -5.75 1.77
CA TYR B 478 8.96 -6.75 2.78
C TYR B 478 10.00 -6.79 3.92
N ALA B 479 11.27 -6.69 3.54
CA ALA B 479 12.34 -6.68 4.50
C ALA B 479 12.18 -5.63 5.58
N LEU B 480 11.60 -4.48 5.27
CA LEU B 480 11.42 -3.42 6.28
C LEU B 480 10.63 -3.89 7.50
N ASP B 481 9.69 -4.79 7.26
CA ASP B 481 8.78 -5.25 8.29
C ASP B 481 9.46 -5.89 9.49
N ASN B 482 10.59 -6.51 9.28
CA ASN B 482 11.36 -7.18 10.32
C ASN B 482 12.06 -6.29 11.29
N TYR B 483 12.28 -5.06 10.86
CA TYR B 483 12.97 -4.09 11.63
C TYR B 483 12.07 -3.05 12.25
N THR B 484 10.82 -3.30 12.09
CA THR B 484 9.79 -2.47 12.57
C THR B 484 8.99 -3.08 13.71
N GLU B 485 8.34 -2.22 14.44
CA GLU B 485 7.46 -2.56 15.50
C GLU B 485 6.27 -1.67 15.22
N VAL B 486 5.08 -2.23 15.15
CA VAL B 486 3.84 -1.46 14.82
C VAL B 486 3.10 -1.00 16.08
N LYS B 487 2.87 0.31 16.16
CA LYS B 487 2.16 0.93 17.28
C LYS B 487 0.88 1.53 16.75
N SER B 488 -0.23 1.04 17.27
CA SER B 488 -1.56 1.59 17.00
C SER B 488 -1.91 2.63 18.06
N VAL B 489 -2.07 3.87 17.62
CA VAL B 489 -2.40 4.99 18.48
C VAL B 489 -3.87 5.30 18.29
N TRP B 490 -4.57 5.55 19.37
CA TRP B 490 -5.99 5.98 19.33
C TRP B 490 -6.07 7.27 20.05
N VAL B 491 -6.62 8.28 19.39
CA VAL B 491 -6.74 9.61 19.99
C VAL B 491 -8.22 9.90 20.11
N ASN B 492 -8.69 9.94 21.35
CA ASN B 492 -10.06 10.36 21.63
C ASN B 492 -10.25 11.81 21.15
N ILE B 493 -11.16 12.05 20.26
CA ILE B 493 -11.41 13.41 19.80
C ILE B 493 -12.87 13.76 19.95
N LYS B 494 -13.51 12.98 20.76
CA LYS B 494 -14.89 13.04 21.04
C LYS B 494 -15.26 14.25 21.80
N ILE C 6 -31.55 -14.67 35.07
CA ILE C 6 -31.59 -14.77 33.61
C ILE C 6 -31.92 -16.18 33.20
N GLU C 7 -33.08 -16.32 32.56
CA GLU C 7 -33.56 -17.57 32.06
C GLU C 7 -32.72 -18.09 30.93
N LEU C 8 -32.27 -19.31 31.03
CA LEU C 8 -31.50 -19.95 29.99
C LEU C 8 -32.28 -20.17 28.71
N LYS C 9 -31.74 -19.77 27.59
CA LYS C 9 -32.33 -20.02 26.27
C LYS C 9 -32.52 -21.52 26.03
N PRO C 10 -33.63 -21.88 25.38
CA PRO C 10 -33.87 -23.27 25.01
C PRO C 10 -32.72 -23.92 24.29
N LYS C 11 -32.14 -23.24 23.29
CA LYS C 11 -31.06 -23.84 22.52
C LYS C 11 -29.79 -24.10 23.34
N VAL C 12 -29.53 -23.24 24.32
CA VAL C 12 -28.47 -23.41 25.31
C VAL C 12 -28.79 -24.59 26.22
N GLU C 13 -30.03 -24.63 26.72
CA GLU C 13 -30.53 -25.77 27.51
C GLU C 13 -30.31 -27.13 26.78
N ALA C 14 -30.69 -27.17 25.50
CA ALA C 14 -30.54 -28.36 24.69
C ALA C 14 -29.09 -28.72 24.44
N PHE C 15 -28.27 -27.69 24.19
CA PHE C 15 -26.85 -27.89 23.96
C PHE C 15 -26.16 -28.47 25.21
N LEU C 16 -26.50 -27.94 26.41
CA LEU C 16 -25.89 -28.40 27.67
C LEU C 16 -26.39 -29.74 28.16
N ASN C 17 -27.52 -30.16 27.64
CA ASN C 17 -28.14 -31.39 27.99
C ASN C 17 -27.50 -32.66 27.46
N GLU C 18 -26.55 -32.52 26.56
CA GLU C 18 -25.86 -33.64 26.03
C GLU C 18 -24.36 -33.44 26.19
N GLU C 19 -23.61 -34.43 25.79
CA GLU C 19 -22.20 -34.45 25.78
C GLU C 19 -21.81 -33.45 24.72
N ILE C 20 -20.78 -32.69 24.95
CA ILE C 20 -20.33 -31.68 23.97
C ILE C 20 -19.31 -32.26 22.99
N LYS C 21 -19.69 -32.36 21.74
CA LYS C 21 -18.85 -32.90 20.70
C LYS C 21 -17.82 -31.97 20.14
N MET C 22 -16.81 -32.53 19.52
CA MET C 22 -15.72 -31.87 18.87
C MET C 22 -16.17 -31.73 17.45
N PHE C 23 -15.55 -30.88 16.68
CA PHE C 23 -15.88 -30.64 15.27
C PHE C 23 -14.63 -30.87 14.44
N ILE C 24 -14.59 -32.01 13.75
CA ILE C 24 -13.51 -32.44 12.88
C ILE C 24 -14.05 -32.84 11.51
N ASN C 25 -13.45 -32.40 10.43
CA ASN C 25 -13.89 -32.68 9.07
C ASN C 25 -15.34 -32.45 8.78
N GLY C 26 -15.95 -31.50 9.43
CA GLY C 26 -17.32 -31.17 9.22
C GLY C 26 -18.36 -31.92 9.97
N GLU C 27 -17.94 -32.80 10.83
CA GLU C 27 -18.84 -33.58 11.61
C GLU C 27 -18.61 -33.40 13.10
N PHE C 28 -19.66 -33.53 13.84
CA PHE C 28 -19.62 -33.48 15.27
C PHE C 28 -19.26 -34.85 15.76
N VAL C 29 -18.17 -34.93 16.50
CA VAL C 29 -17.68 -36.19 16.94
C VAL C 29 -17.24 -36.29 18.34
N SER C 30 -17.06 -37.51 18.75
CA SER C 30 -16.53 -37.79 20.02
C SER C 30 -15.10 -37.98 19.76
N ALA C 31 -14.32 -38.01 20.78
CA ALA C 31 -12.92 -38.34 20.70
C ALA C 31 -12.83 -39.79 20.32
N ILE C 32 -11.85 -40.10 19.47
CA ILE C 32 -11.66 -41.43 18.92
C ILE C 32 -11.72 -42.49 20.01
N GLY C 33 -11.10 -42.22 21.16
CA GLY C 33 -11.06 -43.18 22.25
C GLY C 33 -12.06 -42.87 23.36
N GLY C 34 -13.08 -42.06 23.09
CA GLY C 34 -14.14 -41.77 24.10
C GLY C 34 -13.83 -40.98 25.37
N LYS C 35 -12.65 -40.36 25.47
CA LYS C 35 -12.30 -39.57 26.66
C LYS C 35 -13.11 -38.28 26.77
N THR C 36 -13.32 -37.80 27.99
CA THR C 36 -14.08 -36.60 28.28
C THR C 36 -13.57 -35.83 29.50
N PHE C 37 -13.98 -34.60 29.60
CA PHE C 37 -13.53 -33.74 30.69
C PHE C 37 -14.67 -32.83 31.05
N GLU C 38 -14.54 -32.13 32.14
CA GLU C 38 -15.54 -31.25 32.65
C GLU C 38 -15.16 -29.81 32.66
N THR C 39 -16.16 -28.98 32.39
CA THR C 39 -16.08 -27.55 32.38
C THR C 39 -16.99 -27.06 33.48
N TYR C 40 -16.57 -26.04 34.19
CA TYR C 40 -17.34 -25.50 35.30
C TYR C 40 -17.93 -24.16 35.13
N ASN C 41 -18.87 -23.85 35.99
CA ASN C 41 -19.49 -22.57 36.11
C ASN C 41 -18.64 -22.00 37.22
N PRO C 42 -17.86 -20.97 36.98
CA PRO C 42 -16.99 -20.40 38.03
C PRO C 42 -17.69 -19.63 39.12
N ALA C 43 -18.94 -19.27 38.97
CA ALA C 43 -19.71 -18.60 39.97
C ALA C 43 -20.30 -19.56 41.04
N THR C 44 -20.51 -20.82 40.70
CA THR C 44 -21.07 -21.79 41.59
C THR C 44 -20.18 -22.97 41.93
N GLU C 45 -19.19 -23.20 41.10
CA GLU C 45 -18.30 -24.31 41.19
C GLU C 45 -18.89 -25.64 40.66
N ASP C 46 -20.09 -25.61 40.14
CA ASP C 46 -20.79 -26.78 39.60
C ASP C 46 -20.21 -27.21 38.25
N VAL C 47 -20.32 -28.51 37.97
CA VAL C 47 -20.07 -29.00 36.60
C VAL C 47 -21.09 -28.37 35.68
N LEU C 48 -20.59 -27.79 34.60
CA LEU C 48 -21.40 -27.16 33.61
C LEU C 48 -21.71 -28.03 32.38
N ALA C 49 -20.78 -28.86 31.96
CA ALA C 49 -20.96 -29.71 30.82
C ALA C 49 -19.85 -30.65 30.77
N VAL C 50 -20.04 -31.71 30.04
CA VAL C 50 -19.04 -32.70 29.83
C VAL C 50 -18.74 -32.64 28.37
N VAL C 51 -17.48 -32.52 28.10
CA VAL C 51 -16.90 -32.31 26.81
C VAL C 51 -15.94 -33.39 26.39
N CYS C 52 -15.97 -33.69 25.11
CA CYS C 52 -15.12 -34.66 24.51
C CYS C 52 -13.74 -34.08 24.46
N GLU C 53 -12.79 -34.86 24.90
CA GLU C 53 -11.43 -34.45 25.05
C GLU C 53 -10.52 -34.86 23.97
N ALA C 54 -9.99 -33.94 23.22
CA ALA C 54 -9.05 -34.26 22.16
C ALA C 54 -7.69 -34.78 22.59
N GLN C 55 -7.30 -35.89 22.02
CA GLN C 55 -6.02 -36.50 22.24
C GLN C 55 -5.14 -36.30 21.04
N GLU C 56 -3.92 -36.78 21.07
CA GLU C 56 -2.95 -36.68 19.99
C GLU C 56 -3.55 -37.21 18.73
N GLU C 57 -4.07 -38.41 18.80
CA GLU C 57 -4.83 -39.04 17.72
C GLU C 57 -5.90 -38.13 17.12
N ASP C 58 -6.68 -37.42 17.92
CA ASP C 58 -7.74 -36.54 17.37
C ASP C 58 -7.18 -35.33 16.64
N ILE C 59 -6.07 -34.78 17.09
CA ILE C 59 -5.38 -33.66 16.45
C ILE C 59 -4.82 -34.10 15.12
N ASP C 60 -4.51 -35.36 15.02
CA ASP C 60 -4.02 -35.97 13.83
C ASP C 60 -5.14 -36.11 12.83
N ALA C 61 -6.29 -36.54 13.29
CA ALA C 61 -7.46 -36.60 12.43
C ALA C 61 -7.82 -35.17 11.94
N ALA C 62 -7.77 -34.19 12.84
CA ALA C 62 -8.03 -32.75 12.45
C ALA C 62 -7.08 -32.17 11.42
N VAL C 63 -5.79 -32.49 11.56
CA VAL C 63 -4.75 -32.01 10.62
C VAL C 63 -4.91 -32.65 9.24
N LYS C 64 -5.31 -33.91 9.17
CA LYS C 64 -5.46 -34.60 7.89
C LYS C 64 -6.64 -33.98 7.15
N ALA C 65 -7.77 -33.85 7.86
CA ALA C 65 -8.92 -33.15 7.37
C ALA C 65 -8.59 -31.71 6.89
N ALA C 66 -7.79 -30.98 7.66
CA ALA C 66 -7.45 -29.59 7.26
C ALA C 66 -6.53 -29.57 6.05
N ARG C 67 -5.62 -30.55 5.98
CA ARG C 67 -4.71 -30.73 4.84
C ARG C 67 -5.49 -31.02 3.54
N SER C 68 -6.48 -31.86 3.68
CA SER C 68 -7.31 -32.25 2.53
C SER C 68 -8.17 -31.11 2.01
N ALA C 69 -8.75 -30.35 2.94
CA ALA C 69 -9.56 -29.20 2.56
C ALA C 69 -8.73 -28.12 1.91
N PHE C 70 -7.44 -28.05 2.24
CA PHE C 70 -6.55 -27.08 1.64
C PHE C 70 -6.00 -27.45 0.24
N GLU C 71 -5.62 -28.71 0.05
CA GLU C 71 -5.04 -29.20 -1.19
C GLU C 71 -6.11 -29.43 -2.26
N SER C 72 -7.34 -29.72 -1.89
CA SER C 72 -8.32 -30.09 -2.90
C SER C 72 -9.75 -29.96 -2.42
N GLY C 73 -10.59 -29.58 -3.31
CA GLY C 73 -11.94 -29.47 -2.95
C GLY C 73 -12.39 -28.08 -3.07
N PRO C 74 -13.65 -27.94 -2.54
CA PRO C 74 -14.25 -26.62 -2.63
C PRO C 74 -13.46 -25.47 -2.19
N TRP C 75 -12.88 -25.51 -1.00
CA TRP C 75 -12.10 -24.45 -0.44
C TRP C 75 -10.92 -24.07 -1.29
N ALA C 76 -10.29 -25.02 -1.89
CA ALA C 76 -9.16 -24.79 -2.70
C ALA C 76 -9.48 -24.18 -4.06
N GLU C 77 -10.69 -24.35 -4.56
CA GLU C 77 -11.06 -23.92 -5.87
C GLU C 77 -11.81 -22.66 -6.02
N MET C 78 -12.57 -22.40 -5.02
CA MET C 78 -13.41 -21.29 -4.79
C MET C 78 -12.78 -19.92 -5.01
N THR C 79 -13.55 -18.99 -5.52
CA THR C 79 -13.08 -17.64 -5.71
C THR C 79 -13.00 -16.92 -4.39
N THR C 80 -12.31 -15.81 -4.39
CA THR C 80 -12.22 -15.01 -3.22
C THR C 80 -13.55 -14.42 -2.83
N ALA C 81 -14.39 -14.13 -3.79
CA ALA C 81 -15.69 -13.59 -3.54
C ALA C 81 -16.60 -14.60 -2.88
N GLU C 82 -16.40 -15.85 -3.17
CA GLU C 82 -17.13 -16.94 -2.62
C GLU C 82 -16.71 -17.25 -1.20
N ARG C 83 -15.46 -17.04 -0.88
CA ARG C 83 -14.92 -17.24 0.41
C ARG C 83 -15.33 -16.11 1.31
N ALA C 84 -15.41 -14.92 0.78
CA ALA C 84 -15.80 -13.76 1.49
C ALA C 84 -17.21 -13.91 1.85
N HIS C 85 -17.97 -14.50 0.97
CA HIS C 85 -19.41 -14.65 1.25
C HIS C 85 -19.64 -15.67 2.35
N LEU C 86 -18.82 -16.72 2.39
CA LEU C 86 -18.89 -17.71 3.46
C LEU C 86 -18.61 -17.14 4.83
N ILE C 87 -17.55 -16.33 4.92
CA ILE C 87 -17.16 -15.71 6.17
C ILE C 87 -18.23 -14.74 6.67
N TYR C 88 -18.88 -14.02 5.78
CA TYR C 88 -19.94 -13.09 6.06
C TYR C 88 -21.21 -13.75 6.51
N LYS C 89 -21.48 -14.92 6.01
CA LYS C 89 -22.66 -15.65 6.37
C LYS C 89 -22.49 -16.16 7.74
N LEU C 90 -21.26 -16.44 8.12
CA LEU C 90 -20.95 -16.87 9.41
C LEU C 90 -21.15 -15.78 10.45
N ALA C 91 -20.79 -14.56 10.11
CA ALA C 91 -20.99 -13.44 11.00
C ALA C 91 -22.46 -13.26 11.20
N ASP C 92 -23.25 -13.32 10.14
CA ASP C 92 -24.72 -13.17 10.29
C ASP C 92 -25.31 -14.20 11.24
N LEU C 93 -24.85 -15.45 11.11
CA LEU C 93 -25.31 -16.52 11.97
C LEU C 93 -24.91 -16.27 13.42
N ILE C 94 -23.63 -15.95 13.66
CA ILE C 94 -23.19 -15.59 15.02
C ILE C 94 -24.09 -14.50 15.59
N GLU C 95 -24.36 -13.46 14.81
CA GLU C 95 -25.30 -12.42 15.26
C GLU C 95 -26.71 -12.97 15.55
N GLU C 96 -27.30 -13.76 14.66
CA GLU C 96 -28.58 -14.43 14.96
C GLU C 96 -28.59 -15.20 16.31
N HIS C 97 -27.50 -15.89 16.66
CA HIS C 97 -27.39 -16.64 17.91
C HIS C 97 -26.71 -15.84 19.05
N ARG C 98 -26.68 -14.51 18.94
CA ARG C 98 -25.95 -13.65 19.90
C ARG C 98 -26.32 -13.92 21.37
N GLU C 99 -27.60 -14.15 21.64
CA GLU C 99 -28.04 -14.36 23.00
C GLU C 99 -27.58 -15.72 23.53
N GLU C 100 -27.70 -16.76 22.71
CA GLU C 100 -27.23 -18.08 23.08
C GLU C 100 -25.71 -18.03 23.45
N LEU C 101 -24.93 -17.34 22.61
CA LEU C 101 -23.47 -17.32 22.74
C LEU C 101 -23.01 -16.54 23.95
N ALA C 102 -23.67 -15.42 24.19
CA ALA C 102 -23.37 -14.58 25.31
C ALA C 102 -23.70 -15.28 26.61
N GLN C 103 -24.70 -16.17 26.65
CA GLN C 103 -25.04 -16.92 27.85
C GLN C 103 -24.02 -17.98 28.22
N LEU C 104 -23.42 -18.56 27.21
CA LEU C 104 -22.44 -19.56 27.33
C LEU C 104 -21.14 -18.97 27.73
N GLU C 105 -20.92 -17.74 27.36
CA GLU C 105 -19.76 -16.98 27.71
C GLU C 105 -19.92 -16.53 29.18
N ALA C 106 -21.13 -16.30 29.62
CA ALA C 106 -21.41 -15.92 30.96
C ALA C 106 -21.44 -17.09 31.90
N LEU C 107 -21.86 -18.23 31.42
CA LEU C 107 -21.94 -19.42 32.20
C LEU C 107 -20.60 -20.07 32.37
N ASP C 108 -19.89 -20.24 31.28
CA ASP C 108 -18.61 -20.91 31.15
C ASP C 108 -17.37 -20.15 31.57
N ASN C 109 -17.27 -18.89 31.23
CA ASN C 109 -16.13 -18.10 31.55
C ASN C 109 -16.31 -17.35 32.81
N GLY C 110 -17.52 -16.88 33.06
CA GLY C 110 -17.83 -16.10 34.22
C GLY C 110 -18.18 -14.64 34.14
N LYS C 111 -18.04 -14.00 32.98
CA LYS C 111 -18.37 -12.57 32.87
C LYS C 111 -19.86 -12.28 32.81
N PRO C 112 -20.28 -11.04 33.09
CA PRO C 112 -21.70 -10.66 32.97
C PRO C 112 -22.29 -10.82 31.56
N TYR C 113 -23.41 -11.53 31.46
CA TYR C 113 -24.16 -11.67 30.24
C TYR C 113 -24.14 -10.41 29.38
N GLN C 114 -24.60 -9.30 29.94
CA GLN C 114 -24.78 -8.05 29.21
C GLN C 114 -23.49 -7.57 28.57
N VAL C 115 -22.36 -7.71 29.27
CA VAL C 115 -21.10 -7.32 28.63
C VAL C 115 -20.66 -8.34 27.56
N ALA C 116 -20.90 -9.64 27.78
CA ALA C 116 -20.60 -10.62 26.73
C ALA C 116 -21.42 -10.33 25.47
N LEU C 117 -22.67 -9.96 25.64
CA LEU C 117 -23.49 -9.57 24.50
C LEU C 117 -23.00 -8.31 23.78
N ASP C 118 -22.90 -7.23 24.53
CA ASP C 118 -22.54 -5.91 24.02
C ASP C 118 -21.12 -5.85 23.54
N ASP C 119 -20.19 -6.52 24.19
CA ASP C 119 -18.77 -6.43 23.80
C ASP C 119 -18.29 -7.64 23.05
N ASP C 120 -18.27 -8.81 23.67
CA ASP C 120 -17.68 -10.00 23.04
C ASP C 120 -18.36 -10.44 21.72
N ILE C 121 -19.67 -10.66 21.81
CA ILE C 121 -20.42 -11.16 20.66
C ILE C 121 -20.45 -10.14 19.54
N SER C 122 -20.72 -8.91 19.83
CA SER C 122 -20.72 -8.01 18.76
C SER C 122 -19.35 -7.75 18.11
N ALA C 123 -18.28 -7.93 18.83
CA ALA C 123 -16.95 -7.77 18.29
C ALA C 123 -16.53 -8.98 17.45
N THR C 124 -17.10 -10.14 17.71
CA THR C 124 -16.90 -11.36 16.96
C THR C 124 -17.57 -11.25 15.62
N VAL C 125 -18.75 -10.72 15.62
CA VAL C 125 -19.53 -10.45 14.41
C VAL C 125 -18.80 -9.48 13.53
N GLU C 126 -18.48 -8.32 14.10
CA GLU C 126 -17.71 -7.25 13.43
C GLU C 126 -16.34 -7.71 12.89
N ASN C 127 -15.62 -8.60 13.59
CA ASN C 127 -14.26 -9.00 13.11
C ASN C 127 -14.35 -9.94 11.86
N TYR C 128 -15.34 -10.83 11.87
CA TYR C 128 -15.61 -11.69 10.70
C TYR C 128 -16.13 -10.86 9.53
N ARG C 129 -17.00 -9.93 9.82
CA ARG C 129 -17.50 -9.05 8.85
C ARG C 129 -16.40 -8.29 8.17
N TYR C 130 -15.46 -7.83 8.94
CA TYR C 130 -14.29 -7.10 8.49
C TYR C 130 -13.32 -7.92 7.68
N TYR C 131 -13.08 -9.15 8.05
CA TYR C 131 -12.19 -10.01 7.32
C TYR C 131 -12.76 -10.68 6.12
N ALA C 132 -14.05 -10.63 5.91
CA ALA C 132 -14.64 -11.14 4.73
C ALA C 132 -14.37 -10.13 3.63
N GLY C 133 -14.16 -8.89 3.98
CA GLY C 133 -13.84 -7.84 3.06
C GLY C 133 -12.42 -7.82 2.53
N TRP C 134 -11.53 -8.48 3.23
CA TRP C 134 -10.14 -8.63 2.92
C TRP C 134 -9.84 -9.72 1.91
N THR C 135 -10.59 -10.81 1.88
CA THR C 135 -10.32 -11.92 0.96
C THR C 135 -10.07 -11.51 -0.47
N THR C 136 -10.82 -10.54 -0.90
CA THR C 136 -10.70 -10.02 -2.26
C THR C 136 -9.63 -8.95 -2.42
N LYS C 137 -8.93 -8.58 -1.32
CA LYS C 137 -8.00 -7.48 -1.39
C LYS C 137 -6.65 -7.79 -0.80
N ILE C 138 -6.34 -9.07 -0.64
CA ILE C 138 -5.04 -9.47 -0.21
C ILE C 138 -4.09 -9.45 -1.39
N ILE C 139 -3.61 -8.28 -1.74
CA ILE C 139 -2.73 -8.12 -2.87
C ILE C 139 -1.22 -8.15 -2.68
N GLY C 140 -0.56 -8.58 -3.73
CA GLY C 140 0.86 -8.65 -3.88
C GLY C 140 1.35 -7.55 -4.79
N GLN C 141 2.59 -7.59 -5.17
CA GLN C 141 3.15 -6.58 -6.03
C GLN C 141 3.61 -6.91 -7.41
N THR C 142 3.68 -5.88 -8.22
CA THR C 142 4.25 -5.92 -9.52
C THR C 142 5.39 -4.94 -9.39
N ILE C 143 6.60 -5.44 -9.54
CA ILE C 143 7.79 -4.65 -9.34
C ILE C 143 8.56 -4.29 -10.58
N PRO C 144 8.72 -2.93 -10.78
CA PRO C 144 9.49 -2.56 -11.95
C PRO C 144 10.99 -2.58 -11.68
N ILE C 145 11.71 -3.48 -12.30
CA ILE C 145 13.14 -3.61 -12.11
C ILE C 145 13.81 -3.36 -13.46
N SER C 146 13.38 -4.12 -14.45
CA SER C 146 14.00 -4.11 -15.73
C SER C 146 12.94 -4.42 -16.79
N LYS C 147 13.13 -3.85 -17.97
CA LYS C 147 12.30 -4.16 -19.13
C LYS C 147 12.38 -5.65 -19.55
N ASP C 148 13.46 -6.35 -19.16
CA ASP C 148 13.71 -7.78 -19.52
C ASP C 148 12.94 -8.79 -18.67
N TYR C 149 12.32 -8.36 -17.57
CA TYR C 149 11.54 -9.22 -16.67
C TYR C 149 10.19 -8.63 -16.29
N LEU C 150 9.22 -9.52 -16.14
CA LEU C 150 8.06 -9.28 -15.29
C LEU C 150 8.38 -9.85 -13.88
N ASN C 151 8.30 -8.97 -12.86
CA ASN C 151 8.46 -9.33 -11.49
C ASN C 151 7.15 -9.12 -10.79
N TYR C 152 6.67 -10.16 -10.10
CA TYR C 152 5.51 -10.04 -9.27
C TYR C 152 5.60 -10.97 -8.04
N THR C 153 4.89 -10.59 -6.97
CA THR C 153 4.79 -11.40 -5.79
C THR C 153 3.36 -11.87 -5.59
N ARG C 154 3.24 -13.10 -5.10
CA ARG C 154 1.95 -13.68 -4.70
C ARG C 154 2.03 -13.81 -3.19
N HIS C 155 0.93 -13.50 -2.51
CA HIS C 155 0.77 -13.73 -1.07
C HIS C 155 -0.07 -15.01 -0.94
N GLU C 156 0.61 -16.15 -0.89
CA GLU C 156 -0.08 -17.44 -0.85
C GLU C 156 -0.44 -17.77 0.60
N PRO C 157 -1.62 -18.31 0.85
CA PRO C 157 -1.88 -18.76 2.22
C PRO C 157 -0.87 -19.82 2.66
N VAL C 158 -0.33 -19.70 3.88
CA VAL C 158 0.74 -20.60 4.37
C VAL C 158 0.30 -22.06 4.46
N GLY C 159 -0.99 -22.32 4.70
CA GLY C 159 -1.57 -23.67 4.58
C GLY C 159 -2.45 -24.06 5.76
N VAL C 160 -2.10 -25.19 6.40
CA VAL C 160 -2.79 -25.63 7.59
C VAL C 160 -2.20 -24.88 8.77
N VAL C 161 -3.07 -24.25 9.54
CA VAL C 161 -2.59 -23.44 10.62
C VAL C 161 -3.17 -23.92 11.96
N GLY C 162 -2.29 -23.94 12.95
CA GLY C 162 -2.59 -24.40 14.30
C GLY C 162 -2.65 -23.18 15.20
N GLN C 163 -3.77 -23.08 15.92
CA GLN C 163 -4.11 -21.93 16.71
C GLN C 163 -4.52 -22.41 18.10
N ILE C 164 -4.01 -21.76 19.13
CA ILE C 164 -4.34 -22.06 20.51
C ILE C 164 -4.69 -20.75 21.21
N ILE C 165 -5.81 -20.75 21.95
CA ILE C 165 -6.30 -19.54 22.60
C ILE C 165 -6.59 -19.81 24.06
N PRO C 166 -6.68 -18.74 24.85
CA PRO C 166 -6.99 -18.87 26.22
C PRO C 166 -8.47 -18.63 26.46
N TRP C 167 -8.79 -18.33 27.71
CA TRP C 167 -10.10 -18.46 28.29
C TRP C 167 -10.79 -17.17 28.69
N ASN C 168 -10.08 -16.04 28.61
CA ASN C 168 -10.63 -14.77 29.17
C ASN C 168 -11.62 -14.02 28.25
N PHE C 169 -11.43 -14.13 26.94
CA PHE C 169 -12.34 -13.64 25.90
C PHE C 169 -12.49 -14.80 24.87
N PRO C 170 -13.17 -15.90 25.23
CA PRO C 170 -13.07 -17.11 24.39
C PRO C 170 -13.53 -17.02 22.93
N LEU C 171 -14.72 -16.49 22.67
CA LEU C 171 -15.22 -16.37 21.31
C LEU C 171 -14.49 -15.31 20.48
N VAL C 172 -14.36 -14.13 21.06
CA VAL C 172 -13.69 -13.03 20.40
C VAL C 172 -12.32 -13.48 19.98
N MET C 173 -11.62 -14.20 20.83
CA MET C 173 -10.26 -14.61 20.51
C MET C 173 -10.17 -15.65 19.42
N SER C 174 -11.18 -16.51 19.32
CA SER C 174 -11.27 -17.45 18.18
C SER C 174 -11.40 -16.69 16.82
N SER C 175 -12.14 -15.58 16.85
CA SER C 175 -12.31 -14.71 15.69
C SER C 175 -11.05 -13.88 15.37
N TRP C 176 -10.29 -13.46 16.38
CA TRP C 176 -8.98 -12.86 16.15
C TRP C 176 -8.06 -13.85 15.38
N LYS C 177 -8.09 -15.13 15.73
CA LYS C 177 -7.27 -16.13 15.03
C LYS C 177 -7.82 -16.58 13.68
N MET C 178 -9.11 -16.86 13.61
CA MET C 178 -9.65 -17.46 12.41
C MET C 178 -9.99 -16.44 11.32
N GLY C 179 -10.43 -15.26 11.67
CA GLY C 179 -10.78 -14.25 10.66
C GLY C 179 -9.66 -14.04 9.67
N ALA C 180 -8.46 -13.70 10.15
CA ALA C 180 -7.35 -13.43 9.27
C ALA C 180 -6.84 -14.70 8.52
N ALA C 181 -6.71 -15.80 9.25
CA ALA C 181 -6.35 -17.08 8.69
C ALA C 181 -7.27 -17.46 7.55
N LEU C 182 -8.57 -17.49 7.81
CA LEU C 182 -9.56 -17.82 6.78
C LEU C 182 -9.55 -16.86 5.61
N ALA C 183 -9.33 -15.58 5.87
CA ALA C 183 -9.44 -14.60 4.82
C ALA C 183 -8.35 -14.85 3.79
N THR C 184 -7.16 -15.27 4.24
CA THR C 184 -6.08 -15.65 3.32
C THR C 184 -6.25 -16.97 2.60
N GLY C 185 -7.20 -17.81 3.03
CA GLY C 185 -7.45 -19.13 2.45
C GLY C 185 -6.77 -20.31 3.14
N CYS C 186 -6.24 -20.08 4.34
CA CYS C 186 -5.73 -21.16 5.16
C CYS C 186 -6.86 -22.09 5.64
N THR C 187 -6.47 -23.24 6.19
CA THR C 187 -7.38 -24.11 6.88
C THR C 187 -6.83 -24.24 8.28
N ILE C 188 -7.69 -24.64 9.18
CA ILE C 188 -7.47 -24.36 10.61
C ILE C 188 -7.75 -25.53 11.55
N VAL C 189 -6.80 -25.75 12.48
CA VAL C 189 -6.98 -26.62 13.64
C VAL C 189 -6.83 -25.74 14.87
N LEU C 190 -7.93 -25.54 15.58
CA LEU C 190 -8.01 -24.57 16.70
C LEU C 190 -8.32 -25.28 18.02
N LYS C 191 -7.52 -25.02 19.05
CA LYS C 191 -7.79 -25.53 20.37
C LYS C 191 -8.25 -24.43 21.32
N PRO C 192 -9.53 -24.46 21.72
CA PRO C 192 -9.99 -23.63 22.81
C PRO C 192 -9.43 -24.03 24.19
N ALA C 193 -9.54 -23.11 25.13
CA ALA C 193 -9.10 -23.33 26.50
C ALA C 193 -10.00 -24.35 27.21
N GLU C 194 -9.39 -25.24 27.97
CA GLU C 194 -10.14 -26.25 28.73
C GLU C 194 -11.18 -25.65 29.66
N GLN C 195 -10.93 -24.43 30.14
CA GLN C 195 -11.87 -23.76 31.04
C GLN C 195 -13.12 -23.23 30.31
N THR C 196 -13.01 -22.99 28.99
CA THR C 196 -14.04 -22.27 28.21
C THR C 196 -14.20 -22.79 26.77
N PRO C 197 -14.46 -24.11 26.61
CA PRO C 197 -14.66 -24.64 25.26
C PRO C 197 -16.07 -24.42 24.68
N LEU C 198 -17.04 -24.00 25.50
CA LEU C 198 -18.42 -24.14 25.05
C LEU C 198 -18.87 -23.20 23.91
N SER C 199 -18.59 -21.91 24.03
CA SER C 199 -18.86 -20.92 22.97
C SER C 199 -18.41 -21.34 21.59
N LEU C 200 -17.16 -21.76 21.50
CA LEU C 200 -16.59 -22.13 20.22
C LEU C 200 -17.26 -23.41 19.71
N LEU C 201 -17.53 -24.38 20.55
CA LEU C 201 -18.16 -25.61 20.07
C LEU C 201 -19.65 -25.47 19.75
N TYR C 202 -20.32 -24.47 20.33
CA TYR C 202 -21.66 -24.10 19.91
C TYR C 202 -21.57 -23.43 18.54
N ALA C 203 -20.69 -22.42 18.46
CA ALA C 203 -20.35 -21.73 17.21
C ALA C 203 -20.08 -22.66 16.05
N ALA C 204 -19.54 -23.85 16.34
CA ALA C 204 -19.30 -24.84 15.29
C ALA C 204 -20.53 -25.16 14.46
N LYS C 205 -21.70 -25.22 15.08
CA LYS C 205 -22.97 -25.40 14.37
C LYS C 205 -23.10 -24.38 13.25
N LEU C 206 -22.62 -23.17 13.51
CA LEU C 206 -22.76 -22.05 12.63
C LEU C 206 -21.77 -22.02 11.45
N PHE C 207 -20.57 -22.57 11.62
CA PHE C 207 -19.70 -22.80 10.48
C PHE C 207 -20.31 -23.84 9.53
N LYS C 208 -20.84 -24.92 10.09
CA LYS C 208 -21.52 -25.91 9.25
C LYS C 208 -22.71 -25.28 8.51
N GLU C 209 -23.59 -24.56 9.21
CA GLU C 209 -24.77 -23.99 8.57
C GLU C 209 -24.43 -22.91 7.49
N ALA C 210 -23.37 -22.13 7.69
CA ALA C 210 -22.93 -21.11 6.74
C ALA C 210 -22.42 -21.71 5.41
N GLY C 211 -22.16 -23.01 5.38
CA GLY C 211 -21.65 -23.70 4.20
C GLY C 211 -20.13 -23.95 4.15
N PHE C 212 -19.43 -23.91 5.30
CA PHE C 212 -17.99 -24.16 5.25
C PHE C 212 -17.79 -25.59 4.80
N PRO C 213 -16.97 -25.81 3.75
CA PRO C 213 -16.60 -27.16 3.35
C PRO C 213 -15.94 -27.93 4.45
N ASN C 214 -16.05 -29.24 4.40
CA ASN C 214 -15.46 -30.18 5.35
C ASN C 214 -13.97 -29.97 5.56
N GLY C 215 -13.62 -29.78 6.82
CA GLY C 215 -12.24 -29.66 7.19
C GLY C 215 -11.64 -28.29 7.16
N VAL C 216 -12.34 -27.26 6.66
CA VAL C 216 -11.70 -25.93 6.62
C VAL C 216 -11.37 -25.44 8.05
N VAL C 217 -12.16 -25.90 8.99
CA VAL C 217 -12.16 -25.42 10.34
C VAL C 217 -12.41 -26.66 11.20
N ASN C 218 -11.54 -26.89 12.19
CA ASN C 218 -11.55 -28.10 13.05
C ASN C 218 -11.29 -27.68 14.48
N PHE C 219 -12.20 -28.03 15.40
CA PHE C 219 -12.18 -27.52 16.79
C PHE C 219 -11.98 -28.68 17.74
N VAL C 220 -10.84 -28.63 18.43
CA VAL C 220 -10.38 -29.73 19.28
C VAL C 220 -10.16 -29.34 20.75
N PRO C 221 -11.23 -29.33 21.58
CA PRO C 221 -11.08 -28.98 22.97
C PRO C 221 -10.29 -30.02 23.73
N GLY C 222 -9.55 -29.56 24.72
CA GLY C 222 -8.76 -30.44 25.55
C GLY C 222 -7.78 -29.68 26.38
N PHE C 223 -6.76 -30.41 26.83
CA PHE C 223 -5.72 -29.86 27.71
C PHE C 223 -4.45 -29.55 26.94
N GLY C 224 -3.82 -28.44 27.32
CA GLY C 224 -2.49 -28.01 26.82
C GLY C 224 -1.41 -29.08 26.67
N PRO C 225 -1.14 -29.89 27.74
CA PRO C 225 -0.07 -30.89 27.58
C PRO C 225 -0.35 -32.04 26.63
N GLU C 226 -1.59 -32.23 26.20
CA GLU C 226 -1.94 -33.28 25.22
C GLU C 226 -2.42 -32.66 23.88
N ALA C 227 -3.62 -32.08 23.85
CA ALA C 227 -4.17 -31.48 22.64
C ALA C 227 -3.32 -30.31 22.20
N GLY C 228 -2.90 -29.46 23.14
CA GLY C 228 -2.08 -28.29 22.78
C GLY C 228 -0.74 -28.70 22.20
N ALA C 229 -0.05 -29.57 22.92
CA ALA C 229 1.28 -30.08 22.56
C ALA C 229 1.28 -30.85 21.24
N ALA C 230 0.21 -31.59 20.98
CA ALA C 230 0.07 -32.28 19.71
C ALA C 230 0.01 -31.26 18.56
N ILE C 231 -0.65 -30.12 18.78
CA ILE C 231 -0.68 -29.07 17.76
C ILE C 231 0.72 -28.48 17.51
N VAL C 232 1.31 -28.01 18.58
CA VAL C 232 2.64 -27.40 18.55
C VAL C 232 3.69 -28.25 17.81
N ASN C 233 3.67 -29.56 18.10
CA ASN C 233 4.65 -30.53 17.62
C ASN C 233 4.29 -31.29 16.35
N HIS C 234 3.21 -30.91 15.66
CA HIS C 234 2.79 -31.66 14.52
C HIS C 234 3.58 -31.24 13.26
N HIS C 235 4.31 -32.19 12.69
CA HIS C 235 5.13 -31.96 11.45
C HIS C 235 4.34 -31.38 10.23
N ASP C 236 3.07 -31.73 10.10
CA ASP C 236 2.23 -31.23 9.01
C ASP C 236 1.42 -29.93 9.21
N ILE C 237 1.55 -29.27 10.35
CA ILE C 237 0.96 -27.97 10.56
C ILE C 237 2.00 -26.96 10.11
N ASP C 238 1.59 -26.01 9.26
CA ASP C 238 2.56 -25.11 8.59
C ASP C 238 2.98 -23.90 9.38
N LYS C 239 2.22 -23.53 10.38
CA LYS C 239 2.37 -22.25 11.04
C LYS C 239 1.50 -22.28 12.28
N VAL C 240 2.02 -21.70 13.34
CA VAL C 240 1.38 -21.73 14.62
C VAL C 240 1.19 -20.30 15.15
N ALA C 241 0.06 -20.09 15.84
CA ALA C 241 -0.34 -18.84 16.42
C ALA C 241 -0.93 -19.11 17.82
N PHE C 242 -0.44 -18.42 18.83
CA PHE C 242 -0.83 -18.70 20.23
C PHE C 242 -1.03 -17.44 21.02
N THR C 243 -1.96 -17.49 21.97
CA THR C 243 -2.05 -16.42 22.94
C THR C 243 -2.32 -17.00 24.30
N GLY C 244 -1.72 -16.40 25.32
CA GLY C 244 -1.73 -16.94 26.66
C GLY C 244 -0.47 -16.55 27.41
N SER C 245 -0.09 -17.41 28.35
CA SER C 245 1.03 -17.12 29.28
C SER C 245 2.36 -17.11 28.57
N THR C 246 3.18 -16.12 28.92
CA THR C 246 4.59 -16.08 28.57
C THR C 246 5.30 -17.45 28.67
N VAL C 247 5.14 -18.19 29.77
CA VAL C 247 5.76 -19.52 29.92
C VAL C 247 5.38 -20.51 28.81
N THR C 248 4.13 -20.53 28.38
CA THR C 248 3.68 -21.46 27.32
C THR C 248 4.17 -20.96 25.96
N GLY C 249 4.15 -19.64 25.76
CA GLY C 249 4.65 -19.01 24.57
C GLY C 249 6.13 -19.28 24.31
N LYS C 250 6.93 -19.19 25.36
CA LYS C 250 8.33 -19.58 25.25
C LYS C 250 8.45 -21.02 24.73
N TYR C 251 7.77 -21.94 25.40
CA TYR C 251 7.76 -23.37 25.03
C TYR C 251 7.45 -23.58 23.57
N ILE C 252 6.40 -22.93 23.10
CA ILE C 252 5.93 -23.05 21.72
C ILE C 252 6.92 -22.54 20.67
N MET C 253 7.56 -21.43 20.96
CA MET C 253 8.53 -20.87 20.05
C MET C 253 9.75 -21.81 20.00
N ARG C 254 10.09 -22.37 21.16
CA ARG C 254 11.20 -23.32 21.31
C ARG C 254 10.93 -24.58 20.46
N GLN C 255 9.73 -25.15 20.59
CA GLN C 255 9.32 -26.34 19.82
C GLN C 255 9.21 -26.07 18.32
N SER C 256 8.76 -24.86 17.97
CA SER C 256 8.60 -24.43 16.60
C SER C 256 9.96 -24.28 15.87
N ALA C 257 11.06 -24.13 16.61
CA ALA C 257 12.41 -24.05 16.04
C ALA C 257 12.80 -25.33 15.27
N GLU C 258 12.31 -26.49 15.71
CA GLU C 258 12.65 -27.77 15.04
C GLU C 258 12.07 -27.92 13.60
N MET C 259 10.90 -27.31 13.35
CA MET C 259 10.33 -27.25 12.00
C MET C 259 10.52 -25.88 11.28
N ILE C 260 11.35 -24.97 11.84
CA ILE C 260 11.54 -23.61 11.32
C ILE C 260 10.17 -23.02 10.93
N LYS C 261 9.33 -22.92 11.94
CA LYS C 261 7.93 -22.64 11.75
C LYS C 261 7.67 -21.24 12.25
N HIS C 262 7.04 -20.43 11.41
CA HIS C 262 6.59 -19.08 11.77
C HIS C 262 5.68 -19.13 13.01
N VAL C 263 5.89 -18.20 13.94
CA VAL C 263 5.10 -18.10 15.14
C VAL C 263 4.56 -16.71 15.26
N THR C 264 3.30 -16.61 15.68
CA THR C 264 2.72 -15.38 16.22
C THR C 264 2.39 -15.66 17.69
N LEU C 265 2.75 -14.72 18.56
CA LEU C 265 2.55 -14.81 20.01
C LEU C 265 1.92 -13.53 20.51
N GLU C 266 0.79 -13.65 21.21
CA GLU C 266 0.21 -12.55 22.03
C GLU C 266 0.23 -12.97 23.50
N LEU C 267 1.08 -12.31 24.29
CA LEU C 267 1.33 -12.71 25.69
C LEU C 267 0.88 -11.62 26.66
N GLY C 268 1.35 -11.67 27.91
CA GLY C 268 0.85 -10.73 28.93
C GLY C 268 1.38 -9.31 28.89
N GLY C 269 0.93 -8.53 29.88
CA GLY C 269 1.30 -7.15 29.98
C GLY C 269 1.38 -6.70 31.40
N LYS C 270 1.95 -5.51 31.56
CA LYS C 270 1.91 -4.74 32.80
C LYS C 270 1.78 -3.26 32.44
N SER C 271 0.75 -3.00 31.66
CA SER C 271 0.57 -1.76 30.95
C SER C 271 0.35 -0.58 31.87
N PRO C 272 1.07 0.53 31.63
CA PRO C 272 0.84 1.75 32.39
C PRO C 272 -0.33 2.57 31.85
N ASN C 273 -1.16 3.10 32.77
CA ASN C 273 -2.16 4.10 32.49
C ASN C 273 -1.72 5.35 33.22
N ILE C 274 -1.39 6.37 32.46
CA ILE C 274 -0.62 7.50 32.98
C ILE C 274 -1.46 8.77 32.98
N ILE C 275 -1.56 9.39 34.14
CA ILE C 275 -2.36 10.62 34.31
C ILE C 275 -1.45 11.79 34.60
N LEU C 276 -1.31 12.69 33.64
CA LEU C 276 -0.37 13.81 33.75
C LEU C 276 -1.12 14.96 34.40
N GLU C 277 -0.44 16.06 34.69
CA GLU C 277 -1.03 17.14 35.47
C GLU C 277 -2.26 17.79 34.81
N ASP C 278 -2.25 17.94 33.50
CA ASP C 278 -3.35 18.60 32.78
C ASP C 278 -4.38 17.60 32.20
N ALA C 279 -4.42 16.37 32.71
CA ALA C 279 -5.58 15.48 32.48
C ALA C 279 -6.89 16.15 32.88
N ASP C 280 -7.95 15.85 32.14
CA ASP C 280 -9.30 15.95 32.69
C ASP C 280 -9.44 14.80 33.67
N LEU C 281 -9.48 15.14 34.95
CA LEU C 281 -9.28 14.18 36.01
C LEU C 281 -10.46 13.22 36.20
N GLU C 282 -11.68 13.75 36.13
CA GLU C 282 -12.93 12.96 36.05
C GLU C 282 -12.86 11.79 35.08
N GLU C 283 -12.49 12.11 33.84
CA GLU C 283 -12.48 11.14 32.76
C GLU C 283 -11.33 10.20 32.88
N ALA C 284 -10.22 10.67 33.41
CA ALA C 284 -9.05 9.84 33.68
C ALA C 284 -9.25 8.91 34.88
N ILE C 285 -9.94 9.34 35.91
CA ILE C 285 -10.24 8.44 37.03
C ILE C 285 -11.09 7.25 36.58
N ASN C 286 -12.15 7.51 35.78
CA ASN C 286 -13.03 6.47 35.21
C ASN C 286 -12.23 5.55 34.27
N GLY C 287 -11.40 6.14 33.42
CA GLY C 287 -10.62 5.40 32.46
C GLY C 287 -9.62 4.54 33.17
N ALA C 288 -9.05 5.06 34.27
CA ALA C 288 -8.16 4.29 35.13
C ALA C 288 -8.89 3.17 35.83
N PHE C 289 -10.07 3.45 36.36
CA PHE C 289 -10.79 2.38 37.04
C PHE C 289 -11.21 1.25 36.09
N GLN C 290 -11.78 1.63 34.95
CA GLN C 290 -12.29 0.67 33.96
C GLN C 290 -11.15 -0.06 33.26
N GLY C 291 -10.01 0.62 33.13
CA GLY C 291 -8.81 0.05 32.53
C GLY C 291 -8.29 -1.19 33.21
N ILE C 292 -8.37 -1.21 34.53
CA ILE C 292 -7.92 -2.37 35.27
C ILE C 292 -9.11 -3.29 35.55
N MET C 293 -10.27 -2.76 35.87
CA MET C 293 -11.32 -3.67 36.33
C MET C 293 -12.06 -4.37 35.21
N TYR C 294 -11.97 -3.88 33.96
CA TYR C 294 -12.74 -4.51 32.86
C TYR C 294 -12.36 -5.98 32.80
N ASN C 295 -13.37 -6.84 32.74
CA ASN C 295 -13.24 -8.29 32.69
C ASN C 295 -12.49 -8.86 33.91
N HIS C 296 -12.72 -8.23 35.06
CA HIS C 296 -12.22 -8.76 36.33
C HIS C 296 -10.71 -8.70 36.35
N GLY C 297 -10.15 -7.83 35.51
CA GLY C 297 -8.72 -7.78 35.26
C GLY C 297 -8.09 -8.94 34.51
N GLN C 298 -8.89 -9.79 33.87
CA GLN C 298 -8.34 -10.94 33.09
C GLN C 298 -8.24 -10.49 31.64
N ASN C 299 -7.31 -9.56 31.45
CA ASN C 299 -7.15 -8.78 30.27
C ASN C 299 -5.68 -8.45 30.23
N CYS C 300 -4.98 -8.95 29.24
CA CYS C 300 -3.55 -8.70 29.09
C CYS C 300 -3.16 -7.24 28.94
N SER C 301 -4.06 -6.46 28.36
CA SER C 301 -3.88 -5.00 28.19
C SER C 301 -4.32 -4.15 29.39
N ALA C 302 -4.75 -4.77 30.49
CA ALA C 302 -5.26 -4.08 31.70
C ALA C 302 -4.29 -3.02 32.16
N GLY C 303 -4.77 -1.83 32.46
CA GLY C 303 -3.92 -0.80 33.04
C GLY C 303 -3.60 -1.05 34.51
N SER C 304 -2.74 -2.03 34.75
CA SER C 304 -2.45 -2.48 36.09
C SER C 304 -1.48 -1.58 36.85
N ARG C 305 -0.65 -0.79 36.17
CA ARG C 305 0.13 0.28 36.85
C ARG C 305 -0.51 1.60 36.51
N VAL C 306 -1.11 2.28 37.47
CA VAL C 306 -1.74 3.59 37.23
C VAL C 306 -0.75 4.59 37.78
N PHE C 307 -0.10 5.34 36.90
CA PHE C 307 0.84 6.40 37.29
C PHE C 307 0.03 7.66 37.40
N VAL C 308 0.24 8.46 38.44
CA VAL C 308 -0.48 9.71 38.61
C VAL C 308 0.47 10.79 39.03
N HIS C 309 0.41 11.92 38.33
CA HIS C 309 1.22 13.10 38.67
C HIS C 309 0.92 13.43 40.10
N ARG C 310 1.95 13.88 40.82
CA ARG C 310 1.86 14.00 42.26
C ARG C 310 0.71 14.89 42.73
N LYS C 311 0.44 15.96 42.01
CA LYS C 311 -0.66 16.81 42.35
C LYS C 311 -2.01 16.08 42.43
N HIS C 312 -2.21 15.07 41.59
CA HIS C 312 -3.48 14.38 41.56
C HIS C 312 -3.52 13.08 42.29
N TYR C 313 -2.39 12.67 42.86
CA TYR C 313 -2.24 11.32 43.38
C TYR C 313 -3.24 10.95 44.48
N GLU C 314 -3.36 11.79 45.50
CA GLU C 314 -4.26 11.49 46.62
C GLU C 314 -5.71 11.44 46.18
N THR C 315 -6.08 12.36 45.31
CA THR C 315 -7.42 12.42 44.75
C THR C 315 -7.81 11.16 43.95
N VAL C 316 -6.91 10.61 43.13
CA VAL C 316 -7.29 9.40 42.37
C VAL C 316 -7.21 8.15 43.21
N VAL C 317 -6.28 8.07 44.15
CA VAL C 317 -6.28 6.93 45.10
C VAL C 317 -7.62 6.82 45.87
N ASP C 318 -8.02 7.93 46.50
CA ASP C 318 -9.31 7.99 47.19
C ASP C 318 -10.45 7.55 46.26
N ALA C 319 -10.46 8.04 45.02
CA ALA C 319 -11.57 7.74 44.09
C ALA C 319 -11.55 6.28 43.65
N LEU C 320 -10.36 5.73 43.37
CA LEU C 320 -10.28 4.29 43.00
C LEU C 320 -10.62 3.30 44.14
N VAL C 321 -10.37 3.70 45.38
CA VAL C 321 -10.71 2.90 46.56
C VAL C 321 -12.24 2.78 46.71
N LYS C 322 -12.91 3.93 46.65
CA LYS C 322 -14.38 4.02 46.68
C LYS C 322 -15.03 3.19 45.58
N MET C 323 -14.52 3.37 44.36
CA MET C 323 -15.07 2.68 43.16
C MET C 323 -14.85 1.19 43.28
N ALA C 324 -13.65 0.81 43.72
CA ALA C 324 -13.34 -0.59 44.01
C ALA C 324 -14.27 -1.18 45.02
N ASN C 325 -14.51 -0.45 46.11
CA ASN C 325 -15.38 -0.94 47.19
C ASN C 325 -16.83 -1.09 46.77
N ASN C 326 -17.23 -0.39 45.72
CA ASN C 326 -18.59 -0.38 45.24
C ASN C 326 -18.94 -1.36 44.15
N VAL C 327 -17.99 -2.08 43.57
CA VAL C 327 -18.37 -2.96 42.47
C VAL C 327 -19.20 -4.14 43.03
N LYS C 328 -20.29 -4.48 42.35
CA LYS C 328 -21.19 -5.54 42.81
C LYS C 328 -20.74 -6.84 42.17
N LEU C 329 -20.22 -7.74 43.01
CA LEU C 329 -19.85 -9.08 42.60
C LEU C 329 -21.06 -9.97 42.61
N GLY C 330 -21.14 -10.82 41.60
CA GLY C 330 -22.17 -11.85 41.49
C GLY C 330 -21.95 -12.75 40.29
N ALA C 331 -22.86 -13.67 40.07
CA ALA C 331 -22.80 -14.53 38.93
C ALA C 331 -23.16 -13.74 37.69
N GLY C 332 -22.54 -14.11 36.58
CA GLY C 332 -22.73 -13.55 35.26
C GLY C 332 -24.15 -13.65 34.76
N MET C 333 -24.88 -14.62 35.23
CA MET C 333 -26.26 -14.77 34.89
C MET C 333 -27.27 -14.02 35.79
N GLU C 334 -26.79 -13.31 36.81
CA GLU C 334 -27.59 -12.44 37.64
C GLU C 334 -27.51 -11.10 36.93
N LYS C 335 -28.66 -10.47 36.71
CA LYS C 335 -28.75 -9.16 36.05
C LYS C 335 -28.09 -8.00 36.84
N GLU C 336 -28.08 -8.04 38.17
CA GLU C 336 -27.48 -6.95 38.95
C GLU C 336 -25.92 -6.93 38.87
N THR C 337 -25.29 -8.06 38.55
CA THR C 337 -23.83 -8.23 38.58
C THR C 337 -23.00 -7.29 37.68
N GLU C 338 -22.01 -6.61 38.28
CA GLU C 338 -21.02 -5.79 37.58
C GLU C 338 -19.66 -6.49 37.28
N MET C 339 -19.24 -7.35 38.19
CA MET C 339 -18.07 -8.14 38.06
C MET C 339 -18.34 -9.53 38.52
N GLY C 340 -17.84 -10.49 37.79
CA GLY C 340 -18.00 -11.88 38.11
C GLY C 340 -16.75 -12.39 38.73
N PRO C 341 -16.61 -13.77 38.72
CA PRO C 341 -15.35 -14.26 39.30
C PRO C 341 -14.27 -14.60 38.30
N LEU C 342 -13.14 -14.97 38.86
CA LEU C 342 -11.99 -15.46 38.15
C LEU C 342 -12.46 -16.75 37.55
N VAL C 343 -11.73 -17.28 36.59
CA VAL C 343 -12.18 -18.39 35.78
C VAL C 343 -12.11 -19.74 36.47
N SER C 344 -11.23 -19.89 37.46
CA SER C 344 -10.90 -21.19 38.06
C SER C 344 -10.40 -21.07 39.52
N LYS C 345 -10.43 -22.18 40.27
CA LYS C 345 -9.82 -22.17 41.59
C LYS C 345 -8.33 -21.89 41.51
N LYS C 346 -7.65 -22.51 40.55
CA LYS C 346 -6.25 -22.21 40.31
C LYS C 346 -5.99 -20.68 40.15
N GLN C 347 -6.76 -19.98 39.31
CA GLN C 347 -6.53 -18.54 39.10
C GLN C 347 -6.84 -17.66 40.33
N GLN C 348 -7.89 -17.98 41.07
CA GLN C 348 -8.19 -17.24 42.29
C GLN C 348 -7.03 -17.41 43.24
N GLU C 349 -6.55 -18.64 43.35
CA GLU C 349 -5.44 -18.91 44.26
C GLU C 349 -4.19 -18.16 43.88
N ARG C 350 -3.94 -18.07 42.59
CA ARG C 350 -2.78 -17.36 42.07
C ARG C 350 -2.92 -15.85 42.35
N VAL C 351 -4.09 -15.25 42.10
CA VAL C 351 -4.17 -13.79 42.34
C VAL C 351 -4.17 -13.48 43.84
N LEU C 352 -4.77 -14.33 44.65
CA LEU C 352 -4.65 -14.15 46.10
C LEU C 352 -3.22 -14.29 46.61
N ASN C 353 -2.43 -15.08 45.93
CA ASN C 353 -1.04 -15.24 46.29
C ASN C 353 -0.19 -14.02 46.03
N TYR C 354 -0.53 -13.33 44.97
CA TYR C 354 0.07 -12.08 44.58
C TYR C 354 -0.32 -11.00 45.53
N ILE C 355 -1.50 -11.06 46.11
CA ILE C 355 -1.92 -10.08 47.06
C ILE C 355 -1.05 -10.23 48.30
N GLU C 356 -0.81 -11.45 48.75
CA GLU C 356 0.00 -11.71 49.89
C GLU C 356 1.44 -11.37 49.71
N GLN C 357 1.95 -11.58 48.53
CA GLN C 357 3.30 -11.24 48.17
C GLN C 357 3.40 -9.73 48.14
N GLY C 358 2.34 -9.04 47.75
CA GLY C 358 2.30 -7.57 47.81
C GLY C 358 2.35 -7.04 49.26
N LYS C 359 1.62 -7.72 50.15
CA LYS C 359 1.73 -7.43 51.60
C LYS C 359 3.10 -7.83 52.20
N LYS C 360 3.65 -8.97 51.87
CA LYS C 360 4.94 -9.28 52.39
C LYS C 360 6.01 -8.28 52.02
N GLU C 361 5.94 -7.71 50.83
CA GLU C 361 6.95 -6.81 50.37
C GLU C 361 6.83 -5.40 50.82
N GLY C 362 5.85 -5.11 51.61
CA GLY C 362 5.65 -3.81 52.15
C GLY C 362 4.62 -2.91 51.58
N ALA C 363 3.84 -3.39 50.66
CA ALA C 363 2.83 -2.58 50.08
C ALA C 363 1.59 -2.60 50.92
N THR C 364 0.76 -1.61 50.72
CA THR C 364 -0.45 -1.50 51.46
C THR C 364 -1.69 -1.70 50.63
N VAL C 365 -2.60 -2.45 51.18
CA VAL C 365 -3.87 -2.68 50.57
C VAL C 365 -4.87 -1.65 51.06
N ALA C 366 -5.17 -0.71 50.18
CA ALA C 366 -6.04 0.42 50.35
C ALA C 366 -7.47 0.00 50.19
N ALA C 367 -7.67 -1.11 49.53
CA ALA C 367 -9.00 -1.73 49.37
C ALA C 367 -8.95 -3.22 48.94
N GLY C 368 -9.97 -4.01 49.33
CA GLY C 368 -10.16 -5.38 48.86
C GLY C 368 -9.12 -6.27 49.46
N GLY C 369 -8.49 -7.11 48.64
CA GLY C 369 -7.35 -7.89 49.08
C GLY C 369 -7.71 -9.24 49.70
N GLU C 370 -8.91 -9.72 49.39
CA GLU C 370 -9.34 -11.04 49.87
C GLU C 370 -10.37 -11.69 48.93
N ARG C 371 -10.71 -12.92 49.17
CA ARG C 371 -11.75 -13.53 48.43
C ARG C 371 -13.11 -12.87 48.81
N ALA C 372 -14.12 -13.10 48.03
CA ALA C 372 -15.43 -12.52 48.24
C ALA C 372 -16.44 -13.64 48.08
N LEU C 373 -17.63 -13.42 48.62
CA LEU C 373 -18.76 -14.31 48.57
C LEU C 373 -18.55 -15.69 49.15
N GLU C 374 -19.56 -16.53 49.12
CA GLU C 374 -19.45 -17.85 49.67
C GLU C 374 -19.23 -19.00 48.73
N LYS C 375 -19.49 -18.84 47.44
CA LYS C 375 -19.27 -19.87 46.46
C LYS C 375 -18.58 -19.10 45.42
N GLY C 376 -17.82 -19.73 44.55
CA GLY C 376 -17.14 -19.02 43.50
C GLY C 376 -15.74 -18.51 43.63
N TYR C 377 -15.08 -18.48 42.52
CA TYR C 377 -13.72 -18.06 42.43
C TYR C 377 -13.55 -16.58 42.40
N PHE C 378 -14.29 -15.90 43.25
CA PHE C 378 -14.30 -14.48 43.33
C PHE C 378 -13.20 -13.91 44.16
N VAL C 379 -12.75 -12.76 43.74
CA VAL C 379 -11.79 -11.99 44.47
C VAL C 379 -12.24 -10.56 44.41
N LYS C 380 -12.16 -9.89 45.53
CA LYS C 380 -12.48 -8.49 45.66
C LYS C 380 -11.58 -7.52 44.93
N PRO C 381 -12.21 -6.46 44.29
CA PRO C 381 -11.32 -5.46 43.66
C PRO C 381 -10.41 -4.82 44.66
N THR C 382 -9.15 -4.81 44.30
CA THR C 382 -8.03 -4.40 45.11
C THR C 382 -7.12 -3.30 44.61
N VAL C 383 -6.85 -2.37 45.50
CA VAL C 383 -5.98 -1.25 45.27
C VAL C 383 -4.73 -1.33 46.14
N PHE C 384 -3.58 -1.32 45.51
CA PHE C 384 -2.33 -1.32 46.21
C PHE C 384 -1.74 0.05 46.22
N THR C 385 -1.17 0.39 47.34
CA THR C 385 -0.57 1.68 47.59
C THR C 385 0.78 1.52 48.28
N ASP C 386 1.59 2.55 48.33
CA ASP C 386 2.90 2.53 48.96
C ASP C 386 3.75 1.50 48.27
N VAL C 387 3.94 1.72 47.00
CA VAL C 387 4.61 0.77 46.19
C VAL C 387 5.87 1.26 45.55
N THR C 388 6.75 0.36 45.27
CA THR C 388 8.00 0.69 44.54
C THR C 388 8.19 -0.18 43.28
N ASP C 389 9.05 0.28 42.38
CA ASP C 389 9.16 -0.30 41.07
C ASP C 389 9.72 -1.74 41.00
N ASP C 390 10.49 -2.17 42.00
CA ASP C 390 11.09 -3.52 42.05
C ASP C 390 10.15 -4.58 42.64
N MET C 391 9.08 -4.16 43.31
CA MET C 391 8.18 -5.12 43.93
C MET C 391 7.57 -6.06 42.95
N THR C 392 7.33 -7.29 43.36
CA THR C 392 6.84 -8.25 42.37
C THR C 392 5.45 -7.83 41.89
N ILE C 393 4.58 -7.28 42.75
CA ILE C 393 3.26 -6.84 42.27
C ILE C 393 3.25 -5.71 41.23
N VAL C 394 4.27 -4.90 41.09
CA VAL C 394 4.30 -3.86 40.07
C VAL C 394 5.02 -4.35 38.84
N LYS C 395 5.61 -5.51 38.93
CA LYS C 395 6.34 -6.08 37.85
C LYS C 395 5.63 -7.19 37.13
N GLU C 396 4.97 -8.06 37.84
CA GLU C 396 4.33 -9.21 37.26
C GLU C 396 2.89 -9.13 37.00
N GLU C 397 2.47 -9.75 35.91
CA GLU C 397 1.06 -9.86 35.56
C GLU C 397 0.31 -10.70 36.57
N ILE C 398 -0.63 -10.07 37.25
CA ILE C 398 -1.43 -10.70 38.29
C ILE C 398 -2.66 -11.33 37.67
N PHE C 399 -3.30 -10.65 36.75
CA PHE C 399 -4.50 -11.11 36.06
C PHE C 399 -5.70 -11.18 36.97
N GLY C 400 -5.93 -10.12 37.70
CA GLY C 400 -7.01 -10.06 38.61
C GLY C 400 -7.38 -8.66 38.71
N PRO C 401 -8.49 -8.46 39.52
CA PRO C 401 -8.87 -7.04 39.64
C PRO C 401 -7.95 -6.25 40.57
N VAL C 402 -6.67 -6.33 40.33
CA VAL C 402 -5.69 -5.73 41.16
C VAL C 402 -4.95 -4.61 40.53
N VAL C 403 -4.96 -3.48 41.19
CA VAL C 403 -4.32 -2.29 40.62
C VAL C 403 -3.26 -1.79 41.58
N VAL C 404 -2.26 -1.15 41.00
CA VAL C 404 -1.14 -0.60 41.68
C VAL C 404 -1.10 0.91 41.31
N VAL C 405 -1.14 1.80 42.30
CA VAL C 405 -1.18 3.24 42.05
C VAL C 405 0.14 3.84 42.51
N LEU C 406 0.85 4.54 41.62
CA LEU C 406 2.20 5.05 41.83
C LEU C 406 2.31 6.55 41.52
N PRO C 407 2.83 7.35 42.44
CA PRO C 407 2.98 8.76 42.11
C PRO C 407 4.23 9.06 41.24
N PHE C 408 4.25 10.23 40.60
CA PHE C 408 5.48 10.69 39.88
C PHE C 408 5.55 12.19 39.81
N ASP C 409 6.72 12.73 39.50
CA ASP C 409 6.90 14.18 39.49
C ASP C 409 7.32 14.81 38.19
N SER C 410 7.72 14.04 37.18
CA SER C 410 8.00 14.63 35.86
C SER C 410 7.63 13.71 34.70
N THR C 411 7.41 14.33 33.56
CA THR C 411 7.10 13.58 32.35
C THR C 411 8.26 12.64 31.97
N GLU C 412 9.50 13.06 31.98
CA GLU C 412 10.59 12.17 31.61
C GLU C 412 10.77 11.03 32.56
N GLU C 413 10.47 11.29 33.81
CA GLU C 413 10.54 10.28 34.79
C GLU C 413 9.50 9.21 34.60
N VAL C 414 8.26 9.58 34.27
CA VAL C 414 7.20 8.58 34.15
C VAL C 414 7.37 7.75 32.90
N ILE C 415 7.92 8.34 31.84
CA ILE C 415 8.26 7.60 30.62
C ILE C 415 9.28 6.50 30.88
N GLU C 416 10.36 6.83 31.57
CA GLU C 416 11.41 5.87 31.96
C GLU C 416 10.86 4.70 32.82
N ARG C 417 9.96 5.03 33.77
CA ARG C 417 9.42 4.04 34.68
C ARG C 417 8.39 3.19 34.01
N ALA C 418 7.60 3.77 33.14
CA ALA C 418 6.61 3.05 32.38
C ALA C 418 7.20 2.07 31.38
N ASN C 419 8.34 2.42 30.83
CA ASN C 419 9.08 1.63 29.88
C ASN C 419 10.00 0.56 30.46
N ASN C 420 10.30 0.63 31.73
CA ASN C 420 11.13 -0.33 32.38
C ASN C 420 10.37 -1.56 32.74
N SER C 421 10.08 -2.35 31.74
CA SER C 421 9.29 -3.51 31.90
C SER C 421 9.71 -4.43 30.85
N SER C 422 9.48 -5.72 31.04
CA SER C 422 9.80 -6.69 30.06
C SER C 422 8.58 -6.71 29.22
N TYR C 423 7.50 -6.21 29.77
CA TYR C 423 6.28 -6.13 28.96
C TYR C 423 6.19 -4.81 28.14
N GLY C 424 5.27 -4.82 27.20
CA GLY C 424 5.03 -3.66 26.31
C GLY C 424 3.84 -3.81 25.42
N LEU C 425 2.70 -4.21 26.00
CA LEU C 425 1.50 -4.51 25.20
C LEU C 425 0.68 -3.27 24.90
N ALA C 426 0.47 -2.43 25.90
CA ALA C 426 -0.40 -1.28 25.76
C ALA C 426 -0.05 -0.18 26.75
N ALA C 427 -0.64 0.99 26.60
CA ALA C 427 -0.39 2.09 27.52
C ALA C 427 -1.49 3.10 27.38
N GLY C 428 -1.74 3.86 28.43
CA GLY C 428 -2.75 4.89 28.43
C GLY C 428 -2.09 6.19 28.76
N VAL C 429 -2.50 7.26 28.09
CA VAL C 429 -1.98 8.60 28.40
C VAL C 429 -3.13 9.60 28.49
N TRP C 430 -3.20 10.32 29.61
CA TRP C 430 -4.24 11.30 29.82
C TRP C 430 -3.65 12.70 29.94
N THR C 431 -3.91 13.54 28.94
CA THR C 431 -3.46 14.95 28.95
C THR C 431 -4.33 15.75 27.98
N GLN C 432 -4.65 16.99 28.33
CA GLN C 432 -5.35 17.88 27.37
C GLN C 432 -4.39 18.58 26.38
N ASN C 433 -3.11 18.48 26.58
CA ASN C 433 -2.18 19.08 25.68
C ASN C 433 -1.92 18.30 24.42
N ILE C 434 -1.95 18.96 23.28
CA ILE C 434 -1.71 18.34 22.01
C ILE C 434 -0.25 17.85 21.80
N LYS C 435 0.74 18.62 22.17
CA LYS C 435 2.14 18.23 22.05
C LYS C 435 2.49 17.10 22.99
N THR C 436 2.24 17.27 24.26
CA THR C 436 2.53 16.24 25.22
C THR C 436 1.82 14.90 24.98
N GLY C 437 0.62 14.91 24.46
CA GLY C 437 -0.09 13.71 24.15
C GLY C 437 0.56 12.86 23.07
N HIS C 438 0.98 13.49 22.00
CA HIS C 438 1.66 12.86 20.92
C HIS C 438 3.11 12.54 21.28
N GLN C 439 3.82 13.41 22.00
CA GLN C 439 5.18 13.16 22.51
C GLN C 439 5.25 11.91 23.40
N VAL C 440 4.40 11.86 24.41
CA VAL C 440 4.42 10.76 25.36
C VAL C 440 4.10 9.45 24.62
N ALA C 441 3.07 9.49 23.80
CA ALA C 441 2.69 8.31 23.03
C ALA C 441 3.84 7.81 22.12
N ASN C 442 4.53 8.73 21.48
CA ASN C 442 5.70 8.35 20.67
C ASN C 442 6.79 7.61 21.43
N LYS C 443 7.02 7.98 22.69
CA LYS C 443 8.11 7.43 23.51
C LYS C 443 7.80 6.18 24.27
N LEU C 444 6.54 5.81 24.41
CA LEU C 444 6.16 4.61 25.17
C LEU C 444 6.36 3.36 24.34
N LYS C 445 7.02 2.37 24.89
CA LYS C 445 7.22 1.13 24.18
C LYS C 445 6.11 0.13 24.38
N ALA C 446 5.06 0.31 23.61
CA ALA C 446 3.81 -0.46 23.61
C ALA C 446 3.23 -0.57 22.21
N GLY C 447 2.54 -1.66 21.95
CA GLY C 447 1.87 -1.93 20.70
C GLY C 447 0.72 -1.04 20.41
N THR C 448 -0.01 -0.67 21.43
CA THR C 448 -1.09 0.25 21.31
C THR C 448 -1.05 1.29 22.42
N VAL C 449 -1.32 2.53 22.09
CA VAL C 449 -1.39 3.66 23.02
C VAL C 449 -2.71 4.38 22.83
N TRP C 450 -3.44 4.55 23.92
CA TRP C 450 -4.66 5.31 23.90
C TRP C 450 -4.40 6.66 24.58
N ILE C 451 -4.64 7.74 23.86
CA ILE C 451 -4.54 9.10 24.37
C ILE C 451 -5.93 9.56 24.79
N ASN C 452 -6.14 9.60 26.08
CA ASN C 452 -7.38 9.98 26.69
C ASN C 452 -8.50 9.00 26.58
N ASP C 453 -8.17 7.73 26.56
CA ASP C 453 -9.09 6.67 26.53
C ASP C 453 -8.35 5.44 26.96
N TYR C 454 -9.01 4.28 27.01
CA TYR C 454 -8.37 3.04 27.44
C TYR C 454 -9.20 1.81 27.05
N ASN C 455 -8.53 0.67 26.82
CA ASN C 455 -9.17 -0.61 26.42
C ASN C 455 -10.06 -0.59 25.16
N LEU C 456 -9.65 0.14 24.14
CA LEU C 456 -10.38 0.17 22.87
C LEU C 456 -9.66 -0.72 21.88
N GLU C 457 -10.46 -1.64 21.33
CA GLU C 457 -10.06 -2.60 20.31
C GLU C 457 -11.08 -2.46 19.15
N ASN C 458 -10.63 -2.73 17.95
CA ASN C 458 -11.48 -2.78 16.79
C ASN C 458 -10.86 -3.67 15.70
N ALA C 459 -11.68 -4.43 14.99
CA ALA C 459 -11.20 -5.26 13.89
C ALA C 459 -10.13 -4.61 13.01
N ALA C 460 -10.25 -3.31 12.73
CA ALA C 460 -9.33 -2.61 11.82
C ALA C 460 -7.96 -2.07 12.36
N ALA C 461 -7.76 -2.06 13.68
CA ALA C 461 -6.56 -1.50 14.32
C ALA C 461 -5.72 -2.63 14.89
N PRO C 462 -4.45 -2.73 14.50
CA PRO C 462 -3.64 -3.86 14.98
C PRO C 462 -3.35 -3.87 16.50
N PHE C 463 -3.07 -5.05 17.02
CA PHE C 463 -2.90 -5.29 18.43
C PHE C 463 -1.78 -6.31 18.66
N GLY C 464 -0.87 -6.02 19.57
CA GLY C 464 0.27 -6.85 19.87
C GLY C 464 1.34 -6.22 20.71
N GLY C 465 2.27 -6.99 21.21
CA GLY C 465 3.28 -6.44 22.03
C GLY C 465 4.70 -6.24 21.56
N TYR C 466 5.34 -5.26 22.19
CA TYR C 466 6.72 -4.89 22.01
C TYR C 466 7.35 -5.83 23.00
N LYS C 467 8.66 -6.01 22.97
CA LYS C 467 9.36 -6.87 23.90
C LYS C 467 8.78 -8.24 24.21
N GLN C 468 8.60 -8.56 25.49
CA GLN C 468 8.07 -9.88 25.85
C GLN C 468 6.54 -10.02 25.90
N SER C 469 5.84 -9.04 25.38
CA SER C 469 4.41 -9.07 25.28
C SER C 469 3.96 -9.82 24.05
N GLY C 470 4.89 -10.10 23.17
CA GLY C 470 4.64 -10.94 21.99
C GLY C 470 5.53 -10.73 20.79
N ILE C 471 5.11 -11.37 19.72
CA ILE C 471 5.71 -11.25 18.39
C ILE C 471 4.53 -11.24 17.42
N GLY C 472 4.44 -10.20 16.63
CA GLY C 472 3.37 -10.01 15.71
C GLY C 472 2.20 -9.20 16.18
N ARG C 473 1.30 -8.94 15.25
CA ARG C 473 0.10 -8.21 15.49
C ARG C 473 -1.11 -8.98 14.99
N GLU C 474 -2.23 -8.75 15.62
CA GLU C 474 -3.48 -9.33 15.24
C GLU C 474 -4.41 -8.15 15.01
N LEU C 475 -5.40 -8.35 14.18
CA LEU C 475 -6.36 -7.35 13.82
C LEU C 475 -5.76 -6.44 12.78
N GLY C 476 -6.57 -5.71 12.06
CA GLY C 476 -6.09 -4.87 11.01
C GLY C 476 -5.63 -5.59 9.75
N SER C 477 -4.95 -4.86 8.90
CA SER C 477 -4.39 -5.41 7.71
C SER C 477 -3.18 -6.28 8.08
N TYR C 478 -2.53 -5.91 9.16
CA TYR C 478 -1.33 -6.54 9.65
C TYR C 478 -1.35 -8.01 9.92
N ALA C 479 -2.43 -8.41 10.50
CA ALA C 479 -2.63 -9.79 10.85
C ALA C 479 -2.65 -10.72 9.66
N LEU C 480 -3.03 -10.21 8.49
CA LEU C 480 -3.00 -11.05 7.28
C LEU C 480 -1.64 -11.66 7.00
N ASP C 481 -0.62 -10.86 7.24
CA ASP C 481 0.74 -11.22 6.94
C ASP C 481 1.23 -12.41 7.68
N ASN C 482 0.65 -12.76 8.81
CA ASN C 482 1.05 -13.94 9.52
C ASN C 482 0.57 -15.22 8.89
N TYR C 483 -0.40 -15.16 7.99
CA TYR C 483 -0.92 -16.33 7.35
C TYR C 483 -0.56 -16.44 5.91
N THR C 484 0.48 -15.73 5.60
CA THR C 484 0.95 -15.61 4.26
C THR C 484 2.35 -16.07 4.01
N GLU C 485 2.57 -16.50 2.81
CA GLU C 485 3.88 -16.88 2.36
C GLU C 485 4.12 -16.12 1.06
N VAL C 486 5.08 -15.24 1.07
CA VAL C 486 5.40 -14.38 -0.08
C VAL C 486 6.18 -15.15 -1.11
N LYS C 487 5.65 -15.24 -2.32
CA LYS C 487 6.33 -15.87 -3.45
C LYS C 487 6.74 -14.73 -4.42
N SER C 488 8.01 -14.68 -4.78
CA SER C 488 8.54 -13.76 -5.78
C SER C 488 8.78 -14.52 -7.09
N VAL C 489 8.11 -14.09 -8.16
CA VAL C 489 8.15 -14.77 -9.44
C VAL C 489 8.82 -13.84 -10.42
N TRP C 490 9.79 -14.36 -11.13
CA TRP C 490 10.48 -13.65 -12.19
C TRP C 490 10.18 -14.33 -13.52
N VAL C 491 9.63 -13.56 -14.45
CA VAL C 491 9.29 -14.04 -15.76
C VAL C 491 10.21 -13.26 -16.72
N ASN C 492 11.18 -14.01 -17.25
CA ASN C 492 12.05 -13.56 -18.32
C ASN C 492 11.17 -13.32 -19.55
N ILE C 493 11.18 -12.08 -20.06
CA ILE C 493 10.38 -11.68 -21.23
C ILE C 493 11.31 -11.05 -22.25
N LYS C 494 12.53 -11.50 -22.23
CA LYS C 494 13.57 -10.96 -23.07
C LYS C 494 13.45 -11.56 -24.47
N THR D 4 -41.20 -19.67 -26.95
CA THR D 4 -40.94 -19.93 -25.53
C THR D 4 -40.72 -18.65 -24.75
N ASN D 5 -41.75 -18.21 -24.10
CA ASN D 5 -41.72 -17.00 -23.37
C ASN D 5 -41.45 -17.18 -21.95
N ILE D 6 -40.57 -16.34 -21.46
CA ILE D 6 -40.18 -16.27 -20.08
C ILE D 6 -41.30 -15.50 -19.48
N GLU D 7 -41.76 -16.01 -18.38
CA GLU D 7 -42.88 -15.51 -17.67
C GLU D 7 -42.58 -14.43 -16.69
N LEU D 8 -43.31 -13.34 -16.77
CA LEU D 8 -43.13 -12.21 -15.91
C LEU D 8 -43.34 -12.52 -14.48
N LYS D 9 -42.48 -11.96 -13.63
CA LYS D 9 -42.55 -12.07 -12.19
C LYS D 9 -43.66 -11.19 -11.69
N PRO D 10 -44.46 -11.66 -10.74
CA PRO D 10 -45.53 -10.82 -10.16
C PRO D 10 -45.08 -9.39 -9.81
N LYS D 11 -43.89 -9.28 -9.19
CA LYS D 11 -43.35 -8.00 -8.74
C LYS D 11 -42.98 -7.06 -9.84
N VAL D 12 -42.52 -7.56 -10.99
CA VAL D 12 -42.28 -6.66 -12.14
C VAL D 12 -43.60 -6.28 -12.82
N GLU D 13 -44.59 -7.17 -12.74
CA GLU D 13 -45.95 -6.87 -13.19
C GLU D 13 -46.51 -5.68 -12.40
N ALA D 14 -46.42 -5.78 -11.09
CA ALA D 14 -46.92 -4.73 -10.19
C ALA D 14 -46.15 -3.42 -10.41
N PHE D 15 -44.84 -3.51 -10.61
CA PHE D 15 -44.01 -2.35 -10.81
C PHE D 15 -44.38 -1.61 -12.10
N LEU D 16 -44.47 -2.35 -13.21
CA LEU D 16 -44.80 -1.80 -14.52
C LEU D 16 -46.25 -1.37 -14.70
N ASN D 17 -47.14 -1.80 -13.84
CA ASN D 17 -48.51 -1.46 -13.92
C ASN D 17 -48.73 -0.07 -13.44
N GLU D 18 -47.71 0.58 -12.99
CA GLU D 18 -47.86 1.92 -12.48
C GLU D 18 -46.94 2.88 -13.07
N GLU D 19 -47.18 4.13 -12.81
CA GLU D 19 -46.32 5.20 -13.24
C GLU D 19 -45.05 5.03 -12.44
N ILE D 20 -43.92 5.13 -13.11
CA ILE D 20 -42.64 4.94 -12.49
C ILE D 20 -42.06 6.17 -11.89
N LYS D 21 -41.91 6.13 -10.58
CA LYS D 21 -41.40 7.19 -9.77
C LYS D 21 -39.91 7.32 -9.52
N MET D 22 -39.50 8.56 -9.31
CA MET D 22 -38.15 8.99 -8.99
C MET D 22 -37.96 8.75 -7.53
N PHE D 23 -36.71 8.73 -7.12
CA PHE D 23 -36.34 8.50 -5.74
C PHE D 23 -35.47 9.65 -5.18
N ILE D 24 -36.08 10.54 -4.39
CA ILE D 24 -35.39 11.67 -3.83
C ILE D 24 -35.61 11.71 -2.33
N ASN D 25 -34.49 11.77 -1.59
CA ASN D 25 -34.56 11.96 -0.14
C ASN D 25 -35.30 10.88 0.58
N GLY D 26 -35.12 9.66 0.18
CA GLY D 26 -35.84 8.59 0.76
C GLY D 26 -37.26 8.29 0.36
N GLU D 27 -37.85 9.05 -0.54
CA GLU D 27 -39.19 8.88 -0.96
C GLU D 27 -39.34 8.71 -2.45
N PHE D 28 -40.44 8.14 -2.86
CA PHE D 28 -40.77 7.95 -4.25
C PHE D 28 -41.64 9.13 -4.67
N VAL D 29 -41.15 9.88 -5.62
CA VAL D 29 -41.82 11.06 -6.03
C VAL D 29 -42.01 11.24 -7.49
N SER D 30 -42.84 12.19 -7.81
CA SER D 30 -43.07 12.57 -9.16
C SER D 30 -42.17 13.72 -9.41
N ALA D 31 -42.17 14.22 -10.62
CA ALA D 31 -41.40 15.38 -10.94
C ALA D 31 -42.23 16.53 -10.39
N ILE D 32 -41.65 17.60 -9.90
CA ILE D 32 -42.42 18.73 -9.41
C ILE D 32 -43.49 19.25 -10.39
N GLY D 33 -43.14 19.33 -11.66
CA GLY D 33 -43.99 19.80 -12.72
C GLY D 33 -44.87 18.74 -13.29
N GLY D 34 -44.62 17.51 -12.94
CA GLY D 34 -45.43 16.41 -13.33
C GLY D 34 -45.25 15.79 -14.65
N LYS D 35 -44.14 16.04 -15.28
CA LYS D 35 -43.82 15.50 -16.57
C LYS D 35 -43.42 14.07 -16.54
N THR D 36 -43.62 13.39 -17.63
CA THR D 36 -43.28 12.00 -17.75
C THR D 36 -42.68 11.73 -19.13
N PHE D 37 -42.08 10.57 -19.30
CA PHE D 37 -41.51 10.10 -20.56
C PHE D 37 -41.68 8.64 -20.62
N GLU D 38 -41.61 8.12 -21.81
CA GLU D 38 -41.77 6.72 -22.01
C GLU D 38 -40.49 5.98 -22.30
N THR D 39 -40.46 4.72 -21.92
CA THR D 39 -39.34 3.89 -22.19
C THR D 39 -39.93 2.77 -22.99
N TYR D 40 -39.19 2.20 -23.92
CA TYR D 40 -39.69 1.12 -24.74
C TYR D 40 -39.10 -0.26 -24.59
N ASN D 41 -39.77 -1.23 -25.19
CA ASN D 41 -39.32 -2.60 -25.26
C ASN D 41 -38.73 -2.58 -26.66
N PRO D 42 -37.42 -2.71 -26.77
CA PRO D 42 -36.80 -2.58 -28.11
C PRO D 42 -36.98 -3.84 -28.97
N ALA D 43 -37.50 -4.93 -28.40
CA ALA D 43 -37.90 -6.12 -29.18
C ALA D 43 -39.19 -5.90 -29.92
N THR D 44 -40.17 -5.36 -29.23
CA THR D 44 -41.53 -5.14 -29.79
C THR D 44 -41.82 -3.70 -30.19
N GLU D 45 -41.02 -2.73 -29.71
CA GLU D 45 -41.24 -1.30 -29.93
C GLU D 45 -42.49 -0.73 -29.21
N ASP D 46 -43.06 -1.46 -28.30
CA ASP D 46 -44.18 -0.98 -27.55
C ASP D 46 -43.70 -0.17 -26.35
N VAL D 47 -44.60 0.58 -25.75
CA VAL D 47 -44.31 1.32 -24.58
C VAL D 47 -44.26 0.33 -23.45
N LEU D 48 -43.17 0.36 -22.73
CA LEU D 48 -42.97 -0.51 -21.62
C LEU D 48 -43.33 0.13 -20.28
N ALA D 49 -43.11 1.43 -20.18
CA ALA D 49 -43.41 2.14 -18.96
C ALA D 49 -43.43 3.65 -19.12
N VAL D 50 -44.13 4.32 -18.25
CA VAL D 50 -44.16 5.75 -18.25
C VAL D 50 -43.50 6.14 -16.97
N VAL D 51 -42.46 6.92 -17.14
CA VAL D 51 -41.59 7.34 -16.10
C VAL D 51 -41.60 8.82 -15.90
N CYS D 52 -41.43 9.20 -14.64
CA CYS D 52 -41.39 10.57 -14.21
C CYS D 52 -40.12 11.19 -14.74
N GLU D 53 -40.23 12.39 -15.24
CA GLU D 53 -39.11 13.04 -15.83
C GLU D 53 -38.52 14.10 -14.97
N ALA D 54 -37.28 13.92 -14.62
CA ALA D 54 -36.59 14.87 -13.82
C ALA D 54 -36.15 16.06 -14.65
N GLN D 55 -36.46 17.23 -14.15
CA GLN D 55 -36.10 18.47 -14.75
C GLN D 55 -35.10 19.10 -13.85
N GLU D 56 -34.53 20.17 -14.32
CA GLU D 56 -33.59 20.94 -13.58
C GLU D 56 -34.00 21.17 -12.15
N GLU D 57 -35.25 21.49 -11.91
CA GLU D 57 -35.74 21.70 -10.58
C GLU D 57 -35.74 20.47 -9.70
N ASP D 58 -35.76 19.30 -10.29
CA ASP D 58 -35.73 18.06 -9.56
C ASP D 58 -34.32 17.64 -9.18
N ILE D 59 -33.35 18.08 -9.94
CA ILE D 59 -31.99 17.83 -9.69
C ILE D 59 -31.63 18.73 -8.56
N ASP D 60 -32.18 19.92 -8.53
CA ASP D 60 -31.87 20.78 -7.40
C ASP D 60 -32.42 20.26 -6.06
N ALA D 61 -33.58 19.60 -6.09
CA ALA D 61 -34.10 18.99 -4.89
C ALA D 61 -33.22 17.82 -4.49
N ALA D 62 -32.85 16.99 -5.46
CA ALA D 62 -32.01 15.80 -5.21
C ALA D 62 -30.67 16.17 -4.62
N VAL D 63 -30.08 17.25 -5.13
CA VAL D 63 -28.78 17.80 -4.63
C VAL D 63 -28.86 18.36 -3.20
N LYS D 64 -29.95 19.06 -2.86
CA LYS D 64 -30.10 19.56 -1.48
C LYS D 64 -30.19 18.40 -0.52
N ALA D 65 -30.97 17.40 -0.91
CA ALA D 65 -31.17 16.27 -0.03
C ALA D 65 -29.82 15.50 0.18
N ALA D 66 -29.07 15.27 -0.89
CA ALA D 66 -27.76 14.67 -0.80
C ALA D 66 -26.80 15.53 0.03
N ARG D 67 -26.88 16.84 -0.13
CA ARG D 67 -26.02 17.76 0.62
C ARG D 67 -26.32 17.67 2.09
N SER D 68 -27.58 17.64 2.44
CA SER D 68 -27.97 17.59 3.82
C SER D 68 -27.60 16.24 4.47
N ALA D 69 -27.80 15.16 3.69
CA ALA D 69 -27.40 13.81 4.08
C ALA D 69 -25.91 13.69 4.26
N PHE D 70 -25.13 14.45 3.50
CA PHE D 70 -23.67 14.40 3.65
C PHE D 70 -23.16 15.18 4.87
N GLU D 71 -23.79 16.30 5.17
CA GLU D 71 -23.33 17.21 6.22
C GLU D 71 -23.78 16.78 7.62
N SER D 72 -24.97 16.22 7.77
CA SER D 72 -25.53 15.89 9.09
C SER D 72 -26.41 14.66 8.99
N GLY D 73 -26.70 14.06 10.13
CA GLY D 73 -27.62 12.89 10.18
C GLY D 73 -26.89 11.57 10.18
N PRO D 74 -27.66 10.47 10.18
CA PRO D 74 -27.06 9.17 10.39
C PRO D 74 -25.86 8.86 9.51
N TRP D 75 -25.91 9.08 8.20
CA TRP D 75 -24.81 8.82 7.27
C TRP D 75 -23.51 9.50 7.61
N ALA D 76 -23.59 10.69 8.19
CA ALA D 76 -22.45 11.44 8.58
C ALA D 76 -21.89 11.01 9.93
N GLU D 77 -22.67 10.35 10.76
CA GLU D 77 -22.26 9.96 12.06
C GLU D 77 -21.92 8.53 12.26
N MET D 78 -22.42 7.74 11.35
CA MET D 78 -22.20 6.33 11.27
C MET D 78 -20.74 5.89 11.25
N THR D 79 -20.45 4.76 11.84
CA THR D 79 -19.11 4.19 11.79
C THR D 79 -18.90 3.53 10.45
N THR D 80 -17.68 3.30 10.05
CA THR D 80 -17.45 2.58 8.80
C THR D 80 -18.09 1.20 8.81
N ALA D 81 -18.09 0.52 9.95
CA ALA D 81 -18.68 -0.84 10.06
C ALA D 81 -20.18 -0.81 9.76
N GLU D 82 -20.81 0.27 10.20
CA GLU D 82 -22.20 0.51 9.92
C GLU D 82 -22.44 0.83 8.46
N ARG D 83 -21.61 1.68 7.83
CA ARG D 83 -21.79 1.97 6.40
C ARG D 83 -21.61 0.68 5.63
N ALA D 84 -20.61 -0.08 5.97
CA ALA D 84 -20.37 -1.36 5.35
C ALA D 84 -21.55 -2.30 5.41
N HIS D 85 -22.24 -2.33 6.52
CA HIS D 85 -23.39 -3.16 6.68
C HIS D 85 -24.59 -2.72 5.84
N LEU D 86 -24.81 -1.45 5.63
CA LEU D 86 -25.85 -1.03 4.69
C LEU D 86 -25.55 -1.53 3.26
N ILE D 87 -24.29 -1.38 2.81
CA ILE D 87 -23.91 -1.80 1.47
C ILE D 87 -24.01 -3.33 1.27
N TYR D 88 -23.66 -4.11 2.28
CA TYR D 88 -23.83 -5.58 2.21
C TYR D 88 -25.30 -5.99 2.22
N LYS D 89 -26.12 -5.38 3.07
CA LYS D 89 -27.60 -5.66 3.05
C LYS D 89 -28.26 -5.34 1.71
N LEU D 90 -27.85 -4.25 1.06
CA LEU D 90 -28.24 -3.94 -0.30
C LEU D 90 -27.88 -5.06 -1.24
N ALA D 91 -26.62 -5.50 -1.17
CA ALA D 91 -26.14 -6.55 -2.03
C ALA D 91 -27.01 -7.77 -1.84
N ASP D 92 -27.36 -8.12 -0.61
CA ASP D 92 -28.24 -9.31 -0.35
C ASP D 92 -29.66 -9.14 -0.96
N LEU D 93 -30.22 -7.94 -0.85
CA LEU D 93 -31.53 -7.67 -1.37
C LEU D 93 -31.54 -7.77 -2.89
N ILE D 94 -30.50 -7.25 -3.52
CA ILE D 94 -30.40 -7.36 -4.97
C ILE D 94 -30.40 -8.82 -5.39
N GLU D 95 -29.57 -9.63 -4.74
CA GLU D 95 -29.51 -11.07 -5.01
C GLU D 95 -30.89 -11.73 -4.77
N GLU D 96 -31.59 -11.28 -3.72
CA GLU D 96 -32.97 -11.71 -3.47
C GLU D 96 -33.89 -11.42 -4.64
N HIS D 97 -33.70 -10.28 -5.29
CA HIS D 97 -34.50 -9.85 -6.41
C HIS D 97 -33.87 -10.05 -7.79
N ARG D 98 -32.94 -10.99 -7.88
CA ARG D 98 -32.20 -11.23 -9.12
C ARG D 98 -33.02 -11.45 -10.39
N GLU D 99 -34.14 -12.16 -10.26
CA GLU D 99 -34.96 -12.49 -11.42
C GLU D 99 -35.75 -11.26 -11.88
N GLU D 100 -36.26 -10.50 -10.91
CA GLU D 100 -37.00 -9.28 -11.20
C GLU D 100 -36.11 -8.32 -12.01
N LEU D 101 -34.91 -8.11 -11.52
CA LEU D 101 -33.99 -7.16 -12.12
C LEU D 101 -33.48 -7.63 -13.50
N ALA D 102 -33.21 -8.93 -13.66
CA ALA D 102 -32.73 -9.43 -14.97
C ALA D 102 -33.80 -9.33 -16.07
N GLN D 103 -35.05 -9.50 -15.66
CA GLN D 103 -36.22 -9.35 -16.53
C GLN D 103 -36.42 -7.89 -16.94
N LEU D 104 -36.16 -6.98 -16.00
CA LEU D 104 -36.22 -5.56 -16.32
C LEU D 104 -35.13 -5.18 -17.34
N GLU D 105 -33.90 -5.68 -17.16
CA GLU D 105 -32.86 -5.45 -18.15
C GLU D 105 -33.32 -6.05 -19.49
N ALA D 106 -33.79 -7.27 -19.50
CA ALA D 106 -34.26 -7.89 -20.71
C ALA D 106 -35.41 -7.16 -21.39
N LEU D 107 -36.36 -6.63 -20.65
CA LEU D 107 -37.43 -5.88 -21.22
C LEU D 107 -37.07 -4.51 -21.67
N ASP D 108 -36.34 -3.81 -20.84
CA ASP D 108 -35.91 -2.46 -21.06
C ASP D 108 -34.71 -2.23 -21.92
N ASN D 109 -33.68 -3.03 -21.78
CA ASN D 109 -32.48 -2.86 -22.58
C ASN D 109 -32.49 -3.71 -23.81
N GLY D 110 -33.16 -4.84 -23.74
CA GLY D 110 -33.19 -5.81 -24.83
C GLY D 110 -32.32 -7.06 -24.74
N LYS D 111 -31.38 -7.13 -23.80
CA LYS D 111 -30.48 -8.29 -23.79
C LYS D 111 -31.21 -9.57 -23.28
N PRO D 112 -30.66 -10.76 -23.56
CA PRO D 112 -31.31 -11.98 -23.09
C PRO D 112 -31.36 -12.11 -21.58
N TYR D 113 -32.50 -12.56 -21.06
CA TYR D 113 -32.73 -12.76 -19.61
C TYR D 113 -31.62 -13.52 -18.93
N GLN D 114 -31.35 -14.73 -19.42
CA GLN D 114 -30.34 -15.59 -18.78
C GLN D 114 -28.97 -14.92 -18.67
N VAL D 115 -28.59 -14.12 -19.65
CA VAL D 115 -27.28 -13.49 -19.54
C VAL D 115 -27.38 -12.29 -18.59
N ALA D 116 -28.48 -11.55 -18.63
CA ALA D 116 -28.69 -10.49 -17.67
C ALA D 116 -28.59 -11.05 -16.24
N LEU D 117 -29.11 -12.22 -15.99
CA LEU D 117 -29.04 -12.83 -14.71
C LEU D 117 -27.70 -13.37 -14.28
N ASP D 118 -27.06 -14.04 -15.19
CA ASP D 118 -25.80 -14.67 -14.96
C ASP D 118 -24.64 -13.73 -14.89
N ASP D 119 -24.72 -12.67 -15.64
CA ASP D 119 -23.68 -11.72 -15.71
C ASP D 119 -23.98 -10.47 -15.00
N ASP D 120 -24.87 -9.71 -15.56
CA ASP D 120 -25.23 -8.42 -14.98
C ASP D 120 -25.64 -8.37 -13.56
N ILE D 121 -26.64 -9.13 -13.19
CA ILE D 121 -27.15 -9.07 -11.82
C ILE D 121 -26.12 -9.65 -10.86
N SER D 122 -25.51 -10.78 -11.26
CA SER D 122 -24.55 -11.40 -10.37
C SER D 122 -23.31 -10.48 -10.14
N ALA D 123 -22.87 -9.75 -11.15
CA ALA D 123 -21.75 -8.80 -11.02
C ALA D 123 -22.11 -7.57 -10.17
N THR D 124 -23.32 -7.06 -10.35
CA THR D 124 -23.88 -5.97 -9.53
C THR D 124 -23.74 -6.33 -8.05
N VAL D 125 -24.22 -7.51 -7.68
CA VAL D 125 -24.20 -8.02 -6.33
C VAL D 125 -22.76 -8.11 -5.83
N GLU D 126 -21.90 -8.74 -6.62
CA GLU D 126 -20.49 -8.96 -6.23
C GLU D 126 -19.74 -7.62 -6.08
N ASN D 127 -20.14 -6.64 -6.91
CA ASN D 127 -19.61 -5.28 -6.83
C ASN D 127 -19.97 -4.61 -5.52
N TYR D 128 -21.21 -4.73 -5.10
CA TYR D 128 -21.58 -4.11 -3.84
C TYR D 128 -20.87 -4.80 -2.67
N ARG D 129 -20.80 -6.10 -2.72
CA ARG D 129 -20.12 -6.89 -1.75
C ARG D 129 -18.65 -6.54 -1.59
N TYR D 130 -17.97 -6.27 -2.68
CA TYR D 130 -16.59 -5.89 -2.71
C TYR D 130 -16.34 -4.49 -2.20
N TYR D 131 -17.23 -3.58 -2.47
CA TYR D 131 -17.11 -2.21 -2.03
C TYR D 131 -17.53 -2.04 -0.63
N ALA D 132 -18.40 -2.87 -0.15
CA ALA D 132 -18.69 -2.84 1.30
C ALA D 132 -17.44 -3.24 2.10
N GLY D 133 -16.62 -4.13 1.59
CA GLY D 133 -15.38 -4.53 2.19
C GLY D 133 -14.34 -3.43 2.22
N TRP D 134 -14.48 -2.40 1.44
CA TRP D 134 -13.57 -1.29 1.37
C TRP D 134 -13.84 -0.18 2.35
N THR D 135 -15.03 -0.05 2.88
CA THR D 135 -15.35 1.02 3.81
C THR D 135 -14.48 1.08 5.02
N THR D 136 -14.10 -0.09 5.49
CA THR D 136 -13.29 -0.16 6.69
C THR D 136 -11.80 -0.08 6.44
N LYS D 137 -11.36 0.03 5.17
CA LYS D 137 -9.92 -0.16 4.81
C LYS D 137 -9.40 0.92 3.90
N ILE D 138 -10.13 2.04 3.81
CA ILE D 138 -9.69 3.22 3.06
C ILE D 138 -8.74 3.93 3.99
N ILE D 139 -7.45 3.71 3.81
CA ILE D 139 -6.50 4.21 4.75
C ILE D 139 -5.71 5.36 4.16
N GLY D 140 -5.30 6.28 5.02
CA GLY D 140 -4.29 7.24 4.67
C GLY D 140 -2.93 6.83 5.19
N GLN D 141 -2.00 7.76 5.15
CA GLN D 141 -0.60 7.55 5.53
C GLN D 141 -0.18 8.33 6.78
N THR D 142 0.73 7.75 7.55
CA THR D 142 1.51 8.48 8.52
C THR D 142 2.89 8.51 7.90
N ILE D 143 3.47 9.70 7.83
CA ILE D 143 4.65 9.93 7.01
C ILE D 143 5.77 10.34 7.96
N PRO D 144 6.83 9.53 8.01
CA PRO D 144 7.86 9.86 8.99
C PRO D 144 8.78 10.88 8.32
N ILE D 145 8.63 12.13 8.71
CA ILE D 145 9.45 13.17 8.10
C ILE D 145 10.53 13.67 9.04
N SER D 146 10.11 14.07 10.25
CA SER D 146 11.00 14.57 11.28
C SER D 146 10.45 14.29 12.67
N LYS D 147 11.33 14.31 13.66
CA LYS D 147 10.89 14.15 15.04
C LYS D 147 10.02 15.32 15.54
N ASP D 148 10.10 16.49 14.91
CA ASP D 148 9.28 17.65 15.31
C ASP D 148 7.80 17.60 14.87
N TYR D 149 7.43 16.69 13.97
CA TYR D 149 6.04 16.65 13.53
C TYR D 149 5.47 15.26 13.46
N LEU D 150 4.18 15.17 13.67
CA LEU D 150 3.41 14.03 13.23
C LEU D 150 2.75 14.50 11.94
N ASN D 151 3.03 13.83 10.83
CA ASN D 151 2.41 14.06 9.54
C ASN D 151 1.48 12.93 9.21
N TYR D 152 0.23 13.23 8.93
CA TYR D 152 -0.67 12.19 8.48
C TYR D 152 -1.55 12.71 7.38
N THR D 153 -2.06 11.81 6.55
CA THR D 153 -3.09 12.17 5.57
C THR D 153 -4.42 11.45 5.84
N ARG D 154 -5.50 12.13 5.43
CA ARG D 154 -6.87 11.61 5.54
C ARG D 154 -7.44 11.53 4.15
N HIS D 155 -8.01 10.39 3.82
CA HIS D 155 -8.77 10.26 2.59
C HIS D 155 -10.23 10.59 2.92
N GLU D 156 -10.61 11.84 2.76
CA GLU D 156 -11.97 12.30 3.07
C GLU D 156 -12.86 12.11 1.88
N PRO D 157 -14.11 11.72 2.13
CA PRO D 157 -15.03 11.65 1.00
C PRO D 157 -15.17 13.05 0.40
N VAL D 158 -15.24 13.14 -0.92
CA VAL D 158 -15.26 14.44 -1.59
C VAL D 158 -16.58 15.21 -1.41
N GLY D 159 -17.69 14.50 -1.26
CA GLY D 159 -18.99 15.11 -0.92
C GLY D 159 -20.17 14.59 -1.73
N VAL D 160 -20.94 15.52 -2.30
CA VAL D 160 -22.07 15.16 -3.15
C VAL D 160 -21.49 14.91 -4.54
N VAL D 161 -21.75 13.73 -5.09
CA VAL D 161 -21.19 13.42 -6.40
C VAL D 161 -22.33 13.21 -7.39
N GLY D 162 -22.09 13.69 -8.62
CA GLY D 162 -23.03 13.60 -9.70
C GLY D 162 -22.56 12.53 -10.65
N GLN D 163 -23.47 11.61 -10.97
CA GLN D 163 -23.12 10.41 -11.72
C GLN D 163 -24.09 10.21 -12.88
N ILE D 164 -23.57 9.95 -14.07
CA ILE D 164 -24.39 9.80 -15.25
C ILE D 164 -23.93 8.54 -15.95
N ILE D 165 -24.87 7.67 -16.26
CA ILE D 165 -24.56 6.41 -16.84
C ILE D 165 -25.43 6.15 -18.06
N PRO D 166 -24.95 5.26 -18.95
CA PRO D 166 -25.59 4.94 -20.19
C PRO D 166 -26.46 3.70 -20.06
N TRP D 167 -26.81 3.15 -21.20
CA TRP D 167 -27.96 2.25 -21.31
C TRP D 167 -27.64 0.81 -21.61
N ASN D 168 -26.37 0.50 -21.80
CA ASN D 168 -25.99 -0.81 -22.36
C ASN D 168 -25.77 -1.89 -21.32
N PHE D 169 -25.34 -1.47 -20.13
CA PHE D 169 -25.27 -2.34 -18.94
C PHE D 169 -25.88 -1.56 -17.77
N PRO D 170 -27.20 -1.46 -17.74
CA PRO D 170 -27.77 -0.41 -16.88
C PRO D 170 -27.54 -0.53 -15.38
N LEU D 171 -27.82 -1.69 -14.82
CA LEU D 171 -27.75 -1.84 -13.37
C LEU D 171 -26.29 -1.99 -12.93
N VAL D 172 -25.53 -2.83 -13.64
CA VAL D 172 -24.15 -3.05 -13.27
C VAL D 172 -23.32 -1.76 -13.28
N MET D 173 -23.52 -0.95 -14.31
CA MET D 173 -22.85 0.35 -14.38
C MET D 173 -23.26 1.28 -13.24
N SER D 174 -24.50 1.17 -12.77
CA SER D 174 -24.90 1.99 -11.62
C SER D 174 -24.10 1.55 -10.38
N SER D 175 -23.78 0.25 -10.30
CA SER D 175 -23.02 -0.30 -9.15
C SER D 175 -21.56 0.12 -9.19
N TRP D 176 -20.98 0.06 -10.39
CA TRP D 176 -19.65 0.59 -10.67
C TRP D 176 -19.48 2.01 -10.09
N LYS D 177 -20.45 2.88 -10.36
CA LYS D 177 -20.43 4.26 -9.85
C LYS D 177 -20.65 4.35 -8.37
N MET D 178 -21.63 3.63 -7.86
CA MET D 178 -22.13 3.83 -6.50
C MET D 178 -21.34 3.08 -5.43
N GLY D 179 -20.88 1.86 -5.73
CA GLY D 179 -20.16 1.06 -4.77
C GLY D 179 -18.98 1.85 -4.24
N ALA D 180 -18.15 2.34 -5.14
CA ALA D 180 -16.92 3.01 -4.75
C ALA D 180 -17.21 4.35 -4.09
N ALA D 181 -18.15 5.09 -4.67
CA ALA D 181 -18.53 6.38 -4.11
C ALA D 181 -19.14 6.27 -2.70
N LEU D 182 -20.11 5.37 -2.49
CA LEU D 182 -20.66 5.06 -1.16
C LEU D 182 -19.63 4.47 -0.18
N ALA D 183 -18.75 3.63 -0.68
CA ALA D 183 -17.74 3.07 0.17
C ALA D 183 -17.00 4.19 0.90
N THR D 184 -16.71 5.30 0.23
CA THR D 184 -15.88 6.35 0.78
C THR D 184 -16.60 7.29 1.68
N GLY D 185 -17.92 7.29 1.62
CA GLY D 185 -18.75 8.17 2.44
C GLY D 185 -19.39 9.31 1.67
N CYS D 186 -19.38 9.26 0.34
CA CYS D 186 -20.06 10.29 -0.49
C CYS D 186 -21.60 10.05 -0.50
N THR D 187 -22.33 11.06 -0.98
CA THR D 187 -23.74 10.94 -1.29
C THR D 187 -23.89 11.23 -2.78
N ILE D 188 -25.03 10.80 -3.34
CA ILE D 188 -25.14 10.54 -4.77
C ILE D 188 -26.42 11.11 -5.39
N VAL D 189 -26.23 11.82 -6.48
CA VAL D 189 -27.32 12.14 -7.41
C VAL D 189 -26.90 11.43 -8.67
N LEU D 190 -27.70 10.43 -9.03
CA LEU D 190 -27.42 9.54 -10.16
C LEU D 190 -28.58 9.61 -11.17
N LYS D 191 -28.24 9.79 -12.45
CA LYS D 191 -29.22 9.80 -13.51
C LYS D 191 -29.01 8.57 -14.44
N PRO D 192 -30.05 7.71 -14.52
CA PRO D 192 -29.97 6.59 -15.47
C PRO D 192 -30.25 7.06 -16.87
N ALA D 193 -29.81 6.30 -17.85
CA ALA D 193 -30.17 6.58 -19.24
C ALA D 193 -31.71 6.60 -19.49
N GLU D 194 -32.14 7.50 -20.40
CA GLU D 194 -33.57 7.59 -20.81
C GLU D 194 -34.08 6.30 -21.39
N GLN D 195 -33.21 5.57 -22.08
CA GLN D 195 -33.62 4.34 -22.72
C GLN D 195 -33.88 3.23 -21.73
N THR D 196 -33.20 3.24 -20.58
CA THR D 196 -33.15 2.11 -19.65
C THR D 196 -33.19 2.54 -18.16
N PRO D 197 -34.26 3.25 -17.73
CA PRO D 197 -34.38 3.69 -16.34
C PRO D 197 -34.91 2.66 -15.36
N LEU D 198 -35.42 1.52 -15.84
CA LEU D 198 -36.31 0.71 -15.02
C LEU D 198 -35.58 -0.09 -13.93
N SER D 199 -34.50 -0.78 -14.29
CA SER D 199 -33.82 -1.66 -13.36
C SER D 199 -33.35 -0.85 -12.14
N LEU D 200 -32.81 0.36 -12.37
CA LEU D 200 -32.36 1.22 -11.27
C LEU D 200 -33.45 1.75 -10.35
N LEU D 201 -34.63 2.04 -10.86
CA LEU D 201 -35.72 2.59 -10.03
C LEU D 201 -36.48 1.54 -9.30
N TYR D 202 -36.49 0.31 -9.84
CA TYR D 202 -36.85 -0.88 -9.08
C TYR D 202 -35.87 -1.02 -7.91
N ALA D 203 -34.57 -1.00 -8.22
CA ALA D 203 -33.52 -1.14 -7.19
C ALA D 203 -33.61 -0.13 -6.03
N ALA D 204 -34.24 1.01 -6.27
CA ALA D 204 -34.53 1.96 -5.23
C ALA D 204 -35.36 1.38 -4.07
N LYS D 205 -36.28 0.43 -4.35
CA LYS D 205 -37.02 -0.27 -3.26
C LYS D 205 -36.03 -0.88 -2.27
N LEU D 206 -34.99 -1.49 -2.85
CA LEU D 206 -33.93 -2.19 -2.12
C LEU D 206 -33.01 -1.26 -1.30
N PHE D 207 -32.75 -0.02 -1.75
CA PHE D 207 -31.99 0.95 -0.95
C PHE D 207 -32.77 1.34 0.30
N LYS D 208 -34.07 1.57 0.10
CA LYS D 208 -34.96 1.88 1.22
C LYS D 208 -35.07 0.69 2.18
N GLU D 209 -35.34 -0.49 1.66
CA GLU D 209 -35.46 -1.68 2.50
C GLU D 209 -34.15 -1.99 3.26
N ALA D 210 -33.00 -1.67 2.68
CA ALA D 210 -31.75 -1.94 3.32
C ALA D 210 -31.47 -1.00 4.49
N GLY D 211 -32.20 0.13 4.58
CA GLY D 211 -31.99 1.14 5.63
C GLY D 211 -31.07 2.33 5.31
N PHE D 212 -30.95 2.70 4.04
CA PHE D 212 -30.09 3.84 3.67
C PHE D 212 -30.75 5.08 4.19
N PRO D 213 -30.00 5.93 4.92
CA PRO D 213 -30.63 7.16 5.36
C PRO D 213 -31.09 8.03 4.20
N ASN D 214 -32.11 8.84 4.46
CA ASN D 214 -32.71 9.70 3.48
C ASN D 214 -31.67 10.62 2.88
N GLY D 215 -31.52 10.56 1.56
CA GLY D 215 -30.67 11.47 0.79
C GLY D 215 -29.30 10.93 0.38
N VAL D 216 -28.87 9.81 0.97
CA VAL D 216 -27.56 9.25 0.67
C VAL D 216 -27.49 8.89 -0.81
N VAL D 217 -28.66 8.56 -1.37
CA VAL D 217 -28.75 8.08 -2.73
C VAL D 217 -30.01 8.72 -3.34
N ASN D 218 -29.86 9.37 -4.50
CA ASN D 218 -31.00 9.98 -5.19
C ASN D 218 -30.96 9.69 -6.71
N PHE D 219 -32.07 9.18 -7.26
CA PHE D 219 -32.14 8.72 -8.65
C PHE D 219 -33.14 9.55 -9.43
N VAL D 220 -32.63 10.21 -10.48
CA VAL D 220 -33.37 11.21 -11.27
C VAL D 220 -33.38 10.81 -12.75
N PRO D 221 -34.37 10.02 -13.17
CA PRO D 221 -34.45 9.61 -14.57
C PRO D 221 -34.87 10.76 -15.45
N GLY D 222 -34.49 10.73 -16.72
CA GLY D 222 -34.66 11.90 -17.60
C GLY D 222 -33.77 11.94 -18.84
N PHE D 223 -33.79 13.09 -19.50
CA PHE D 223 -33.07 13.32 -20.75
C PHE D 223 -31.75 13.99 -20.44
N GLY D 224 -30.74 13.67 -21.23
CA GLY D 224 -29.40 14.11 -20.97
C GLY D 224 -29.30 15.61 -21.04
N PRO D 225 -29.93 16.22 -22.06
CA PRO D 225 -29.72 17.67 -22.13
C PRO D 225 -30.50 18.48 -21.10
N GLU D 226 -31.42 17.86 -20.36
CA GLU D 226 -32.13 18.56 -19.26
C GLU D 226 -31.62 18.09 -17.89
N ALA D 227 -31.75 16.80 -17.60
CA ALA D 227 -31.46 16.29 -16.26
C ALA D 227 -29.97 16.03 -16.06
N GLY D 228 -29.35 15.52 -17.12
CA GLY D 228 -27.92 15.31 -17.13
C GLY D 228 -27.17 16.62 -16.95
N ALA D 229 -27.45 17.57 -17.83
CA ALA D 229 -26.80 18.90 -17.80
C ALA D 229 -27.05 19.63 -16.51
N ALA D 230 -28.24 19.50 -15.93
CA ALA D 230 -28.51 20.06 -14.59
C ALA D 230 -27.55 19.54 -13.53
N ILE D 231 -27.15 18.28 -13.63
CA ILE D 231 -26.14 17.67 -12.74
C ILE D 231 -24.76 18.23 -13.04
N VAL D 232 -24.41 18.18 -14.32
CA VAL D 232 -23.13 18.69 -14.83
C VAL D 232 -22.84 20.16 -14.47
N ASN D 233 -23.87 21.01 -14.54
CA ASN D 233 -23.80 22.44 -14.28
C ASN D 233 -24.15 22.91 -12.86
N HIS D 234 -24.41 21.97 -11.95
CA HIS D 234 -24.80 22.32 -10.59
C HIS D 234 -23.58 22.73 -9.74
N HIS D 235 -23.68 23.94 -9.17
CA HIS D 235 -22.60 24.57 -8.39
C HIS D 235 -22.23 23.80 -7.12
N ASP D 236 -23.25 23.23 -6.46
CA ASP D 236 -23.06 22.47 -5.22
C ASP D 236 -22.82 20.96 -5.37
N ILE D 237 -22.55 20.45 -6.58
CA ILE D 237 -22.04 19.07 -6.73
C ILE D 237 -20.50 19.12 -6.78
N ASP D 238 -19.84 18.32 -5.95
CA ASP D 238 -18.38 18.44 -5.72
C ASP D 238 -17.53 17.70 -6.73
N LYS D 239 -18.13 16.74 -7.41
CA LYS D 239 -17.41 15.87 -8.32
C LYS D 239 -18.40 15.10 -9.18
N VAL D 240 -17.99 14.84 -10.40
CA VAL D 240 -18.86 14.36 -11.45
C VAL D 240 -18.17 13.16 -12.14
N ALA D 241 -18.94 12.09 -12.35
CA ALA D 241 -18.45 10.89 -13.02
C ALA D 241 -19.43 10.50 -14.09
N PHE D 242 -18.93 9.99 -15.21
CA PHE D 242 -19.71 9.87 -16.43
C PHE D 242 -19.20 8.73 -17.24
N THR D 243 -20.11 7.96 -17.82
CA THR D 243 -19.72 7.06 -18.88
C THR D 243 -20.69 7.15 -20.01
N GLY D 244 -20.20 7.02 -21.24
CA GLY D 244 -20.99 7.36 -22.43
C GLY D 244 -20.17 7.80 -23.63
N SER D 245 -20.79 8.57 -24.49
CA SER D 245 -20.17 9.02 -25.74
C SER D 245 -19.02 10.00 -25.49
N THR D 246 -18.02 9.90 -26.36
CA THR D 246 -16.96 10.87 -26.44
C THR D 246 -17.51 12.31 -26.51
N VAL D 247 -18.57 12.50 -27.27
CA VAL D 247 -19.12 13.86 -27.47
C VAL D 247 -19.64 14.49 -26.16
N THR D 248 -20.40 13.71 -25.40
CA THR D 248 -21.00 14.19 -24.16
C THR D 248 -19.92 14.35 -23.12
N GLY D 249 -18.95 13.43 -23.12
CA GLY D 249 -17.80 13.48 -22.22
C GLY D 249 -16.94 14.73 -22.37
N LYS D 250 -16.69 15.16 -23.61
CA LYS D 250 -15.99 16.44 -23.85
C LYS D 250 -16.81 17.63 -23.30
N TYR D 251 -18.12 17.60 -23.52
CA TYR D 251 -19.03 18.61 -22.95
C TYR D 251 -18.82 18.70 -21.44
N ILE D 252 -18.81 17.55 -20.77
CA ILE D 252 -18.84 17.48 -19.31
C ILE D 252 -17.54 18.02 -18.70
N MET D 253 -16.43 17.62 -19.31
CA MET D 253 -15.10 18.10 -18.93
C MET D 253 -14.98 19.63 -19.16
N ARG D 254 -15.46 20.09 -20.31
CA ARG D 254 -15.47 21.51 -20.65
C ARG D 254 -16.25 22.29 -19.59
N GLN D 255 -17.45 21.81 -19.27
CA GLN D 255 -18.30 22.42 -18.26
C GLN D 255 -17.71 22.36 -16.84
N SER D 256 -17.02 21.27 -16.55
CA SER D 256 -16.46 21.04 -15.25
C SER D 256 -15.29 21.99 -14.96
N ALA D 257 -14.63 22.47 -15.99
CA ALA D 257 -13.53 23.41 -15.85
C ALA D 257 -13.91 24.64 -15.09
N GLU D 258 -15.15 25.10 -15.27
CA GLU D 258 -15.63 26.32 -14.61
C GLU D 258 -15.65 26.21 -13.09
N MET D 259 -15.92 25.01 -12.58
CA MET D 259 -15.95 24.78 -11.13
C MET D 259 -14.68 24.11 -10.59
N ILE D 260 -13.66 23.91 -11.43
CA ILE D 260 -12.43 23.10 -11.14
C ILE D 260 -12.80 21.79 -10.42
N LYS D 261 -13.74 21.14 -11.06
CA LYS D 261 -14.40 19.97 -10.52
C LYS D 261 -13.74 18.76 -11.13
N HIS D 262 -13.29 17.83 -10.28
CA HIS D 262 -12.74 16.56 -10.69
C HIS D 262 -13.76 15.79 -11.58
N VAL D 263 -13.21 15.25 -12.66
CA VAL D 263 -13.91 14.49 -13.64
C VAL D 263 -13.28 13.10 -13.75
N THR D 264 -14.12 12.06 -13.78
CA THR D 264 -13.69 10.76 -14.33
C THR D 264 -14.59 10.35 -15.50
N LEU D 265 -13.95 9.79 -16.54
CA LEU D 265 -14.61 9.49 -17.81
C LEU D 265 -14.24 8.10 -18.31
N GLU D 266 -15.28 7.33 -18.61
CA GLU D 266 -15.21 6.03 -19.25
C GLU D 266 -15.92 6.21 -20.57
N LEU D 267 -15.17 6.30 -21.66
CA LEU D 267 -15.73 6.62 -22.97
C LEU D 267 -15.58 5.39 -23.89
N GLY D 268 -15.81 5.56 -25.19
CA GLY D 268 -15.79 4.43 -26.13
C GLY D 268 -14.42 3.85 -26.47
N GLY D 269 -14.45 2.87 -27.38
CA GLY D 269 -13.26 2.15 -27.79
C GLY D 269 -13.38 1.61 -29.19
N LYS D 270 -12.25 1.28 -29.79
CA LYS D 270 -12.14 0.42 -30.98
C LYS D 270 -11.10 -0.67 -30.64
N SER D 271 -11.43 -1.45 -29.62
CA SER D 271 -10.42 -2.33 -29.05
C SER D 271 -10.00 -3.40 -30.03
N PRO D 272 -8.69 -3.70 -30.11
CA PRO D 272 -8.12 -4.78 -30.94
C PRO D 272 -8.02 -6.12 -30.23
N ASN D 273 -8.17 -7.20 -31.01
CA ASN D 273 -8.18 -8.58 -30.51
C ASN D 273 -7.26 -9.32 -31.51
N ILE D 274 -6.07 -9.69 -31.03
CA ILE D 274 -4.94 -10.05 -31.89
C ILE D 274 -4.66 -11.53 -31.83
N ILE D 275 -4.86 -12.22 -32.95
CA ILE D 275 -4.51 -13.64 -33.06
C ILE D 275 -3.11 -13.76 -33.69
N LEU D 276 -2.13 -14.14 -32.87
CA LEU D 276 -0.80 -14.34 -33.37
C LEU D 276 -0.72 -15.75 -33.92
N GLU D 277 0.39 -16.02 -34.62
CA GLU D 277 0.61 -17.27 -35.31
C GLU D 277 0.53 -18.49 -34.42
N ASP D 278 0.99 -18.35 -33.18
CA ASP D 278 0.97 -19.46 -32.22
C ASP D 278 -0.19 -19.42 -31.24
N ALA D 279 -1.24 -18.65 -31.52
CA ALA D 279 -2.49 -18.75 -30.77
C ALA D 279 -3.03 -20.18 -30.74
N ASP D 280 -3.77 -20.53 -29.68
CA ASP D 280 -4.59 -21.73 -29.67
C ASP D 280 -5.89 -21.35 -30.39
N LEU D 281 -6.02 -21.81 -31.62
CA LEU D 281 -6.93 -21.22 -32.59
C LEU D 281 -8.40 -21.49 -32.25
N GLU D 282 -8.67 -22.63 -31.63
CA GLU D 282 -10.02 -22.96 -31.21
C GLU D 282 -10.53 -21.84 -30.33
N GLU D 283 -9.81 -21.66 -29.21
CA GLU D 283 -10.07 -20.64 -28.21
C GLU D 283 -10.13 -19.25 -28.80
N ALA D 284 -9.14 -18.89 -29.60
CA ALA D 284 -9.05 -17.53 -30.11
C ALA D 284 -10.25 -17.22 -30.99
N ILE D 285 -10.70 -18.20 -31.75
CA ILE D 285 -11.84 -18.00 -32.62
C ILE D 285 -13.11 -17.69 -31.83
N ASN D 286 -13.34 -18.39 -30.72
CA ASN D 286 -14.47 -18.12 -29.84
C ASN D 286 -14.36 -16.78 -29.14
N GLY D 287 -13.15 -16.51 -28.65
CA GLY D 287 -12.81 -15.22 -28.10
C GLY D 287 -13.07 -14.04 -29.01
N ALA D 288 -12.53 -14.11 -30.23
CA ALA D 288 -12.81 -13.13 -31.29
C ALA D 288 -14.30 -12.95 -31.55
N PHE D 289 -15.06 -14.05 -31.57
CA PHE D 289 -16.49 -13.99 -31.86
C PHE D 289 -17.27 -13.42 -30.65
N GLN D 290 -17.14 -14.05 -29.48
CA GLN D 290 -17.76 -13.53 -28.25
C GLN D 290 -17.30 -12.09 -27.96
N GLY D 291 -16.03 -11.81 -28.18
CA GLY D 291 -15.43 -10.52 -27.94
C GLY D 291 -16.10 -9.33 -28.60
N ILE D 292 -16.71 -9.57 -29.76
CA ILE D 292 -17.48 -8.55 -30.43
C ILE D 292 -19.01 -8.75 -30.24
N MET D 293 -19.50 -9.97 -30.30
CA MET D 293 -20.96 -10.20 -30.33
C MET D 293 -21.64 -10.13 -28.98
N TYR D 294 -20.88 -10.26 -27.90
CA TYR D 294 -21.42 -10.18 -26.54
C TYR D 294 -22.13 -8.86 -26.38
N ASN D 295 -23.37 -8.95 -25.94
CA ASN D 295 -24.24 -7.79 -25.70
C ASN D 295 -24.52 -7.03 -26.98
N HIS D 296 -24.57 -7.77 -28.09
CA HIS D 296 -24.94 -7.24 -29.38
C HIS D 296 -23.94 -6.18 -29.86
N GLY D 297 -22.70 -6.24 -29.39
CA GLY D 297 -21.73 -5.21 -29.71
C GLY D 297 -21.83 -3.88 -28.98
N GLN D 298 -22.80 -3.77 -28.07
CA GLN D 298 -23.08 -2.55 -27.34
C GLN D 298 -22.22 -2.60 -26.08
N ASN D 299 -20.93 -2.52 -26.31
CA ASN D 299 -19.93 -2.79 -25.32
C ASN D 299 -18.70 -1.98 -25.76
N CYS D 300 -18.29 -1.07 -24.88
CA CYS D 300 -17.17 -0.20 -25.21
CA CYS D 300 -17.16 -0.17 -25.10
C CYS D 300 -15.85 -0.94 -25.38
N SER D 301 -15.66 -2.03 -24.64
CA SER D 301 -14.44 -2.82 -24.74
C SER D 301 -14.51 -3.91 -25.81
N ALA D 302 -15.58 -3.92 -26.61
CA ALA D 302 -15.77 -4.92 -27.67
C ALA D 302 -14.59 -5.02 -28.60
N GLY D 303 -14.18 -6.25 -28.95
CA GLY D 303 -13.13 -6.50 -29.94
C GLY D 303 -13.60 -6.26 -31.36
N SER D 304 -13.80 -5.00 -31.72
CA SER D 304 -14.37 -4.64 -33.01
C SER D 304 -13.36 -4.69 -34.16
N ARG D 305 -12.06 -4.73 -33.83
CA ARG D 305 -10.97 -4.96 -34.78
C ARG D 305 -10.26 -6.28 -34.44
N VAL D 306 -10.58 -7.33 -35.19
CA VAL D 306 -9.96 -8.64 -35.06
C VAL D 306 -8.81 -8.73 -36.03
N PHE D 307 -7.59 -8.66 -35.49
CA PHE D 307 -6.35 -8.86 -36.24
C PHE D 307 -5.98 -10.33 -36.18
N VAL D 308 -5.60 -10.88 -37.33
CA VAL D 308 -5.21 -12.27 -37.48
C VAL D 308 -3.93 -12.35 -38.30
N HIS D 309 -2.99 -13.18 -37.84
CA HIS D 309 -1.82 -13.54 -38.62
C HIS D 309 -2.29 -14.15 -39.91
N ARG D 310 -1.56 -13.89 -40.99
CA ARG D 310 -1.97 -14.30 -42.32
C ARG D 310 -2.11 -15.79 -42.48
N LYS D 311 -1.25 -16.56 -41.83
CA LYS D 311 -1.40 -18.02 -41.74
C LYS D 311 -2.82 -18.47 -41.43
N HIS D 312 -3.54 -17.74 -40.58
CA HIS D 312 -4.87 -18.15 -40.11
C HIS D 312 -6.03 -17.30 -40.56
N TYR D 313 -5.74 -16.22 -41.28
CA TYR D 313 -6.73 -15.26 -41.75
C TYR D 313 -8.01 -15.87 -42.36
N GLU D 314 -7.81 -16.76 -43.34
CA GLU D 314 -8.93 -17.47 -43.99
C GLU D 314 -9.65 -18.42 -43.04
N THR D 315 -8.91 -19.18 -42.22
CA THR D 315 -9.51 -20.05 -41.22
C THR D 315 -10.42 -19.26 -40.28
N VAL D 316 -10.00 -18.08 -39.80
CA VAL D 316 -10.84 -17.35 -38.82
C VAL D 316 -11.98 -16.58 -39.47
N VAL D 317 -11.73 -15.99 -40.65
CA VAL D 317 -12.81 -15.37 -41.43
C VAL D 317 -13.93 -16.37 -41.71
N ASP D 318 -13.59 -17.57 -42.20
CA ASP D 318 -14.62 -18.60 -42.45
C ASP D 318 -15.40 -18.98 -41.19
N ALA D 319 -14.73 -19.04 -40.05
CA ALA D 319 -15.39 -19.46 -38.81
C ALA D 319 -16.33 -18.38 -38.26
N LEU D 320 -15.91 -17.13 -38.31
CA LEU D 320 -16.76 -16.03 -37.82
C LEU D 320 -17.99 -15.84 -38.66
N VAL D 321 -17.84 -15.96 -39.99
CA VAL D 321 -18.98 -15.95 -40.94
C VAL D 321 -20.04 -17.04 -40.61
N LYS D 322 -19.60 -18.26 -40.29
CA LYS D 322 -20.52 -19.37 -39.94
C LYS D 322 -21.23 -19.09 -38.60
N MET D 323 -20.45 -18.76 -37.57
CA MET D 323 -21.01 -18.35 -36.28
C MET D 323 -21.98 -17.15 -36.35
N ALA D 324 -21.67 -16.13 -37.14
CA ALA D 324 -22.56 -14.97 -37.31
C ALA D 324 -23.88 -15.34 -37.95
N ASN D 325 -23.82 -16.07 -39.07
CA ASN D 325 -25.05 -16.57 -39.70
C ASN D 325 -25.80 -17.55 -38.79
N ASN D 326 -25.18 -18.22 -37.81
CA ASN D 326 -25.94 -19.04 -36.84
C ASN D 326 -26.53 -18.36 -35.62
N VAL D 327 -26.23 -17.13 -35.30
CA VAL D 327 -26.83 -16.57 -34.12
C VAL D 327 -28.33 -16.40 -34.21
N LYS D 328 -28.95 -16.79 -33.13
CA LYS D 328 -30.36 -16.77 -32.94
C LYS D 328 -30.87 -15.47 -32.33
N LEU D 329 -31.40 -14.60 -33.17
CA LEU D 329 -31.94 -13.33 -32.81
C LEU D 329 -33.39 -13.41 -32.38
N GLY D 330 -33.77 -12.71 -31.35
CA GLY D 330 -35.12 -12.68 -30.88
C GLY D 330 -35.29 -11.78 -29.68
N ALA D 331 -36.46 -11.84 -29.09
CA ALA D 331 -36.76 -11.05 -27.94
C ALA D 331 -35.90 -11.49 -26.74
N GLY D 332 -35.50 -10.55 -25.88
CA GLY D 332 -34.79 -10.87 -24.62
C GLY D 332 -35.54 -11.83 -23.72
N MET D 333 -36.87 -11.72 -23.72
CA MET D 333 -37.74 -12.57 -22.88
C MET D 333 -38.27 -13.87 -23.56
N GLU D 334 -37.65 -14.29 -24.66
CA GLU D 334 -37.90 -15.60 -25.27
C GLU D 334 -36.70 -16.49 -24.93
N LYS D 335 -36.98 -17.71 -24.60
CA LYS D 335 -35.96 -18.65 -24.18
C LYS D 335 -34.87 -19.00 -25.13
N GLU D 336 -35.18 -19.04 -26.41
CA GLU D 336 -34.21 -19.41 -27.42
C GLU D 336 -33.23 -18.33 -27.78
N THR D 337 -33.55 -17.09 -27.50
CA THR D 337 -32.71 -15.97 -27.84
C THR D 337 -31.24 -15.97 -27.47
N GLU D 338 -30.38 -15.83 -28.45
CA GLU D 338 -28.94 -15.68 -28.18
C GLU D 338 -28.49 -14.24 -28.25
N MET D 339 -29.13 -13.44 -29.11
CA MET D 339 -28.89 -12.01 -29.24
C MET D 339 -30.17 -11.25 -29.48
N GLY D 340 -30.31 -10.20 -28.73
CA GLY D 340 -31.42 -9.31 -28.81
C GLY D 340 -31.20 -8.17 -29.73
N PRO D 341 -32.15 -7.19 -29.65
CA PRO D 341 -31.94 -6.05 -30.53
C PRO D 341 -31.12 -4.88 -29.95
N LEU D 342 -30.87 -3.91 -30.77
CA LEU D 342 -30.20 -2.74 -30.37
C LEU D 342 -31.18 -1.99 -29.51
N VAL D 343 -30.71 -1.04 -28.75
CA VAL D 343 -31.49 -0.30 -27.80
C VAL D 343 -32.60 0.61 -28.28
N SER D 344 -32.40 1.22 -29.40
CA SER D 344 -33.35 2.22 -29.91
C SER D 344 -33.37 2.22 -31.42
N LYS D 345 -34.30 2.94 -32.01
CA LYS D 345 -34.39 3.08 -33.45
C LYS D 345 -33.24 3.92 -33.93
N LYS D 346 -32.88 4.90 -33.14
CA LYS D 346 -31.76 5.73 -33.40
C LYS D 346 -30.43 4.93 -33.40
N GLN D 347 -30.25 4.01 -32.46
CA GLN D 347 -29.06 3.20 -32.40
C GLN D 347 -28.96 2.28 -33.57
N GLN D 348 -30.06 1.66 -33.98
CA GLN D 348 -30.14 0.81 -35.17
C GLN D 348 -29.83 1.59 -36.45
N GLU D 349 -30.34 2.80 -36.59
CA GLU D 349 -30.09 3.64 -37.75
C GLU D 349 -28.61 4.06 -37.81
N ARG D 350 -28.01 4.44 -36.68
CA ARG D 350 -26.56 4.75 -36.63
C ARG D 350 -25.70 3.58 -37.08
N VAL D 351 -26.02 2.35 -36.61
CA VAL D 351 -25.16 1.19 -37.00
C VAL D 351 -25.40 0.77 -38.44
N LEU D 352 -26.65 0.85 -38.89
CA LEU D 352 -26.97 0.63 -40.29
C LEU D 352 -26.31 1.69 -41.15
N ASN D 353 -26.23 2.92 -40.69
CA ASN D 353 -25.43 3.93 -41.43
C ASN D 353 -23.94 3.57 -41.61
N TYR D 354 -23.34 3.00 -40.56
CA TYR D 354 -21.91 2.66 -40.57
C TYR D 354 -21.65 1.52 -41.54
N ILE D 355 -22.55 0.53 -41.53
CA ILE D 355 -22.48 -0.55 -42.48
C ILE D 355 -22.55 -0.03 -43.94
N GLU D 356 -23.49 0.88 -44.25
CA GLU D 356 -23.54 1.50 -45.61
C GLU D 356 -22.26 2.24 -45.91
N GLN D 357 -21.74 2.96 -44.92
CA GLN D 357 -20.45 3.62 -45.07
C GLN D 357 -19.34 2.63 -45.38
N GLY D 358 -19.33 1.48 -44.71
CA GLY D 358 -18.33 0.46 -45.02
C GLY D 358 -18.37 -0.03 -46.45
N LYS D 359 -19.59 -0.27 -46.95
CA LYS D 359 -19.83 -0.73 -48.31
C LYS D 359 -19.35 0.33 -49.31
N LYS D 360 -19.71 1.59 -49.12
CA LYS D 360 -19.29 2.55 -50.15
C LYS D 360 -17.82 2.98 -50.09
N GLU D 361 -17.14 2.73 -48.98
CA GLU D 361 -15.66 2.88 -48.90
C GLU D 361 -14.94 1.69 -49.57
N GLY D 362 -15.66 0.60 -49.89
CA GLY D 362 -15.06 -0.53 -50.63
C GLY D 362 -14.81 -1.85 -49.89
N ALA D 363 -15.27 -1.94 -48.65
CA ALA D 363 -15.18 -3.14 -47.86
C ALA D 363 -16.30 -4.16 -48.19
N THR D 364 -16.02 -5.43 -47.97
CA THR D 364 -16.92 -6.52 -48.27
C THR D 364 -17.69 -7.01 -47.07
N VAL D 365 -19.01 -7.16 -47.17
CA VAL D 365 -19.75 -7.74 -46.08
C VAL D 365 -19.76 -9.22 -46.35
N ALA D 366 -19.05 -9.95 -45.51
CA ALA D 366 -18.90 -11.39 -45.59
C ALA D 366 -20.07 -12.11 -44.90
N ALA D 367 -20.84 -11.33 -44.14
CA ALA D 367 -22.05 -11.77 -43.46
C ALA D 367 -22.84 -10.56 -42.88
N GLY D 368 -24.14 -10.74 -42.68
CA GLY D 368 -25.00 -9.74 -42.07
C GLY D 368 -25.17 -8.54 -42.98
N GLY D 369 -24.96 -7.35 -42.41
CA GLY D 369 -24.94 -6.12 -43.15
C GLY D 369 -26.28 -5.41 -43.25
N GLU D 370 -27.27 -5.87 -42.47
CA GLU D 370 -28.65 -5.39 -42.63
C GLU D 370 -29.54 -5.70 -41.42
N ARG D 371 -30.71 -5.11 -41.39
CA ARG D 371 -31.63 -5.30 -40.31
C ARG D 371 -32.18 -6.70 -40.30
N ALA D 372 -32.70 -7.14 -39.17
CA ALA D 372 -33.25 -8.45 -39.03
C ALA D 372 -34.64 -8.44 -38.42
N LEU D 373 -35.42 -9.47 -38.67
CA LEU D 373 -36.78 -9.64 -38.18
C LEU D 373 -37.83 -8.67 -38.63
N GLU D 374 -39.05 -8.82 -38.13
CA GLU D 374 -40.16 -7.99 -38.53
C GLU D 374 -40.35 -6.82 -37.66
N LYS D 375 -40.27 -7.00 -36.37
CA LYS D 375 -40.41 -5.89 -35.47
C LYS D 375 -39.12 -5.77 -34.69
N GLY D 376 -38.94 -4.69 -33.97
CA GLY D 376 -37.78 -4.49 -33.15
C GLY D 376 -36.60 -3.85 -33.80
N TYR D 377 -35.65 -3.44 -32.98
CA TYR D 377 -34.44 -2.79 -33.46
C TYR D 377 -33.25 -3.68 -33.68
N PHE D 378 -33.47 -4.78 -34.38
CA PHE D 378 -32.48 -5.75 -34.66
C PHE D 378 -31.61 -5.49 -35.86
N VAL D 379 -30.37 -5.90 -35.75
CA VAL D 379 -29.45 -5.85 -36.84
C VAL D 379 -28.67 -7.14 -36.85
N LYS D 380 -28.45 -7.66 -38.02
CA LYS D 380 -27.73 -8.91 -38.16
C LYS D 380 -26.30 -8.85 -37.77
N PRO D 381 -25.80 -10.00 -37.18
CA PRO D 381 -24.37 -10.00 -36.93
C PRO D 381 -23.54 -9.90 -38.22
N THR D 382 -22.69 -8.91 -38.27
CA THR D 382 -21.92 -8.56 -39.44
C THR D 382 -20.43 -8.75 -39.45
N VAL D 383 -19.93 -9.37 -40.48
CA VAL D 383 -18.53 -9.54 -40.67
C VAL D 383 -18.02 -8.73 -41.88
N PHE D 384 -17.08 -7.84 -41.65
CA PHE D 384 -16.49 -7.02 -42.68
C PHE D 384 -15.09 -7.47 -42.99
N THR D 385 -14.80 -7.59 -44.26
CA THR D 385 -13.58 -8.09 -44.80
C THR D 385 -13.05 -7.10 -45.84
N ASP D 386 -11.82 -7.24 -46.29
CA ASP D 386 -11.24 -6.36 -47.31
C ASP D 386 -11.31 -4.93 -46.88
N VAL D 387 -10.76 -4.71 -45.73
CA VAL D 387 -10.86 -3.51 -45.04
C VAL D 387 -9.49 -2.91 -44.92
N THR D 388 -9.40 -1.60 -44.76
CA THR D 388 -8.13 -0.92 -44.60
C THR D 388 -8.15 -0.08 -43.37
N ASP D 389 -6.99 0.25 -42.86
CA ASP D 389 -6.83 1.02 -41.63
C ASP D 389 -7.43 2.41 -41.61
N ASP D 390 -7.43 3.04 -42.75
CA ASP D 390 -7.94 4.36 -42.91
C ASP D 390 -9.45 4.47 -43.10
N MET D 391 -10.15 3.36 -43.17
CA MET D 391 -11.58 3.32 -43.35
C MET D 391 -12.41 3.74 -42.14
N THR D 392 -13.49 4.44 -42.38
CA THR D 392 -14.37 4.85 -41.32
C THR D 392 -14.69 3.68 -40.40
N ILE D 393 -15.12 2.56 -40.97
CA ILE D 393 -15.60 1.42 -40.14
C ILE D 393 -14.52 0.81 -39.26
N VAL D 394 -13.24 0.89 -39.66
CA VAL D 394 -12.15 0.38 -38.82
C VAL D 394 -11.64 1.40 -37.81
N LYS D 395 -11.90 2.70 -38.02
CA LYS D 395 -11.57 3.75 -37.06
C LYS D 395 -12.62 4.05 -36.02
N GLU D 396 -13.85 4.27 -36.42
CA GLU D 396 -14.89 4.74 -35.48
C GLU D 396 -15.64 3.61 -34.78
N GLU D 397 -16.06 3.90 -33.56
CA GLU D 397 -16.89 2.99 -32.76
C GLU D 397 -18.29 2.90 -33.37
N ILE D 398 -18.67 1.73 -33.86
CA ILE D 398 -20.01 1.50 -34.47
C ILE D 398 -21.09 1.21 -33.41
N PHE D 399 -20.71 0.38 -32.45
CA PHE D 399 -21.52 -0.03 -31.32
C PHE D 399 -22.68 -0.95 -31.69
N GLY D 400 -22.46 -1.83 -32.66
CA GLY D 400 -23.38 -2.90 -32.94
C GLY D 400 -22.56 -4.16 -33.10
N PRO D 401 -23.24 -5.25 -33.51
CA PRO D 401 -22.62 -6.52 -33.75
C PRO D 401 -21.82 -6.57 -35.07
N VAL D 402 -20.81 -5.71 -35.16
CA VAL D 402 -20.08 -5.48 -36.39
C VAL D 402 -18.59 -5.58 -36.14
N VAL D 403 -17.97 -6.58 -36.75
CA VAL D 403 -16.56 -6.83 -36.66
C VAL D 403 -15.79 -6.56 -37.95
N VAL D 404 -14.52 -6.25 -37.81
CA VAL D 404 -13.68 -5.99 -38.92
C VAL D 404 -12.48 -6.93 -38.80
N VAL D 405 -12.23 -7.73 -39.82
CA VAL D 405 -11.15 -8.68 -39.86
C VAL D 405 -10.00 -8.19 -40.75
N LEU D 406 -8.86 -8.04 -40.12
CA LEU D 406 -7.65 -7.51 -40.66
C LEU D 406 -6.43 -8.40 -40.56
N PRO D 407 -5.87 -8.80 -41.76
CA PRO D 407 -4.67 -9.63 -41.63
C PRO D 407 -3.42 -8.88 -41.30
N PHE D 408 -2.40 -9.57 -40.82
CA PHE D 408 -1.13 -8.96 -40.50
C PHE D 408 -0.02 -9.92 -40.72
N ASP D 409 1.16 -9.39 -40.96
CA ASP D 409 2.29 -10.20 -41.21
C ASP D 409 3.34 -10.33 -40.13
N SER D 410 3.60 -9.31 -39.39
CA SER D 410 4.59 -9.37 -38.28
C SER D 410 4.00 -8.80 -36.98
N THR D 411 4.63 -9.19 -35.87
CA THR D 411 4.22 -8.76 -34.56
C THR D 411 4.46 -7.25 -34.37
N GLU D 412 5.62 -6.75 -34.79
CA GLU D 412 5.91 -5.32 -34.71
C GLU D 412 4.83 -4.51 -35.44
N GLU D 413 4.43 -4.99 -36.61
CA GLU D 413 3.38 -4.35 -37.43
C GLU D 413 2.01 -4.30 -36.71
N VAL D 414 1.58 -5.41 -36.11
CA VAL D 414 0.26 -5.44 -35.45
C VAL D 414 0.22 -4.57 -34.19
N ILE D 415 1.32 -4.49 -33.44
CA ILE D 415 1.35 -3.58 -32.31
C ILE D 415 1.11 -2.14 -32.80
N GLU D 416 1.78 -1.77 -33.89
CA GLU D 416 1.63 -0.42 -34.42
C GLU D 416 0.21 -0.12 -34.93
N ARG D 417 -0.33 -1.00 -35.74
CA ARG D 417 -1.66 -0.81 -36.29
C ARG D 417 -2.76 -0.82 -35.20
N ALA D 418 -2.62 -1.69 -34.21
CA ALA D 418 -3.51 -1.72 -33.02
C ALA D 418 -3.41 -0.46 -32.18
N ASN D 419 -2.21 0.09 -31.99
CA ASN D 419 -2.06 1.36 -31.21
C ASN D 419 -2.37 2.63 -32.01
N ASN D 420 -2.44 2.56 -33.33
CA ASN D 420 -2.68 3.74 -34.17
C ASN D 420 -4.17 4.03 -34.20
N SER D 421 -4.63 4.57 -33.10
CA SER D 421 -6.02 4.83 -32.82
C SER D 421 -6.03 5.82 -31.65
N SER D 422 -7.03 6.66 -31.63
CA SER D 422 -7.29 7.62 -30.60
C SER D 422 -7.85 6.92 -29.40
N TYR D 423 -8.26 5.68 -29.56
CA TYR D 423 -8.80 4.88 -28.48
C TYR D 423 -7.79 4.00 -27.77
N GLY D 424 -8.08 3.67 -26.55
CA GLY D 424 -7.26 2.76 -25.79
C GLY D 424 -7.91 2.18 -24.56
N LEU D 425 -9.04 1.53 -24.74
CA LEU D 425 -9.79 0.94 -23.66
C LEU D 425 -9.37 -0.45 -23.29
N ALA D 426 -9.22 -1.29 -24.27
CA ALA D 426 -8.90 -2.69 -24.01
C ALA D 426 -8.22 -3.36 -25.18
N ALA D 427 -7.64 -4.52 -24.98
CA ALA D 427 -7.05 -5.28 -26.06
C ALA D 427 -6.97 -6.73 -25.69
N GLY D 428 -6.88 -7.58 -26.71
CA GLY D 428 -6.82 -9.01 -26.54
C GLY D 428 -5.62 -9.50 -27.28
N VAL D 429 -4.92 -10.45 -26.69
CA VAL D 429 -3.73 -11.01 -27.33
C VAL D 429 -3.74 -12.50 -27.12
N TRP D 430 -3.60 -13.24 -28.21
CA TRP D 430 -3.71 -14.69 -28.20
C TRP D 430 -2.42 -15.32 -28.72
N THR D 431 -1.71 -15.90 -27.81
CA THR D 431 -0.45 -16.52 -28.05
C THR D 431 -0.16 -17.51 -26.95
N GLN D 432 0.37 -18.64 -27.32
CA GLN D 432 0.69 -19.67 -26.39
C GLN D 432 2.05 -19.46 -25.77
N ASN D 433 2.82 -18.54 -26.32
CA ASN D 433 4.18 -18.30 -25.90
C ASN D 433 4.20 -17.32 -24.71
N ILE D 434 4.86 -17.73 -23.64
CA ILE D 434 5.01 -16.98 -22.41
C ILE D 434 5.65 -15.61 -22.58
N LYS D 435 6.67 -15.53 -23.39
CA LYS D 435 7.35 -14.33 -23.65
C LYS D 435 6.57 -13.39 -24.52
N THR D 436 5.98 -13.90 -25.56
CA THR D 436 5.30 -13.08 -26.52
C THR D 436 4.03 -12.54 -25.91
N GLY D 437 3.37 -13.32 -25.05
CA GLY D 437 2.15 -12.83 -24.36
C GLY D 437 2.38 -11.57 -23.57
N HIS D 438 3.39 -11.61 -22.71
CA HIS D 438 3.68 -10.44 -21.90
C HIS D 438 4.31 -9.29 -22.66
N GLN D 439 5.24 -9.56 -23.58
CA GLN D 439 5.84 -8.47 -24.35
C GLN D 439 4.76 -7.67 -25.05
N VAL D 440 3.87 -8.38 -25.75
CA VAL D 440 2.83 -7.71 -26.49
C VAL D 440 1.89 -6.98 -25.55
N ALA D 441 1.46 -7.63 -24.46
CA ALA D 441 0.64 -6.93 -23.49
C ALA D 441 1.32 -5.64 -22.96
N ASN D 442 2.64 -5.65 -22.81
CA ASN D 442 3.35 -4.46 -22.32
C ASN D 442 3.31 -3.31 -23.31
N LYS D 443 3.38 -3.64 -24.60
CA LYS D 443 3.45 -2.61 -25.64
C LYS D 443 2.10 -2.09 -26.13
N LEU D 444 0.98 -2.66 -25.71
CA LEU D 444 -0.31 -2.18 -26.08
C LEU D 444 -0.81 -1.11 -25.21
N LYS D 445 -1.19 -0.02 -25.82
CA LYS D 445 -1.71 1.14 -25.14
C LYS D 445 -3.19 1.09 -24.84
N ALA D 446 -3.52 0.32 -23.84
CA ALA D 446 -4.89 0.05 -23.44
C ALA D 446 -5.01 -0.28 -21.97
N GLY D 447 -6.08 0.18 -21.36
CA GLY D 447 -6.37 0.02 -19.96
C GLY D 447 -6.47 -1.34 -19.40
N THR D 448 -6.93 -2.24 -20.20
CA THR D 448 -7.03 -3.60 -19.84
C THR D 448 -6.59 -4.43 -21.02
N VAL D 449 -5.77 -5.41 -20.75
CA VAL D 449 -5.28 -6.31 -21.74
C VAL D 449 -5.59 -7.73 -21.30
N TRP D 450 -6.24 -8.48 -22.17
CA TRP D 450 -6.56 -9.87 -21.92
C TRP D 450 -5.62 -10.79 -22.69
N ILE D 451 -5.01 -11.72 -22.02
CA ILE D 451 -4.11 -12.66 -22.65
C ILE D 451 -4.70 -14.04 -22.66
N ASN D 452 -5.21 -14.41 -23.82
CA ASN D 452 -5.82 -15.67 -24.07
C ASN D 452 -7.24 -15.76 -23.53
N ASP D 453 -7.86 -14.63 -23.52
CA ASP D 453 -9.26 -14.49 -23.20
C ASP D 453 -9.74 -13.13 -23.68
N TYR D 454 -10.98 -12.81 -23.39
CA TYR D 454 -11.54 -11.52 -23.79
C TYR D 454 -12.78 -11.19 -22.93
N ASN D 455 -13.05 -9.88 -22.76
CA ASN D 455 -14.26 -9.34 -22.11
C ASN D 455 -14.44 -9.72 -20.65
N LEU D 456 -13.39 -9.99 -19.91
CA LEU D 456 -13.50 -10.34 -18.49
C LEU D 456 -13.45 -9.08 -17.61
N GLU D 457 -14.42 -8.97 -16.71
CA GLU D 457 -14.46 -7.88 -15.75
C GLU D 457 -14.71 -8.40 -14.38
N ASN D 458 -14.16 -7.72 -13.38
CA ASN D 458 -14.37 -8.12 -12.01
C ASN D 458 -14.23 -6.94 -11.08
N ALA D 459 -15.03 -6.92 -10.02
CA ALA D 459 -15.03 -5.83 -9.05
C ALA D 459 -13.62 -5.46 -8.57
N ALA D 460 -12.73 -6.44 -8.46
CA ALA D 460 -11.37 -6.21 -7.95
C ALA D 460 -10.34 -5.67 -8.95
N ALA D 461 -10.63 -5.71 -10.25
CA ALA D 461 -9.64 -5.31 -11.27
C ALA D 461 -10.07 -4.02 -11.95
N PRO D 462 -9.17 -2.99 -11.99
CA PRO D 462 -9.54 -1.68 -12.54
C PRO D 462 -9.77 -1.69 -14.03
N PHE D 463 -10.64 -0.80 -14.47
CA PHE D 463 -11.04 -0.69 -15.84
C PHE D 463 -11.05 0.73 -16.25
N GLY D 464 -10.50 1.06 -17.39
CA GLY D 464 -10.47 2.43 -17.86
C GLY D 464 -9.69 2.58 -19.11
N GLY D 465 -9.73 3.74 -19.72
CA GLY D 465 -9.02 3.96 -20.94
C GLY D 465 -7.80 4.81 -20.97
N TYR D 466 -6.98 4.56 -21.94
CA TYR D 466 -5.78 5.28 -22.23
C TYR D 466 -6.26 6.23 -23.28
N LYS D 467 -5.48 7.23 -23.60
CA LYS D 467 -5.84 8.22 -24.61
C LYS D 467 -7.32 8.78 -24.54
N GLN D 468 -8.04 8.83 -25.66
CA GLN D 468 -9.39 9.36 -25.68
C GLN D 468 -10.47 8.36 -25.30
N SER D 469 -10.11 7.14 -24.93
CA SER D 469 -11.10 6.25 -24.27
C SER D 469 -11.45 6.66 -22.82
N GLY D 470 -10.67 7.55 -22.19
CA GLY D 470 -11.04 8.01 -20.85
C GLY D 470 -10.02 8.72 -20.00
N ILE D 471 -10.52 9.14 -18.82
CA ILE D 471 -9.72 9.66 -17.72
C ILE D 471 -10.13 8.88 -16.49
N GLY D 472 -9.18 8.25 -15.84
CA GLY D 472 -9.44 7.49 -14.65
C GLY D 472 -9.85 6.05 -14.78
N ARG D 473 -9.92 5.40 -13.64
CA ARG D 473 -10.29 4.02 -13.60
C ARG D 473 -11.47 3.77 -12.72
N GLU D 474 -12.16 2.68 -12.97
CA GLU D 474 -13.28 2.27 -12.17
C GLU D 474 -12.99 0.88 -11.84
N LEU D 475 -13.43 0.45 -10.69
CA LEU D 475 -13.24 -0.85 -10.14
C LEU D 475 -11.89 -0.96 -9.43
N GLY D 476 -11.74 -1.96 -8.60
CA GLY D 476 -10.56 -2.14 -7.83
C GLY D 476 -10.49 -1.09 -6.77
N SER D 477 -9.36 -0.97 -6.16
CA SER D 477 -9.11 0.00 -5.18
C SER D 477 -8.98 1.36 -5.81
N TYR D 478 -8.61 1.35 -7.06
CA TYR D 478 -8.33 2.51 -7.85
C TYR D 478 -9.49 3.43 -7.98
N ALA D 479 -10.67 2.89 -7.91
CA ALA D 479 -11.90 3.66 -8.05
C ALA D 479 -12.18 4.52 -6.83
N LEU D 480 -11.71 4.06 -5.67
CA LEU D 480 -11.85 4.86 -4.43
C LEU D 480 -11.20 6.27 -4.48
N ASP D 481 -10.09 6.40 -5.21
CA ASP D 481 -9.33 7.66 -5.28
C ASP D 481 -10.11 8.74 -5.99
N ASN D 482 -11.00 8.39 -6.87
CA ASN D 482 -11.84 9.35 -7.54
C ASN D 482 -12.86 10.05 -6.68
N TYR D 483 -13.19 9.50 -5.54
CA TYR D 483 -14.19 10.07 -4.67
C TYR D 483 -13.63 10.55 -3.39
N THR D 484 -12.35 10.78 -3.41
CA THR D 484 -11.65 11.13 -2.26
C THR D 484 -10.96 12.45 -2.42
N GLU D 485 -10.64 13.06 -1.31
CA GLU D 485 -9.91 14.32 -1.31
C GLU D 485 -8.86 14.11 -0.24
N VAL D 486 -7.61 14.30 -0.59
CA VAL D 486 -6.54 13.94 0.30
C VAL D 486 -6.21 15.14 1.16
N LYS D 487 -6.14 14.91 2.47
CA LYS D 487 -5.79 15.98 3.42
C LYS D 487 -4.55 15.59 4.19
N SER D 488 -3.53 16.42 4.07
CA SER D 488 -2.27 16.29 4.77
C SER D 488 -2.29 17.16 6.01
N VAL D 489 -2.27 16.53 7.19
CA VAL D 489 -2.20 17.23 8.48
C VAL D 489 -0.76 17.22 8.98
N TRP D 490 -0.32 18.31 9.50
CA TRP D 490 0.95 18.40 10.12
C TRP D 490 0.71 18.82 11.56
N VAL D 491 1.13 18.03 12.51
CA VAL D 491 0.98 18.44 13.86
C VAL D 491 2.33 18.74 14.43
N ASN D 492 2.56 19.98 14.78
CA ASN D 492 3.76 20.40 15.44
C ASN D 492 3.79 19.83 16.88
N ILE D 493 4.81 19.04 17.16
CA ILE D 493 5.09 18.46 18.46
C ILE D 493 6.47 18.94 18.98
N LYS D 494 6.71 20.24 18.82
CA LYS D 494 7.88 21.04 19.32
C LYS D 494 9.00 20.99 18.30
PA NAD E . -0.66 32.87 -15.10
O1A NAD E . -1.65 31.75 -14.84
O2A NAD E . -0.89 33.75 -16.30
O5B NAD E . 0.88 32.38 -15.17
C5B NAD E . 1.36 31.08 -14.80
C4B NAD E . 2.02 30.35 -15.98
O4B NAD E . 1.03 30.04 -16.97
C3B NAD E . 3.12 31.14 -16.69
O3B NAD E . 4.19 30.25 -17.06
C2B NAD E . 2.48 31.65 -17.96
O2B NAD E . 3.44 31.94 -19.00
C1B NAD E . 1.47 30.51 -18.23
N9A NAD E . 0.32 30.92 -19.08
C8A NAD E . -0.30 32.12 -19.13
N7A NAD E . -1.28 32.12 -20.07
C5A NAD E . -1.31 30.91 -20.62
C6A NAD E . -2.10 30.26 -21.66
N6A NAD E . -3.07 30.93 -22.29
N1A NAD E . -1.83 28.99 -21.96
C2A NAD E . -0.84 28.32 -21.32
N3A NAD E . -0.09 28.87 -20.37
C4A NAD E . -0.27 30.12 -19.98
O3 NAD E . -0.61 33.71 -13.74
PN NAD E . -0.18 35.28 -13.70
O1N NAD E . -0.48 36.06 -14.96
O2N NAD E . 1.25 35.26 -13.24
O5D NAD E . -1.30 35.81 -12.69
C5D NAD E . -1.00 36.37 -11.42
C4D NAD E . -1.97 35.80 -10.40
O4D NAD E . -2.19 34.38 -10.57
C3D NAD E . -1.47 35.98 -8.99
O3D NAD E . -1.86 37.28 -8.57
C2D NAD E . -2.05 34.80 -8.23
O2D NAD E . -3.33 35.09 -7.62
C1D NAD E . -2.14 33.69 -9.30
N1N NAD E . -0.94 32.82 -9.25
C2N NAD E . -1.04 31.61 -8.61
C3N NAD E . 0.11 30.80 -8.53
C7N NAD E . 0.10 29.46 -7.86
O7N NAD E . 1.03 29.13 -7.12
N7N NAD E . -0.95 28.65 -8.08
C4N NAD E . 1.31 31.25 -9.06
C5N NAD E . 1.37 32.49 -9.71
C6N NAD E . 0.23 33.24 -9.79
NA NA F . 12.67 38.39 -13.84
PA NAD G . 26.92 -21.77 10.11
O1A NAD G . 25.49 -22.21 10.08
O2A NAD G . 27.76 -22.21 11.28
O5B NAD G . 26.70 -20.18 10.04
C5B NAD G . 27.67 -19.24 9.66
C4B NAD G . 27.52 -18.00 10.52
O4B NAD G . 26.88 -18.29 11.78
C3B NAD G . 28.88 -17.43 10.88
O3B NAD G . 28.80 -16.01 11.12
C2B NAD G . 29.14 -18.27 12.12
O2B NAD G . 30.20 -17.74 12.88
C1B NAD G . 27.81 -18.18 12.82
N9A NAD G . 27.60 -19.18 13.89
C8A NAD G . 28.04 -20.48 13.97
N7A NAD G . 27.65 -21.04 15.14
C5A NAD G . 26.96 -20.11 15.83
C6A NAD G . 26.27 -20.04 17.13
N6A NAD G . 26.28 -21.14 17.92
N1A NAD G . 25.68 -18.87 17.49
C2A NAD G . 25.69 -17.78 16.69
N3A NAD G . 26.31 -17.77 15.48
C4A NAD G . 26.93 -18.88 15.01
O3 NAD G . 27.66 -22.11 8.71
PN NAD G . 28.83 -23.25 8.54
O1N NAD G . 28.78 -24.31 9.63
O2N NAD G . 30.14 -22.57 8.24
O5D NAD G . 28.25 -23.90 7.15
C5D NAD G . 27.69 -25.22 7.08
C4D NAD G . 26.48 -25.29 6.14
O4D NAD G . 25.60 -24.18 6.27
C3D NAD G . 26.77 -25.32 4.66
O3D NAD G . 27.09 -26.65 4.24
C2D NAD G . 25.46 -24.87 4.03
O2D NAD G . 24.64 -26.02 3.76
C1D NAD G . 24.84 -23.96 5.07
N1N NAD G . 24.98 -22.55 4.71
C2N NAD G . 23.91 -21.85 4.29
C3N NAD G . 24.05 -20.48 3.97
C7N NAD G . 22.91 -19.64 3.45
O7N NAD G . 23.12 -18.71 2.67
N7N NAD G . 21.66 -19.90 3.82
C4N NAD G . 25.32 -19.90 4.07
C5N NAD G . 26.41 -20.65 4.51
C6N NAD G . 26.21 -21.98 4.82
NA NA H . 39.25 -16.51 4.39
PA NAD I . -1.63 -21.04 29.41
O1A NAD I . -0.70 -20.17 28.61
O2A NAD I . -1.13 -22.26 30.13
O5B NAD I . -2.91 -21.48 28.58
C5B NAD I . -3.53 -20.76 27.49
C4B NAD I . -3.87 -21.80 26.39
O4B NAD I . -2.66 -22.50 26.08
C3B NAD I . -4.90 -22.85 26.80
O3B NAD I . -5.71 -23.26 25.67
C2B NAD I . -4.05 -24.01 27.26
O2B NAD I . -4.68 -25.28 27.10
C1B NAD I . -2.87 -23.88 26.31
N9A NAD I . -1.63 -24.59 26.73
C8A NAD I . -1.17 -24.77 28.00
N7A NAD I . -0.01 -25.52 27.98
C5A NAD I . 0.23 -25.82 26.67
C6A NAD I . 1.26 -26.57 25.91
N6A NAD I . 2.22 -27.13 26.61
N1A NAD I . 1.20 -26.66 24.56
C2A NAD I . 0.19 -26.10 23.87
N3A NAD I . -0.80 -25.44 24.49
C4A NAD I . -0.82 -25.23 25.86
O3 NAD I . -2.45 -20.02 30.35
PN NAD I . -3.03 -20.28 31.87
O1N NAD I . -4.50 -20.57 31.88
O2N NAD I . -2.10 -21.20 32.61
O5D NAD I . -2.77 -18.74 32.37
C5D NAD I . -1.72 -18.39 33.29
C4D NAD I . -1.35 -16.91 33.14
O4D NAD I . -1.08 -16.65 31.74
C3D NAD I . -2.46 -15.93 33.52
O3D NAD I . -2.62 -15.63 34.92
C2D NAD I . -2.09 -14.73 32.65
O2D NAD I . -1.13 -13.90 33.30
C1D NAD I . -1.54 -15.36 31.36
N1N NAD I . -2.64 -15.32 30.37
C2N NAD I . -2.53 -14.49 29.32
C3N NAD I . -3.54 -14.32 28.37
C7N NAD I . -3.35 -13.41 27.19
O7N NAD I . -4.33 -12.77 26.79
N7N NAD I . -2.13 -13.32 26.61
C4N NAD I . -4.71 -15.03 28.51
C5N NAD I . -4.83 -15.90 29.59
C6N NAD I . -3.79 -16.03 30.52
PA NAD J . -24.78 9.80 -24.65
O1A NAD J . -24.93 11.27 -24.66
O2A NAD J . -23.41 9.22 -24.61
O5B NAD J . -25.63 9.20 -23.42
C5B NAD J . -25.07 8.59 -22.24
C4B NAD J . -25.62 9.25 -20.99
O4B NAD J . -25.31 10.65 -20.95
C3B NAD J . -27.14 9.14 -20.90
O3B NAD J . -27.55 8.90 -19.54
C2B NAD J . -27.61 10.49 -21.41
O2B NAD J . -28.90 10.78 -20.91
C1B NAD J . -26.51 11.43 -20.90
N9A NAD J . -26.33 12.69 -21.65
C8A NAD J . -26.49 12.94 -22.98
N7A NAD J . -26.26 14.24 -23.30
C5A NAD J . -25.95 14.85 -22.15
C6A NAD J . -25.57 16.21 -21.72
N6A NAD J . -25.49 17.21 -22.61
N1A NAD J . -25.33 16.43 -20.42
C2A NAD J . -25.40 15.45 -19.51
N3A NAD J . -25.72 14.21 -19.82
C4A NAD J . -26.00 13.83 -21.08
O3 NAD J . -25.62 9.45 -25.98
PN NAD J . -25.75 7.98 -26.62
O1N NAD J . -27.09 7.90 -27.27
O2N NAD J . -25.25 6.94 -25.62
O5D NAD J . -24.69 7.90 -27.81
C5D NAD J . -24.44 6.65 -28.46
C4D NAD J . -22.93 6.33 -28.62
O4D NAD J . -22.12 6.64 -27.47
C3D NAD J . -22.73 4.84 -28.89
O3D NAD J . -22.95 4.58 -30.27
C2D NAD J . -21.33 4.57 -28.32
O2D NAD J . -20.29 4.68 -29.31
C1D NAD J . -21.18 5.60 -27.17
N1N NAD J . -21.50 4.95 -25.90
C2N NAD J . -20.52 4.54 -25.10
C3N NAD J . -20.82 3.89 -23.90
C7N NAD J . -19.74 3.46 -22.99
O7N NAD J . -19.81 2.34 -22.48
N7N NAD J . -18.73 4.30 -22.77
C4N NAD J . -22.14 3.64 -23.53
C5N NAD J . -23.16 4.07 -24.38
C6N NAD J . -22.80 4.72 -25.56
NA NA K . -36.08 0.75 -23.09
#